data_1Y27
# 
_entry.id   1Y27 
# 
_audit_conform.dict_name       mmcif_pdbx.dic 
_audit_conform.dict_version    5.376 
_audit_conform.dict_location   http://mmcif.pdb.org/dictionaries/ascii/mmcif_pdbx.dic 
# 
loop_
_database_2.database_id 
_database_2.database_code 
_database_2.pdbx_database_accession 
_database_2.pdbx_DOI 
PDB   1Y27         pdb_00001y27 10.2210/pdb1y27/pdb 
NDB   UR0052       ?            ?                   
RCSB  RCSB031022   ?            ?                   
WWPDB D_1000031022 ?            ?                   
# 
_pdbx_database_related.db_name        PDB 
_pdbx_database_related.db_id          1Y26 
_pdbx_database_related.details        'A-riboswitch-adenine complex' 
_pdbx_database_related.content_type   unspecified 
# 
_pdbx_database_status.status_code                     REL 
_pdbx_database_status.entry_id                        1Y27 
_pdbx_database_status.recvd_initial_deposition_date   2004-11-20 
_pdbx_database_status.deposit_site                    RCSB 
_pdbx_database_status.process_site                    RCSB 
_pdbx_database_status.status_code_sf                  REL 
_pdbx_database_status.status_code_mr                  ? 
_pdbx_database_status.SG_entry                        N 
_pdbx_database_status.pdb_format_compatible           Y 
_pdbx_database_status.status_code_cs                  ? 
_pdbx_database_status.methods_development_category    ? 
_pdbx_database_status.status_code_nmr_data            ? 
# 
loop_
_audit_author.name 
_audit_author.pdbx_ordinal 
'Serganov, A.' 1 
'Yuan, Y.R.'   2 
'Patel, D.J.'  3 
# 
_citation.id                        primary 
_citation.title                     
'Structural Basis for Discriminative Regulation of Gene Expression by Adenine- and Guanine-Sensing mRNAs' 
_citation.journal_abbrev            Chem.Biol. 
_citation.journal_volume            11 
_citation.page_first                1729 
_citation.page_last                 1741 
_citation.year                      2004 
_citation.journal_id_ASTM           CBOLE2 
_citation.country                   UK 
_citation.journal_id_ISSN           1074-5521 
_citation.journal_id_CSD            2050 
_citation.book_publisher            ? 
_citation.pdbx_database_id_PubMed   15610857 
_citation.pdbx_database_id_DOI      10.1016/j.chembiol.2004.11.018 
# 
loop_
_citation_author.citation_id 
_citation_author.name 
_citation_author.ordinal 
_citation_author.identifier_ORCID 
primary 'Serganov, A.'   1  ? 
primary 'Yuan, Y.R.'     2  ? 
primary 'Pikovskaya, O.' 3  ? 
primary 'Polonskaia, A.' 4  ? 
primary 'Malinina, L.'   5  ? 
primary 'Phan, A.T.'     6  ? 
primary 'Hobartner, C.'  7  ? 
primary 'Micura, R.'     8  ? 
primary 'Breaker, R.R.'  9  ? 
primary 'Patel, D.J.'    10 ? 
# 
_cell.entry_id           1Y27 
_cell.length_a           41.632 
_cell.length_b           50.878 
_cell.length_c           217.439 
_cell.angle_alpha        90.00 
_cell.angle_beta         90.00 
_cell.angle_gamma        90.00 
_cell.Z_PDB              8 
_cell.pdbx_unique_axis   ? 
# 
_symmetry.entry_id                         1Y27 
_symmetry.space_group_name_H-M             'C 2 2 21' 
_symmetry.pdbx_full_space_group_name_H-M   ? 
_symmetry.cell_setting                     ? 
_symmetry.Int_Tables_number                20 
# 
loop_
_entity.id 
_entity.type 
_entity.src_method 
_entity.pdbx_description 
_entity.formula_weight 
_entity.pdbx_number_of_molecules 
_entity.pdbx_ec 
_entity.pdbx_mutation 
_entity.pdbx_fragment 
_entity.details 
1 polymer     man 'Bacillus subtilis xpt' 21994.916 1  ? ? 'sequence database residues 185-252' ? 
2 non-polymer syn GUANINE                 151.126   1  ? ? ?                                    ? 
3 water       nat water                   18.015    18 ? ? ?                                    ? 
# 
_entity_poly.entity_id                      1 
_entity_poly.type                           polyribonucleotide 
_entity_poly.nstd_linkage                   no 
_entity_poly.nstd_monomer                   yes 
_entity_poly.pdbx_seq_one_letter_code       '(GDP)GAUCAUAUAAUCGCGUGGAUAUGGCACGCAAGUUUCUACCGGGCACCGUAAAUGUCCGACUAUGGU(CCC)' 
_entity_poly.pdbx_seq_one_letter_code_can   GGAUCAUAUAAUCGCGUGGAUAUGGCACGCAAGUUUCUACCGGGCACCGUAAAUGUCCGACUAUGGUC 
_entity_poly.pdbx_strand_id                 X 
_entity_poly.pdbx_target_identifier         ? 
# 
loop_
_entity_poly_seq.entity_id 
_entity_poly_seq.num 
_entity_poly_seq.mon_id 
_entity_poly_seq.hetero 
1 1  GDP n 
1 2  G   n 
1 3  A   n 
1 4  U   n 
1 5  C   n 
1 6  A   n 
1 7  U   n 
1 8  A   n 
1 9  U   n 
1 10 A   n 
1 11 A   n 
1 12 U   n 
1 13 C   n 
1 14 G   n 
1 15 C   n 
1 16 G   n 
1 17 U   n 
1 18 G   n 
1 19 G   n 
1 20 A   n 
1 21 U   n 
1 22 A   n 
1 23 U   n 
1 24 G   n 
1 25 G   n 
1 26 C   n 
1 27 A   n 
1 28 C   n 
1 29 G   n 
1 30 C   n 
1 31 A   n 
1 32 A   n 
1 33 G   n 
1 34 U   n 
1 35 U   n 
1 36 U   n 
1 37 C   n 
1 38 U   n 
1 39 A   n 
1 40 C   n 
1 41 C   n 
1 42 G   n 
1 43 G   n 
1 44 G   n 
1 45 C   n 
1 46 A   n 
1 47 C   n 
1 48 C   n 
1 49 G   n 
1 50 U   n 
1 51 A   n 
1 52 A   n 
1 53 A   n 
1 54 U   n 
1 55 G   n 
1 56 U   n 
1 57 C   n 
1 58 C   n 
1 59 G   n 
1 60 A   n 
1 61 C   n 
1 62 U   n 
1 63 A   n 
1 64 U   n 
1 65 G   n 
1 66 G   n 
1 67 U   n 
1 68 CCC n 
# 
_entity_src_gen.entity_id                          1 
_entity_src_gen.pdbx_src_id                        1 
_entity_src_gen.pdbx_alt_source_flag               sample 
_entity_src_gen.pdbx_seq_type                      'Biological sequence' 
_entity_src_gen.pdbx_beg_seq_num                   1 
_entity_src_gen.pdbx_end_seq_num                   68 
_entity_src_gen.gene_src_common_name               ? 
_entity_src_gen.gene_src_genus                     Bacillus 
_entity_src_gen.pdbx_gene_src_gene                 XPT 
_entity_src_gen.gene_src_species                   ? 
_entity_src_gen.gene_src_strain                    ? 
_entity_src_gen.gene_src_tissue                    ? 
_entity_src_gen.gene_src_tissue_fraction           ? 
_entity_src_gen.gene_src_details                   ? 
_entity_src_gen.pdbx_gene_src_fragment             ? 
_entity_src_gen.pdbx_gene_src_scientific_name      'Bacillus subtilis' 
_entity_src_gen.pdbx_gene_src_ncbi_taxonomy_id     1423 
_entity_src_gen.pdbx_gene_src_variant              ? 
_entity_src_gen.pdbx_gene_src_cell_line            ? 
_entity_src_gen.pdbx_gene_src_atcc                 ? 
_entity_src_gen.pdbx_gene_src_organ                ? 
_entity_src_gen.pdbx_gene_src_organelle            ? 
_entity_src_gen.pdbx_gene_src_cell                 ? 
_entity_src_gen.pdbx_gene_src_cellular_location    ? 
_entity_src_gen.host_org_common_name               ? 
_entity_src_gen.pdbx_host_org_scientific_name      'Escherichia coli' 
_entity_src_gen.pdbx_host_org_ncbi_taxonomy_id     562 
_entity_src_gen.host_org_genus                     Escherichia 
_entity_src_gen.pdbx_host_org_gene                 ? 
_entity_src_gen.pdbx_host_org_organ                ? 
_entity_src_gen.host_org_species                   ? 
_entity_src_gen.pdbx_host_org_tissue               ? 
_entity_src_gen.pdbx_host_org_tissue_fraction      ? 
_entity_src_gen.pdbx_host_org_strain               ? 
_entity_src_gen.pdbx_host_org_variant              ? 
_entity_src_gen.pdbx_host_org_cell_line            ? 
_entity_src_gen.pdbx_host_org_atcc                 ? 
_entity_src_gen.pdbx_host_org_culture_collection   ? 
_entity_src_gen.pdbx_host_org_cell                 ? 
_entity_src_gen.pdbx_host_org_organelle            ? 
_entity_src_gen.pdbx_host_org_cellular_location    ? 
_entity_src_gen.pdbx_host_org_vector_type          ? 
_entity_src_gen.pdbx_host_org_vector               ? 
_entity_src_gen.host_org_details                   ? 
_entity_src_gen.expression_system_id               ? 
_entity_src_gen.plasmid_name                       ? 
_entity_src_gen.plasmid_details                    ? 
_entity_src_gen.pdbx_description                   'in vitro transcription' 
# 
_struct_ref.id                         1 
_struct_ref.db_name                    PDB 
_struct_ref.db_code                    1Y27 
_struct_ref.pdbx_db_accession          1Y27 
_struct_ref.pdbx_db_isoform            ? 
_struct_ref.entity_id                  1 
_struct_ref.pdbx_seq_one_letter_code   ? 
_struct_ref.pdbx_align_begin           1 
# 
_struct_ref_seq.align_id                      1 
_struct_ref_seq.ref_id                        1 
_struct_ref_seq.pdbx_PDB_id_code              1Y27 
_struct_ref_seq.pdbx_strand_id                X 
_struct_ref_seq.seq_align_beg                 1 
_struct_ref_seq.pdbx_seq_align_beg_ins_code   ? 
_struct_ref_seq.seq_align_end                 68 
_struct_ref_seq.pdbx_seq_align_end_ins_code   ? 
_struct_ref_seq.pdbx_db_accession             1Y27 
_struct_ref_seq.db_align_beg                  14 
_struct_ref_seq.pdbx_db_align_beg_ins_code    ? 
_struct_ref_seq.db_align_end                  81 
_struct_ref_seq.pdbx_db_align_end_ins_code    ? 
_struct_ref_seq.pdbx_auth_seq_align_beg       14 
_struct_ref_seq.pdbx_auth_seq_align_end       81 
# 
loop_
_chem_comp.id 
_chem_comp.type 
_chem_comp.mon_nstd_flag 
_chem_comp.name 
_chem_comp.pdbx_synonyms 
_chem_comp.formula 
_chem_comp.formula_weight 
A   'RNA linking' y "ADENOSINE-5'-MONOPHOSPHATE"                   ? 'C10 H14 N5 O7 P'   347.221 
C   'RNA linking' y "CYTIDINE-5'-MONOPHOSPHATE"                    ? 'C9 H14 N3 O8 P'    323.197 
CCC 'RNA linking' n 
;CYTIDINE-5'-PHOSPHATE-2',3'-CYCLIC PHOSPHATE
;
? 'C9 H13 N3 O10 P2'  385.161 
G   'RNA linking' y "GUANOSINE-5'-MONOPHOSPHATE"                   ? 'C10 H14 N5 O8 P'   363.221 
GDP 'RNA linking' n "GUANOSINE-5'-DIPHOSPHATE"                     ? 'C10 H15 N5 O11 P2' 443.201 
GUN non-polymer   . GUANINE                                        ? 'C5 H5 N5 O'        151.126 
HOH non-polymer   . WATER                                          ? 'H2 O'              18.015  
U   'RNA linking' y "URIDINE-5'-MONOPHOSPHATE"                     ? 'C9 H13 N2 O9 P'    324.181 
# 
_exptl.entry_id          1Y27 
_exptl.method            'X-RAY DIFFRACTION' 
_exptl.crystals_number   1 
# 
_exptl_crystal.id                    1 
_exptl_crystal.density_meas          ? 
_exptl_crystal.density_Matthews      2.7 
_exptl_crystal.density_percent_sol   54 
_exptl_crystal.description           ? 
_exptl_crystal.F_000                 ? 
_exptl_crystal.preparation           ? 
# 
_exptl_crystal_grow.crystal_id      1 
_exptl_crystal_grow.method          'VAPOR DIFFUSION, HANGING DROP' 
_exptl_crystal_grow.temp            277 
_exptl_crystal_grow.temp_details    ? 
_exptl_crystal_grow.pH              7 
_exptl_crystal_grow.pdbx_details    'Mg, PEG, pH 7, VAPOR DIFFUSION, HANGING DROP, temperature 277K' 
_exptl_crystal_grow.pdbx_pH_range   . 
# 
loop_
_exptl_crystal_grow_comp.crystal_id 
_exptl_crystal_grow_comp.id 
_exptl_crystal_grow_comp.sol_id 
_exptl_crystal_grow_comp.name 
_exptl_crystal_grow_comp.volume 
_exptl_crystal_grow_comp.conc 
_exptl_crystal_grow_comp.details 
1 1 1 'MgCl2, PEG' ? ? ? 
1 2 2 'MgCl2, PEG' ? ? ? 
# 
_diffrn.id                     1 
_diffrn.ambient_temp           100 
_diffrn.ambient_temp_details   ? 
_diffrn.crystal_id             1 
# 
_diffrn_detector.diffrn_id              1 
_diffrn_detector.detector               CCD 
_diffrn_detector.type                   MARRESEARCH 
_diffrn_detector.pdbx_collection_date   2004-10-06 
_diffrn_detector.details                ? 
# 
_diffrn_radiation.diffrn_id                        1 
_diffrn_radiation.wavelength_id                    1 
_diffrn_radiation.pdbx_monochromatic_or_laue_m_l   M 
_diffrn_radiation.monochromator                    ? 
_diffrn_radiation.pdbx_diffrn_protocol             'SINGLE WAVELENGTH' 
_diffrn_radiation.pdbx_scattering_type             x-ray 
# 
_diffrn_radiation_wavelength.id           1 
_diffrn_radiation_wavelength.wavelength   1.14 
_diffrn_radiation_wavelength.wt           1.0 
# 
_diffrn_source.diffrn_id                   1 
_diffrn_source.source                      SYNCHROTRON 
_diffrn_source.type                        'NSLS BEAMLINE X25' 
_diffrn_source.pdbx_synchrotron_site       NSLS 
_diffrn_source.pdbx_synchrotron_beamline   X25 
_diffrn_source.pdbx_wavelength             ? 
_diffrn_source.pdbx_wavelength_list        1.14 
# 
_reflns.pdbx_diffrn_id               1 
_reflns.pdbx_ordinal                 1 
_reflns.entry_id                     1Y27 
_reflns.observed_criterion_sigma_I   1.000 
_reflns.observed_criterion_sigma_F   ? 
_reflns.d_resolution_low             20.000 
_reflns.d_resolution_high            2.400 
_reflns.number_obs                   9278 
_reflns.number_all                   ? 
_reflns.percent_possible_obs         1.0 
_reflns.pdbx_Rmerge_I_obs            0.09200 
_reflns.pdbx_Rsym_value              ? 
_reflns.pdbx_netI_over_sigmaI        ? 
_reflns.B_iso_Wilson_estimate        ? 
_reflns.pdbx_redundancy              7.700 
# 
_reflns_shell.pdbx_diffrn_id         1 
_reflns_shell.pdbx_ordinal           1 
_reflns_shell.d_res_high             2.40 
_reflns_shell.d_res_low              2.49 
_reflns_shell.percent_possible_all   1.0 
_reflns_shell.Rmerge_I_obs           0.45600 
_reflns_shell.pdbx_Rsym_value        ? 
_reflns_shell.meanI_over_sigI_obs    ? 
_reflns_shell.pdbx_redundancy        8.00 
# 
_refine.pdbx_refine_id                           'X-RAY DIFFRACTION' 
_refine.entry_id                                 1Y27 
_refine.pdbx_diffrn_id                           1 
_refine.pdbx_TLS_residual_ADP_flag               'LIKELY RESIDUAL' 
_refine.ls_number_reflns_obs                     8791 
_refine.ls_number_reflns_all                     ? 
_refine.pdbx_ls_sigma_I                          ? 
_refine.pdbx_ls_sigma_F                          1.000 
_refine.pdbx_data_cutoff_high_absF               ? 
_refine.pdbx_data_cutoff_low_absF                ? 
_refine.pdbx_data_cutoff_high_rms_absF           ? 
_refine.ls_d_res_low                             20.00 
_refine.ls_d_res_high                            2.40 
_refine.ls_percent_reflns_obs                    97.6 
_refine.ls_R_factor_obs                          0.233 
_refine.ls_R_factor_all                          ? 
_refine.ls_R_factor_R_work                       0.232 
_refine.ls_R_factor_R_free                       0.264 
_refine.ls_R_factor_R_free_error                 ? 
_refine.ls_R_factor_R_free_error_details         ? 
_refine.ls_percent_reflns_R_free                 4.900 
_refine.ls_number_reflns_R_free                  450 
_refine.ls_number_parameters                     ? 
_refine.ls_number_restraints                     ? 
_refine.occupancy_min                            ? 
_refine.occupancy_max                            ? 
_refine.correlation_coeff_Fo_to_Fc               0.940 
_refine.correlation_coeff_Fo_to_Fc_free          0.926 
_refine.B_iso_mean                               51.30 
_refine.aniso_B[1][1]                            0.80000 
_refine.aniso_B[2][2]                            3.75000 
_refine.aniso_B[3][3]                            -4.55000 
_refine.aniso_B[1][2]                            0.00000 
_refine.aniso_B[1][3]                            0.00000 
_refine.aniso_B[2][3]                            0.00000 
_refine.solvent_model_details                    'BABINET MODEL WITH MASK' 
_refine.solvent_model_param_ksol                 ? 
_refine.solvent_model_param_bsol                 ? 
_refine.pdbx_solvent_vdw_probe_radii             1.20 
_refine.pdbx_solvent_ion_probe_radii             0.80 
_refine.pdbx_solvent_shrinkage_radii             0.80 
_refine.pdbx_ls_cross_valid_method               THROUGHOUT 
_refine.details                                  
;HYDROGENS HAVE BEEN ADDED IN THE RIDING
  POSITIONS
;
_refine.pdbx_starting_model                      'PDB ENTRY 1Y26' 
_refine.pdbx_method_to_determine_struct          'MOLECULAR REPLACEMENT' 
_refine.pdbx_isotropic_thermal_model             ? 
_refine.pdbx_stereochemistry_target_values       'MAXIMUM LIKELIHOOD' 
_refine.pdbx_stereochem_target_val_spec_case     ? 
_refine.pdbx_R_Free_selection_details            RANDOM 
_refine.pdbx_overall_ESU_R                       0.411 
_refine.pdbx_overall_ESU_R_Free                  0.267 
_refine.overall_SU_ML                            0.240 
_refine.pdbx_overall_phase_error                 ? 
_refine.overall_SU_B                             22.385 
_refine.overall_SU_R_Cruickshank_DPI             ? 
_refine.pdbx_overall_SU_R_free_Cruickshank_DPI   ? 
_refine.pdbx_overall_SU_R_Blow_DPI               ? 
_refine.pdbx_overall_SU_R_free_Blow_DPI          ? 
# 
_refine_hist.pdbx_refine_id                   'X-RAY DIFFRACTION' 
_refine_hist.cycle_id                         LAST 
_refine_hist.pdbx_number_atoms_protein        0 
_refine_hist.pdbx_number_atoms_nucleic_acid   1456 
_refine_hist.pdbx_number_atoms_ligand         11 
_refine_hist.number_atoms_solvent             18 
_refine_hist.number_atoms_total               1485 
_refine_hist.d_res_high                       2.40 
_refine_hist.d_res_low                        20.00 
# 
loop_
_refine_ls_restr.type 
_refine_ls_restr.dev_ideal 
_refine_ls_restr.dev_ideal_target 
_refine_ls_restr.weight 
_refine_ls_restr.number 
_refine_ls_restr.pdbx_refine_id 
_refine_ls_restr.pdbx_restraint_function 
r_bond_refined_d             0.009 0.021 ? 1639 'X-RAY DIFFRACTION' ? 
r_bond_other_d               ?     ?     ? ?    'X-RAY DIFFRACTION' ? 
r_angle_refined_deg          2.477 3.000 ? 2561 'X-RAY DIFFRACTION' ? 
r_angle_other_deg            ?     ?     ? ?    'X-RAY DIFFRACTION' ? 
r_dihedral_angle_1_deg       ?     ?     ? ?    'X-RAY DIFFRACTION' ? 
r_dihedral_angle_2_deg       ?     ?     ? ?    'X-RAY DIFFRACTION' ? 
r_dihedral_angle_3_deg       ?     ?     ? ?    'X-RAY DIFFRACTION' ? 
r_dihedral_angle_4_deg       ?     ?     ? ?    'X-RAY DIFFRACTION' ? 
r_chiral_restr               0.063 0.200 ? 338  'X-RAY DIFFRACTION' ? 
r_gen_planes_refined         0.004 0.020 ? 714  'X-RAY DIFFRACTION' ? 
r_gen_planes_other           ?     ?     ? ?    'X-RAY DIFFRACTION' ? 
r_nbd_refined                0.192 0.200 ? 590  'X-RAY DIFFRACTION' ? 
r_nbd_other                  ?     ?     ? ?    'X-RAY DIFFRACTION' ? 
r_nbtor_refined              0.270 0.200 ? 996  'X-RAY DIFFRACTION' ? 
r_nbtor_other                ?     ?     ? ?    'X-RAY DIFFRACTION' ? 
r_xyhbond_nbd_refined        0.118 0.200 ? 59   'X-RAY DIFFRACTION' ? 
r_xyhbond_nbd_other          ?     ?     ? ?    'X-RAY DIFFRACTION' ? 
r_metal_ion_refined          ?     ?     ? ?    'X-RAY DIFFRACTION' ? 
r_metal_ion_other            ?     ?     ? ?    'X-RAY DIFFRACTION' ? 
r_symmetry_vdw_refined       0.176 0.200 ? 21   'X-RAY DIFFRACTION' ? 
r_symmetry_vdw_other         ?     ?     ? ?    'X-RAY DIFFRACTION' ? 
r_symmetry_hbond_refined     0.129 0.200 ? 3    'X-RAY DIFFRACTION' ? 
r_symmetry_hbond_other       ?     ?     ? ?    'X-RAY DIFFRACTION' ? 
r_symmetry_metal_ion_refined ?     ?     ? ?    'X-RAY DIFFRACTION' ? 
r_symmetry_metal_ion_other   ?     ?     ? ?    'X-RAY DIFFRACTION' ? 
r_mcbond_it                  ?     ?     ? ?    'X-RAY DIFFRACTION' ? 
r_mcbond_other               ?     ?     ? ?    'X-RAY DIFFRACTION' ? 
r_mcangle_it                 ?     ?     ? ?    'X-RAY DIFFRACTION' ? 
r_mcangle_other              ?     ?     ? ?    'X-RAY DIFFRACTION' ? 
r_scbond_it                  0.662 3.000 ? 2304 'X-RAY DIFFRACTION' ? 
r_scbond_other               ?     ?     ? ?    'X-RAY DIFFRACTION' ? 
r_scangle_it                 1.069 4.500 ? 2550 'X-RAY DIFFRACTION' ? 
r_scangle_other              ?     ?     ? ?    'X-RAY DIFFRACTION' ? 
r_long_range_B_refined       ?     ?     ? ?    'X-RAY DIFFRACTION' ? 
r_long_range_B_other         ?     ?     ? ?    'X-RAY DIFFRACTION' ? 
r_rigid_bond_restr           ?     ?     ? ?    'X-RAY DIFFRACTION' ? 
r_sphericity_free            ?     ?     ? ?    'X-RAY DIFFRACTION' ? 
r_sphericity_bonded          ?     ?     ? ?    'X-RAY DIFFRACTION' ? 
# 
_refine_ls_shell.pdbx_refine_id                   'X-RAY DIFFRACTION' 
_refine_ls_shell.pdbx_total_number_of_bins_used   20 
_refine_ls_shell.d_res_high                       2.40 
_refine_ls_shell.d_res_low                        2.46 
_refine_ls_shell.number_reflns_R_work             605 
_refine_ls_shell.R_factor_R_work                  0.3750 
_refine_ls_shell.percent_reflns_obs               95.91 
_refine_ls_shell.R_factor_R_free                  0.4650 
_refine_ls_shell.R_factor_R_free_error            ? 
_refine_ls_shell.percent_reflns_R_free            ? 
_refine_ls_shell.number_reflns_R_free             28 
_refine_ls_shell.number_reflns_all                ? 
_refine_ls_shell.R_factor_all                     ? 
# 
_struct.entry_id                  1Y27 
_struct.title                     'G-riboswitch-guanine complex' 
_struct.pdbx_model_details        ? 
_struct.pdbx_CASP_flag            ? 
_struct.pdbx_model_type_details   ? 
# 
_struct_keywords.entry_id        1Y27 
_struct_keywords.pdbx_keywords   RNA 
_struct_keywords.text            'G-riboswitch guanine recognition, RNA' 
# 
loop_
_struct_asym.id 
_struct_asym.pdbx_blank_PDB_chainid_flag 
_struct_asym.pdbx_modified 
_struct_asym.entity_id 
_struct_asym.details 
A N N 1 ? 
B N N 2 ? 
C N N 3 ? 
# 
loop_
_struct_conn.id 
_struct_conn.conn_type_id 
_struct_conn.pdbx_leaving_atom_flag 
_struct_conn.pdbx_PDB_id 
_struct_conn.ptnr1_label_asym_id 
_struct_conn.ptnr1_label_comp_id 
_struct_conn.ptnr1_label_seq_id 
_struct_conn.ptnr1_label_atom_id 
_struct_conn.pdbx_ptnr1_label_alt_id 
_struct_conn.pdbx_ptnr1_PDB_ins_code 
_struct_conn.pdbx_ptnr1_standard_comp_id 
_struct_conn.ptnr1_symmetry 
_struct_conn.ptnr2_label_asym_id 
_struct_conn.ptnr2_label_comp_id 
_struct_conn.ptnr2_label_seq_id 
_struct_conn.ptnr2_label_atom_id 
_struct_conn.pdbx_ptnr2_label_alt_id 
_struct_conn.pdbx_ptnr2_PDB_ins_code 
_struct_conn.ptnr1_auth_asym_id 
_struct_conn.ptnr1_auth_comp_id 
_struct_conn.ptnr1_auth_seq_id 
_struct_conn.ptnr2_auth_asym_id 
_struct_conn.ptnr2_auth_comp_id 
_struct_conn.ptnr2_auth_seq_id 
_struct_conn.ptnr2_symmetry 
_struct_conn.pdbx_ptnr3_label_atom_id 
_struct_conn.pdbx_ptnr3_label_seq_id 
_struct_conn.pdbx_ptnr3_label_comp_id 
_struct_conn.pdbx_ptnr3_label_asym_id 
_struct_conn.pdbx_ptnr3_label_alt_id 
_struct_conn.pdbx_ptnr3_PDB_ins_code 
_struct_conn.details 
_struct_conn.pdbx_dist_value 
_struct_conn.pdbx_value_order 
_struct_conn.pdbx_role 
covale1  covale both ? A GDP 1  "O3'" ? ? ? 1_555 A G   2  P  ? ? X GDP 14 X G   15 1_555 ? ? ? ? ? ? ?                    1.590 ? 
? 
covale2  covale both ? A U   67 "O3'" ? ? ? 1_555 A CCC 68 P  ? ? X U   80 X CCC 81 1_555 ? ? ? ? ? ? ?                    1.592 ? 
? 
hydrog1  hydrog ?    ? A G   2  N1    ? ? ? 1_555 A CCC 68 N3 ? ? X G   15 X CCC 81 1_555 ? ? ? ? ? ? WATSON-CRICK         ?     ? 
? 
hydrog2  hydrog ?    ? A G   2  N2    ? ? ? 1_555 A CCC 68 O2 ? ? X G   15 X CCC 81 1_555 ? ? ? ? ? ? WATSON-CRICK         ?     ? 
? 
hydrog3  hydrog ?    ? A G   2  O6    ? ? ? 1_555 A CCC 68 N4 ? ? X G   15 X CCC 81 1_555 ? ? ? ? ? ? WATSON-CRICK         ?     ? 
? 
hydrog4  hydrog ?    ? A A   3  N1    ? ? ? 1_555 A U   67 N3 ? ? X A   16 X U   80 1_555 ? ? ? ? ? ? WATSON-CRICK         ?     ? 
? 
hydrog5  hydrog ?    ? A A   3  N6    ? ? ? 1_555 A U   67 O4 ? ? X A   16 X U   80 1_555 ? ? ? ? ? ? WATSON-CRICK         ?     ? 
? 
hydrog6  hydrog ?    ? A U   4  N3    ? ? ? 1_555 A G   66 O6 ? ? X U   17 X G   79 1_555 ? ? ? ? ? ? TYPE_28_PAIR         ?     ? 
? 
hydrog7  hydrog ?    ? A U   4  O2    ? ? ? 1_555 A G   66 N1 ? ? X U   17 X G   79 1_555 ? ? ? ? ? ? TYPE_28_PAIR         ?     ? 
? 
hydrog8  hydrog ?    ? A C   5  N3    ? ? ? 1_555 A G   65 N1 ? ? X C   18 X G   78 1_555 ? ? ? ? ? ? WATSON-CRICK         ?     ? 
? 
hydrog9  hydrog ?    ? A C   5  N4    ? ? ? 1_555 A G   65 O6 ? ? X C   18 X G   78 1_555 ? ? ? ? ? ? WATSON-CRICK         ?     ? 
? 
hydrog10 hydrog ?    ? A C   5  O2    ? ? ? 1_555 A G   65 N2 ? ? X C   18 X G   78 1_555 ? ? ? ? ? ? WATSON-CRICK         ?     ? 
? 
hydrog11 hydrog ?    ? A A   6  N1    ? ? ? 1_555 A U   64 N3 ? ? X A   19 X U   77 1_555 ? ? ? ? ? ? WATSON-CRICK         ?     ? 
? 
hydrog12 hydrog ?    ? A A   6  N6    ? ? ? 1_555 A U   64 O4 ? ? X A   19 X U   77 1_555 ? ? ? ? ? ? WATSON-CRICK         ?     ? 
? 
hydrog13 hydrog ?    ? A U   7  N3    ? ? ? 1_555 A A   63 N1 ? ? X U   20 X A   76 1_555 ? ? ? ? ? ? WATSON-CRICK         ?     ? 
? 
hydrog14 hydrog ?    ? A U   7  O4    ? ? ? 1_555 A A   63 N6 ? ? X U   20 X A   76 1_555 ? ? ? ? ? ? WATSON-CRICK         ?     ? 
? 
hydrog15 hydrog ?    ? A A   8  N1    ? ? ? 1_555 A U   62 N3 ? ? X A   21 X U   75 1_555 ? ? ? ? ? ? WATSON-CRICK         ?     ? 
? 
hydrog16 hydrog ?    ? A A   8  N6    ? ? ? 1_555 A U   62 O4 ? ? X A   21 X U   75 1_555 ? ? ? ? ? ? WATSON-CRICK         ?     ? 
? 
hydrog17 hydrog ?    ? A U   9  N3    ? ? ? 1_555 A A   39 N1 ? ? X U   22 X A   52 1_555 ? ? ? ? ? ? WATSON-CRICK         ?     ? 
? 
hydrog18 hydrog ?    ? A U   9  O4    ? ? ? 1_555 A A   39 N6 ? ? X U   22 X A   52 1_555 ? ? ? ? ? ? WATSON-CRICK         ?     ? 
? 
hydrog19 hydrog ?    ? A A   10 N1    ? ? ? 1_555 A G   33 N2 ? ? X A   23 X G   46 1_555 ? ? ? ? ? ? TYPE_10_PAIR         ?     ? 
? 
hydrog20 hydrog ?    ? A A   10 N6    ? ? ? 1_555 A G   33 N3 ? ? X A   23 X G   46 1_555 ? ? ? ? ? ? TYPE_10_PAIR         ?     ? 
? 
hydrog21 hydrog ?    ? A U   12 N3    ? ? ? 1_555 A A   32 N1 ? ? X U   25 X A   45 1_555 ? ? ? ? ? ? WATSON-CRICK         ?     ? 
? 
hydrog22 hydrog ?    ? A U   12 O4    ? ? ? 1_555 A A   32 N6 ? ? X U   25 X A   45 1_555 ? ? ? ? ? ? WATSON-CRICK         ?     ? 
? 
hydrog23 hydrog ?    ? A C   13 N3    ? ? ? 1_555 A A   31 N6 ? ? X C   26 X A   44 1_555 ? ? ? ? ? ? 'C-A MISPAIR'        ?     ? 
? 
hydrog24 hydrog ?    ? A G   14 N1    ? ? ? 1_555 A C   30 N3 ? ? X G   27 X C   43 1_555 ? ? ? ? ? ? WATSON-CRICK         ?     ? 
? 
hydrog25 hydrog ?    ? A G   14 N2    ? ? ? 1_555 A C   30 O2 ? ? X G   27 X C   43 1_555 ? ? ? ? ? ? WATSON-CRICK         ?     ? 
? 
hydrog26 hydrog ?    ? A G   14 O6    ? ? ? 1_555 A C   30 N4 ? ? X G   27 X C   43 1_555 ? ? ? ? ? ? WATSON-CRICK         ?     ? 
? 
hydrog27 hydrog ?    ? A C   15 N3    ? ? ? 1_555 A G   29 N1 ? ? X C   28 X G   42 1_555 ? ? ? ? ? ? WATSON-CRICK         ?     ? 
? 
hydrog28 hydrog ?    ? A C   15 N4    ? ? ? 1_555 A G   29 O6 ? ? X C   28 X G   42 1_555 ? ? ? ? ? ? WATSON-CRICK         ?     ? 
? 
hydrog29 hydrog ?    ? A C   15 O2    ? ? ? 1_555 A G   29 N2 ? ? X C   28 X G   42 1_555 ? ? ? ? ? ? WATSON-CRICK         ?     ? 
? 
hydrog30 hydrog ?    ? A G   16 N1    ? ? ? 1_555 A C   28 N3 ? ? X G   29 X C   41 1_555 ? ? ? ? ? ? WATSON-CRICK         ?     ? 
? 
hydrog31 hydrog ?    ? A G   16 N2    ? ? ? 1_555 A C   28 O2 ? ? X G   29 X C   41 1_555 ? ? ? ? ? ? WATSON-CRICK         ?     ? 
? 
hydrog32 hydrog ?    ? A G   16 O6    ? ? ? 1_555 A C   28 N4 ? ? X G   29 X C   41 1_555 ? ? ? ? ? ? WATSON-CRICK         ?     ? 
? 
hydrog33 hydrog ?    ? A U   17 N3    ? ? ? 1_555 A A   27 N1 ? ? X U   30 X A   40 1_555 ? ? ? ? ? ? WATSON-CRICK         ?     ? 
? 
hydrog34 hydrog ?    ? A U   17 O4    ? ? ? 1_555 A A   27 N6 ? ? X U   30 X A   40 1_555 ? ? ? ? ? ? WATSON-CRICK         ?     ? 
? 
hydrog35 hydrog ?    ? A G   18 N1    ? ? ? 1_555 A C   26 N3 ? ? X G   31 X C   39 1_555 ? ? ? ? ? ? WATSON-CRICK         ?     ? 
? 
hydrog36 hydrog ?    ? A G   18 N2    ? ? ? 1_555 A C   26 O2 ? ? X G   31 X C   39 1_555 ? ? ? ? ? ? WATSON-CRICK         ?     ? 
? 
hydrog37 hydrog ?    ? A G   18 O6    ? ? ? 1_555 A C   26 N4 ? ? X G   31 X C   39 1_555 ? ? ? ? ? ? WATSON-CRICK         ?     ? 
? 
hydrog38 hydrog ?    ? A A   20 N1    ? ? ? 1_555 A A   53 N6 ? ? X A   33 X A   66 1_555 ? ? ? ? ? ? TYPE_5_PAIR          ?     ? 
? 
hydrog39 hydrog ?    ? A A   20 N6    ? ? ? 1_555 A A   53 N7 ? ? X A   33 X A   66 1_555 ? ? ? ? ? ? TYPE_5_PAIR          ?     ? 
? 
hydrog40 hydrog ?    ? A U   21 O2    ? ? ? 1_555 A G   24 N2 ? ? X U   34 X G   37 1_555 ? ? ? ? ? ? 'U-G MISPAIR'        ?     ? 
? 
hydrog41 hydrog ?    ? A U   21 N3    ? ? ? 1_555 A A   52 N7 ? ? X U   34 X A   65 1_555 ? ? ? ? ? ? 'REVERSED HOOGSTEEN' ?     ? 
? 
hydrog42 hydrog ?    ? A U   21 O2    ? ? ? 1_555 A A   52 N6 ? ? X U   34 X A   65 1_555 ? ? ? ? ? ? 'REVERSED HOOGSTEEN' ?     ? 
? 
hydrog43 hydrog ?    ? A A   22 N6    ? ? ? 1_555 A A   51 N1 ? ? X A   35 X A   64 1_555 ? ? ? ? ? ? TYPE_5_PAIR          ?     ? 
? 
hydrog44 hydrog ?    ? A A   22 N7    ? ? ? 1_555 A A   51 N6 ? ? X A   35 X A   64 1_555 ? ? ? ? ? ? TYPE_5_PAIR          ?     ? 
? 
hydrog45 hydrog ?    ? A G   24 N1    ? ? ? 1_555 A C   48 N3 ? ? X G   37 X C   61 1_555 ? ? ? ? ? ? WATSON-CRICK         ?     ? 
? 
hydrog46 hydrog ?    ? A G   24 N2    ? ? ? 1_555 A C   48 O2 ? ? X G   37 X C   61 1_555 ? ? ? ? ? ? WATSON-CRICK         ?     ? 
? 
hydrog47 hydrog ?    ? A G   24 O6    ? ? ? 1_555 A C   48 N4 ? ? X G   37 X C   61 1_555 ? ? ? ? ? ? WATSON-CRICK         ?     ? 
? 
hydrog48 hydrog ?    ? A G   25 N1    ? ? ? 1_555 A C   47 N3 ? ? X G   38 X C   60 1_555 ? ? ? ? ? ? WATSON-CRICK         ?     ? 
? 
hydrog49 hydrog ?    ? A G   25 N2    ? ? ? 1_555 A C   47 O2 ? ? X G   38 X C   60 1_555 ? ? ? ? ? ? WATSON-CRICK         ?     ? 
? 
hydrog50 hydrog ?    ? A G   25 O6    ? ? ? 1_555 A C   47 N4 ? ? X G   38 X C   60 1_555 ? ? ? ? ? ? WATSON-CRICK         ?     ? 
? 
hydrog51 hydrog ?    ? A G   25 N2    ? ? ? 1_555 A A   53 N1 ? ? X G   38 X A   66 1_555 ? ? ? ? ? ? TYPE_10_PAIR         ?     ? 
? 
hydrog52 hydrog ?    ? A G   25 N3    ? ? ? 1_555 A A   53 N6 ? ? X G   38 X A   66 1_555 ? ? ? ? ? ? TYPE_10_PAIR         ?     ? 
? 
hydrog53 hydrog ?    ? A G   33 N1    ? ? ? 1_555 A C   40 N3 ? ? X G   46 X C   53 1_555 ? ? ? ? ? ? WATSON-CRICK         ?     ? 
? 
hydrog54 hydrog ?    ? A G   33 N2    ? ? ? 1_555 A C   40 O2 ? ? X G   46 X C   53 1_555 ? ? ? ? ? ? WATSON-CRICK         ?     ? 
? 
hydrog55 hydrog ?    ? A G   33 O6    ? ? ? 1_555 A C   40 N4 ? ? X G   46 X C   53 1_555 ? ? ? ? ? ? WATSON-CRICK         ?     ? 
? 
hydrog56 hydrog ?    ? A U   34 N3    ? ? ? 1_555 A U   38 O4 ? ? X U   47 X U   51 1_555 ? ? ? ? ? ? 'U-U MISPAIR'        ?     ? 
? 
hydrog57 hydrog ?    ? A U   36 N3    ? ? ? 1_555 A A   63 N3 ? ? X U   49 X A   76 1_555 ? ? ? ? ? ? 'U-A PAIR'           ?     ? 
? 
hydrog58 hydrog ?    ? A C   37 N4    ? ? ? 1_555 A U   62 O2 ? ? X C   50 X U   75 1_555 ? ? ? ? ? ? 'C-U MISPAIR'        ?     ? 
? 
hydrog59 hydrog ?    ? A C   41 N3    ? ? ? 1_555 A G   59 N1 ? ? X C   54 X G   72 1_555 ? ? ? ? ? ? WATSON-CRICK         ?     ? 
? 
hydrog60 hydrog ?    ? A C   41 N4    ? ? ? 1_555 A G   59 O6 ? ? X C   54 X G   72 1_555 ? ? ? ? ? ? WATSON-CRICK         ?     ? 
? 
hydrog61 hydrog ?    ? A C   41 O2    ? ? ? 1_555 A G   59 N2 ? ? X C   54 X G   72 1_555 ? ? ? ? ? ? WATSON-CRICK         ?     ? 
? 
hydrog62 hydrog ?    ? A G   42 N1    ? ? ? 1_555 A C   58 N3 ? ? X G   55 X C   71 1_555 ? ? ? ? ? ? WATSON-CRICK         ?     ? 
? 
hydrog63 hydrog ?    ? A G   42 N2    ? ? ? 1_555 A C   58 O2 ? ? X G   55 X C   71 1_555 ? ? ? ? ? ? WATSON-CRICK         ?     ? 
? 
hydrog64 hydrog ?    ? A G   42 O6    ? ? ? 1_555 A C   58 N4 ? ? X G   55 X C   71 1_555 ? ? ? ? ? ? WATSON-CRICK         ?     ? 
? 
hydrog65 hydrog ?    ? A G   43 N1    ? ? ? 1_555 A C   57 N3 ? ? X G   56 X C   70 1_555 ? ? ? ? ? ? WATSON-CRICK         ?     ? 
? 
hydrog66 hydrog ?    ? A G   43 N2    ? ? ? 1_555 A C   57 O2 ? ? X G   56 X C   70 1_555 ? ? ? ? ? ? WATSON-CRICK         ?     ? 
? 
hydrog67 hydrog ?    ? A G   43 O6    ? ? ? 1_555 A C   57 N4 ? ? X G   56 X C   70 1_555 ? ? ? ? ? ? WATSON-CRICK         ?     ? 
? 
hydrog68 hydrog ?    ? A G   44 N1    ? ? ? 1_555 A U   56 O2 ? ? X G   57 X U   69 1_555 ? ? ? ? ? ? TYPE_28_PAIR         ?     ? 
? 
hydrog69 hydrog ?    ? A G   44 O6    ? ? ? 1_555 A U   56 N3 ? ? X G   57 X U   69 1_555 ? ? ? ? ? ? TYPE_28_PAIR         ?     ? 
? 
hydrog70 hydrog ?    ? A C   45 N3    ? ? ? 1_555 A G   55 N1 ? ? X C   58 X G   68 1_555 ? ? ? ? ? ? WATSON-CRICK         ?     ? 
? 
hydrog71 hydrog ?    ? A C   45 N4    ? ? ? 1_555 A G   55 O6 ? ? X C   58 X G   68 1_555 ? ? ? ? ? ? WATSON-CRICK         ?     ? 
? 
hydrog72 hydrog ?    ? A C   45 O2    ? ? ? 1_555 A G   55 N2 ? ? X C   58 X G   68 1_555 ? ? ? ? ? ? WATSON-CRICK         ?     ? 
? 
hydrog73 hydrog ?    ? A A   46 N1    ? ? ? 1_555 A U   54 N3 ? ? X A   59 X U   67 1_555 ? ? ? ? ? ? WATSON-CRICK         ?     ? 
? 
hydrog74 hydrog ?    ? A A   46 N6    ? ? ? 1_555 A U   54 O4 ? ? X A   59 X U   67 1_555 ? ? ? ? ? ? WATSON-CRICK         ?     ? 
? 
hydrog75 hydrog ?    ? A C   48 O2    ? ? ? 1_555 A A   52 N6 ? ? X C   61 X A   65 1_555 ? ? ? ? ? ? 'C-A MISPAIR'        ?     ? 
? 
# 
loop_
_struct_conn_type.id 
_struct_conn_type.criteria 
_struct_conn_type.reference 
covale ? ? 
hydrog ? ? 
# 
_struct_site.id                   AC1 
_struct_site.pdbx_evidence_code   Software 
_struct_site.pdbx_auth_asym_id    X 
_struct_site.pdbx_auth_comp_id    GUN 
_struct_site.pdbx_auth_seq_id     101 
_struct_site.pdbx_auth_ins_code   ? 
_struct_site.pdbx_num_residues    8 
_struct_site.details              'binding site for residue GUN X 101' 
# 
loop_
_struct_site_gen.id 
_struct_site_gen.site_id 
_struct_site_gen.pdbx_num_res 
_struct_site_gen.label_comp_id 
_struct_site_gen.label_asym_id 
_struct_site_gen.label_seq_id 
_struct_site_gen.pdbx_auth_ins_code 
_struct_site_gen.auth_comp_id 
_struct_site_gen.auth_asym_id 
_struct_site_gen.auth_seq_id 
_struct_site_gen.label_atom_id 
_struct_site_gen.label_alt_id 
_struct_site_gen.symmetry 
_struct_site_gen.details 
1 AC1 8 A A 8  ? A X 21 . ? 1_555 ? 
2 AC1 8 U A 9  ? U X 22 . ? 1_555 ? 
3 AC1 8 U A 34 ? U X 47 . ? 1_555 ? 
4 AC1 8 U A 38 ? U X 51 . ? 1_555 ? 
5 AC1 8 A A 39 ? A X 52 . ? 1_555 ? 
6 AC1 8 A A 60 ? A X 73 . ? 1_555 ? 
7 AC1 8 C A 61 ? C X 74 . ? 1_555 ? 
8 AC1 8 U A 62 ? U X 75 . ? 1_555 ? 
# 
_atom_sites.entry_id                    1Y27 
_atom_sites.fract_transf_matrix[1][1]   0.01917837 
_atom_sites.fract_transf_matrix[1][2]   -0.01233838 
_atom_sites.fract_transf_matrix[1][3]   0.00754419 
_atom_sites.fract_transf_matrix[2][1]   0.00241587 
_atom_sites.fract_transf_matrix[2][2]   -0.00730391 
_atom_sites.fract_transf_matrix[2][3]   -0.01808689 
_atom_sites.fract_transf_matrix[3][1]   0.00271067 
_atom_sites.fract_transf_matrix[3][2]   0.00355658 
_atom_sites.fract_transf_matrix[3][3]   -0.00107417 
_atom_sites.fract_transf_vector[1]      0.209438 
_atom_sites.fract_transf_vector[2]      -0.173756 
_atom_sites.fract_transf_vector[3]      0.122548 
# 
loop_
_atom_type.symbol 
C 
N 
O 
P 
# 
loop_
_atom_site.group_PDB 
_atom_site.id 
_atom_site.type_symbol 
_atom_site.label_atom_id 
_atom_site.label_alt_id 
_atom_site.label_comp_id 
_atom_site.label_asym_id 
_atom_site.label_entity_id 
_atom_site.label_seq_id 
_atom_site.pdbx_PDB_ins_code 
_atom_site.Cartn_x 
_atom_site.Cartn_y 
_atom_site.Cartn_z 
_atom_site.occupancy 
_atom_site.B_iso_or_equiv 
_atom_site.pdbx_formal_charge 
_atom_site.auth_seq_id 
_atom_site.auth_comp_id 
_atom_site.auth_asym_id 
_atom_site.auth_atom_id 
_atom_site.pdbx_PDB_model_num 
HETATM 1    P PB    . GDP A 1 1  ? -17.141 -11.007 21.110  1.00 76.47 ? 14  GDP X PB    1 
HETATM 2    O O1B   . GDP A 1 1  ? -17.987 -10.993 22.367  1.00 75.32 ? 14  GDP X O1B   1 
HETATM 3    O O2B   . GDP A 1 1  ? -16.672 -9.595  20.824  1.00 76.17 ? 14  GDP X O2B   1 
HETATM 4    O O3B   . GDP A 1 1  ? -17.951 -11.532 19.939  1.00 75.67 ? 14  GDP X O3B   1 
HETATM 5    O O3A   . GDP A 1 1  ? -15.859 -11.965 21.329  1.00 74.31 ? 14  GDP X O3A   1 
HETATM 6    P PA    . GDP A 1 1  ? -14.797 -12.241 20.143  1.00 72.47 ? 14  GDP X PA    1 
HETATM 7    O O1A   . GDP A 1 1  ? -15.200 -13.449 19.325  1.00 72.69 ? 14  GDP X O1A   1 
HETATM 8    O O2A   . GDP A 1 1  ? -14.641 -11.037 19.242  1.00 72.78 ? 14  GDP X O2A   1 
HETATM 9    O "O5'" . GDP A 1 1  ? -13.434 -12.535 20.952  1.00 69.15 ? 14  GDP X "O5'" 1 
HETATM 10   C "C5'" . GDP A 1 1  ? -12.819 -11.519 21.738  1.00 63.88 ? 14  GDP X "C5'" 1 
HETATM 11   C "C4'" . GDP A 1 1  ? -11.703 -12.111 22.597  1.00 60.17 ? 14  GDP X "C4'" 1 
HETATM 12   O "O4'" . GDP A 1 1  ? -12.185 -13.227 23.367  1.00 57.84 ? 14  GDP X "O4'" 1 
HETATM 13   C "C3'" . GDP A 1 1  ? -10.483 -12.575 21.797  1.00 57.92 ? 14  GDP X "C3'" 1 
HETATM 14   O "O3'" . GDP A 1 1  ? -9.533  -11.515 21.733  1.00 58.09 ? 14  GDP X "O3'" 1 
HETATM 15   C "C2'" . GDP A 1 1  ? -10.002 -13.725 22.674  1.00 57.22 ? 14  GDP X "C2'" 1 
HETATM 16   O "O2'" . GDP A 1 1  ? -9.077  -13.271 23.671  1.00 56.40 ? 14  GDP X "O2'" 1 
HETATM 17   C "C1'" . GDP A 1 1  ? -11.218 -14.281 23.404  1.00 55.61 ? 14  GDP X "C1'" 1 
HETATM 18   N N9    . GDP A 1 1  ? -11.703 -15.513 22.705  1.00 55.23 ? 14  GDP X N9    1 
HETATM 19   C C8    . GDP A 1 1  ? -12.824 -15.597 21.959  1.00 54.85 ? 14  GDP X C8    1 
HETATM 20   N N7    . GDP A 1 1  ? -13.003 -16.839 21.443  1.00 54.52 ? 14  GDP X N7    1 
HETATM 21   C C5    . GDP A 1 1  ? -11.969 -17.595 21.851  1.00 54.83 ? 14  GDP X C5    1 
HETATM 22   C C6    . GDP A 1 1  ? -11.537 -19.007 21.660  1.00 54.73 ? 14  GDP X C6    1 
HETATM 23   O O6    . GDP A 1 1  ? -12.212 -19.802 20.970  1.00 54.40 ? 14  GDP X O6    1 
HETATM 24   N N1    . GDP A 1 1  ? -10.399 -19.405 22.250  1.00 54.57 ? 14  GDP X N1    1 
HETATM 25   C C2    . GDP A 1 1  ? -9.649  -18.574 22.998  1.00 54.55 ? 14  GDP X C2    1 
HETATM 26   N N2    . GDP A 1 1  ? -8.520  -19.069 23.555  1.00 54.66 ? 14  GDP X N2    1 
HETATM 27   N N3    . GDP A 1 1  ? -9.983  -17.269 23.219  1.00 54.60 ? 14  GDP X N3    1 
HETATM 28   C C4    . GDP A 1 1  ? -11.111 -16.724 22.684  1.00 55.04 ? 14  GDP X C4    1 
ATOM   29   P P     . G   A 1 2  ? -9.593  -12.256 20.328  1.00 56.19 ? 15  G   X P     1 
ATOM   30   O OP1   . G   A 1 2  ? -9.160  -10.849 20.427  1.00 55.70 ? 15  G   X OP1   1 
ATOM   31   O OP2   . G   A 1 2  ? -10.577 -12.619 19.290  1.00 55.41 ? 15  G   X OP2   1 
ATOM   32   O "O5'" . G   A 1 2  ? -8.268  -13.081 19.984  1.00 52.83 ? 15  G   X "O5'" 1 
ATOM   33   C "C5'" . G   A 1 2  ? -7.127  -13.064 20.837  1.00 50.10 ? 15  G   X "C5'" 1 
ATOM   34   C "C4'" . G   A 1 2  ? -6.553  -14.461 20.992  1.00 48.05 ? 15  G   X "C4'" 1 
ATOM   35   O "O4'" . G   A 1 2  ? -7.574  -15.389 21.449  1.00 46.41 ? 15  G   X "O4'" 1 
ATOM   36   C "C3'" . G   A 1 2  ? -6.032  -15.090 19.706  1.00 46.94 ? 15  G   X "C3'" 1 
ATOM   37   O "O3'" . G   A 1 2  ? -4.721  -14.629 19.382  1.00 46.51 ? 15  G   X "O3'" 1 
ATOM   38   C "C2'" . G   A 1 2  ? -6.057  -16.570 20.068  1.00 46.15 ? 15  G   X "C2'" 1 
ATOM   39   O "O2'" . G   A 1 2  ? -4.945  -16.958 20.850  1.00 45.52 ? 15  G   X "O2'" 1 
ATOM   40   C "C1'" . G   A 1 2  ? -7.345  -16.669 20.883  1.00 44.95 ? 15  G   X "C1'" 1 
ATOM   41   N N9    . G   A 1 2  ? -8.505  -17.064 20.084  1.00 44.58 ? 15  G   X N9    1 
ATOM   42   C C8    . G   A 1 2  ? -9.540  -16.255 19.679  1.00 44.33 ? 15  G   X C8    1 
ATOM   43   N N7    . G   A 1 2  ? -10.448 -16.869 18.976  1.00 43.61 ? 15  G   X N7    1 
ATOM   44   C C5    . G   A 1 2  ? -9.990  -18.177 18.905  1.00 44.14 ? 15  G   X C5    1 
ATOM   45   C C6    . G   A 1 2  ? -10.559 -19.314 18.267  1.00 44.46 ? 15  G   X C6    1 
ATOM   46   O O6    . G   A 1 2  ? -11.608 -19.389 17.620  1.00 44.00 ? 15  G   X O6    1 
ATOM   47   N N1    . G   A 1 2  ? -9.782  -20.458 18.438  1.00 44.66 ? 15  G   X N1    1 
ATOM   48   C C2    . G   A 1 2  ? -8.595  -20.500 19.128  1.00 44.04 ? 15  G   X C2    1 
ATOM   49   N N2    . G   A 1 2  ? -7.995  -21.691 19.176  1.00 44.08 ? 15  G   X N2    1 
ATOM   50   N N3    . G   A 1 2  ? -8.047  -19.448 19.728  1.00 43.95 ? 15  G   X N3    1 
ATOM   51   C C4    . G   A 1 2  ? -8.793  -18.318 19.579  1.00 44.29 ? 15  G   X C4    1 
ATOM   52   P P     . A   A 1 3  ? -4.283  -14.573 17.835  1.00 47.48 ? 16  A   X P     1 
ATOM   53   O OP1   . A   A 1 3  ? -3.009  -13.826 17.755  1.00 47.99 ? 16  A   X OP1   1 
ATOM   54   O OP2   . A   A 1 3  ? -5.437  -14.146 17.021  1.00 46.69 ? 16  A   X OP2   1 
ATOM   55   O "O5'" . A   A 1 3  ? -3.978  -16.100 17.465  1.00 47.47 ? 16  A   X "O5'" 1 
ATOM   56   C "C5'" . A   A 1 3  ? -2.978  -16.860 18.162  1.00 46.01 ? 16  A   X "C5'" 1 
ATOM   57   C "C4'" . A   A 1 3  ? -3.064  -18.317 17.751  1.00 45.91 ? 16  A   X "C4'" 1 
ATOM   58   O "O4'" . A   A 1 3  ? -4.320  -18.884 18.209  1.00 45.40 ? 16  A   X "O4'" 1 
ATOM   59   C "C3'" . A   A 1 3  ? -3.091  -18.556 16.243  1.00 46.09 ? 16  A   X "C3'" 1 
ATOM   60   O "O3'" . A   A 1 3  ? -1.794  -18.499 15.676  1.00 46.88 ? 16  A   X "O3'" 1 
ATOM   61   C "C2'" . A   A 1 3  ? -3.709  -19.947 16.175  1.00 45.75 ? 16  A   X "C2'" 1 
ATOM   62   O "O2'" . A   A 1 3  ? -2.797  -20.988 16.484  1.00 45.33 ? 16  A   X "O2'" 1 
ATOM   63   C "C1'" . A   A 1 3  ? -4.795  -19.817 17.243  1.00 45.62 ? 16  A   X "C1'" 1 
ATOM   64   N N9    . A   A 1 3  ? -6.074  -19.377 16.677  1.00 45.83 ? 16  A   X N9    1 
ATOM   65   C C8    . A   A 1 3  ? -6.576  -18.101 16.619  1.00 45.64 ? 16  A   X C8    1 
ATOM   66   N N7    . A   A 1 3  ? -7.754  -18.006 16.048  1.00 45.26 ? 16  A   X N7    1 
ATOM   67   C C5    . A   A 1 3  ? -8.054  -19.314 15.698  1.00 46.11 ? 16  A   X C5    1 
ATOM   68   C C6    . A   A 1 3  ? -9.166  -19.906 15.048  1.00 45.63 ? 16  A   X C6    1 
ATOM   69   N N6    . A   A 1 3  ? -10.228 -19.217 14.618  1.00 45.48 ? 16  A   X N6    1 
ATOM   70   N N1    . A   A 1 3  ? -9.148  -21.245 14.852  1.00 45.34 ? 16  A   X N1    1 
ATOM   71   C C2    . A   A 1 3  ? -8.084  -21.946 15.272  1.00 45.76 ? 16  A   X C2    1 
ATOM   72   N N3    . A   A 1 3  ? -6.981  -21.508 15.890  1.00 46.28 ? 16  A   X N3    1 
ATOM   73   C C4    . A   A 1 3  ? -7.024  -20.171 16.075  1.00 46.36 ? 16  A   X C4    1 
ATOM   74   P P     . U   A 1 4  ? -1.563  -17.876 14.217  1.00 47.70 ? 17  U   X P     1 
ATOM   75   O OP1   . U   A 1 4  ? -0.098  -17.788 14.039  1.00 48.43 ? 17  U   X OP1   1 
ATOM   76   O OP2   . U   A 1 4  ? -2.392  -16.669 14.040  1.00 48.35 ? 17  U   X OP2   1 
ATOM   77   O "O5'" . U   A 1 4  ? -2.145  -18.990 13.229  1.00 47.85 ? 17  U   X "O5'" 1 
ATOM   78   C "C5'" . U   A 1 4  ? -1.520  -20.264 13.059  1.00 46.88 ? 17  U   X "C5'" 1 
ATOM   79   C "C4'" . U   A 1 4  ? -2.491  -21.242 12.424  1.00 46.73 ? 17  U   X "C4'" 1 
ATOM   80   O "O4'" . U   A 1 4  ? -3.718  -21.312 13.201  1.00 45.47 ? 17  U   X "O4'" 1 
ATOM   81   C "C3'" . U   A 1 4  ? -2.979  -20.853 11.035  1.00 47.19 ? 17  U   X "C3'" 1 
ATOM   82   O "O3'" . U   A 1 4  ? -2.026  -21.156 10.027  1.00 48.19 ? 17  U   X "O3'" 1 
ATOM   83   C "C2'" . U   A 1 4  ? -4.252  -21.691 10.928  1.00 47.01 ? 17  U   X "C2'" 1 
ATOM   84   O "O2'" . U   A 1 4  ? -4.012  -23.054 10.609  1.00 46.72 ? 17  U   X "O2'" 1 
ATOM   85   C "C1'" . U   A 1 4  ? -4.822  -21.507 12.336  1.00 46.22 ? 17  U   X "C1'" 1 
ATOM   86   N N1    . U   A 1 4  ? -5.786  -20.336 12.419  1.00 46.98 ? 17  U   X N1    1 
ATOM   87   C C2    . U   A 1 4  ? -7.091  -20.495 11.960  1.00 46.63 ? 17  U   X C2    1 
ATOM   88   O O2    . U   A 1 4  ? -7.520  -21.534 11.497  1.00 46.51 ? 17  U   X O2    1 
ATOM   89   N N3    . U   A 1 4  ? -7.895  -19.380 12.058  1.00 46.52 ? 17  U   X N3    1 
ATOM   90   C C4    . U   A 1 4  ? -7.535  -18.139 12.560  1.00 46.19 ? 17  U   X C4    1 
ATOM   91   O O4    . U   A 1 4  ? -8.362  -17.238 12.591  1.00 45.79 ? 17  U   X O4    1 
ATOM   92   C C5    . U   A 1 4  ? -6.168  -18.038 13.022  1.00 46.44 ? 17  U   X C5    1 
ATOM   93   C C6    . U   A 1 4  ? -5.365  -19.113 12.933  1.00 46.66 ? 17  U   X C6    1 
ATOM   94   P P     . C   A 1 5  ? -1.958  -20.291 8.677   1.00 48.38 ? 18  C   X P     1 
ATOM   95   O OP1   . C   A 1 5  ? -0.675  -20.592 8.002   1.00 49.71 ? 18  C   X OP1   1 
ATOM   96   O OP2   . C   A 1 5  ? -2.309  -18.883 8.977   1.00 49.30 ? 18  C   X OP2   1 
ATOM   97   O "O5'" . C   A 1 5  ? -3.120  -20.945 7.806   1.00 49.32 ? 18  C   X "O5'" 1 
ATOM   98   C "C5'" . C   A 1 5  ? -2.968  -22.244 7.255   1.00 49.75 ? 18  C   X "C5'" 1 
ATOM   99   C "C4'" . C   A 1 5  ? -4.276  -22.699 6.650   1.00 50.13 ? 18  C   X "C4'" 1 
ATOM   100  O "O4'" . C   A 1 5  ? -5.321  -22.608 7.651   1.00 50.64 ? 18  C   X "O4'" 1 
ATOM   101  C "C3'" . C   A 1 5  ? -4.827  -21.810 5.550   1.00 50.37 ? 18  C   X "C3'" 1 
ATOM   102  O "O3'" . C   A 1 5  ? -4.143  -21.966 4.316   1.00 51.17 ? 18  C   X "O3'" 1 
ATOM   103  C "C2'" . C   A 1 5  ? -6.277  -22.288 5.522   1.00 50.24 ? 18  C   X "C2'" 1 
ATOM   104  O "O2'" . C   A 1 5  ? -6.450  -23.568 4.946   1.00 48.84 ? 18  C   X "O2'" 1 
ATOM   105  C "C1'" . C   A 1 5  ? -6.564  -22.343 7.018   1.00 50.15 ? 18  C   X "C1'" 1 
ATOM   106  N N1    . C   A 1 5  ? -7.174  -21.082 7.582   1.00 50.75 ? 18  C   X N1    1 
ATOM   107  C C2    . C   A 1 5  ? -8.536  -20.783 7.350   1.00 50.58 ? 18  C   X C2    1 
ATOM   108  O O2    . C   A 1 5  ? -9.243  -21.551 6.678   1.00 49.76 ? 18  C   X O2    1 
ATOM   109  N N3    . C   A 1 5  ? -9.051  -19.636 7.880   1.00 50.98 ? 18  C   X N3    1 
ATOM   110  C C4    . C   A 1 5  ? -8.290  -18.810 8.607   1.00 50.49 ? 18  C   X C4    1 
ATOM   111  N N4    . C   A 1 5  ? -8.854  -17.702 9.104   1.00 49.54 ? 18  C   X N4    1 
ATOM   112  C C5    . C   A 1 5  ? -6.908  -19.093 8.845   1.00 50.58 ? 18  C   X C5    1 
ATOM   113  C C6    . C   A 1 5  ? -6.400  -20.221 8.325   1.00 50.53 ? 18  C   X C6    1 
ATOM   114  P P     . A   A 1 6  ? -4.144  -20.765 3.248   1.00 51.28 ? 19  A   X P     1 
ATOM   115  O OP1   . A   A 1 6  ? -3.312  -21.188 2.100   1.00 51.72 ? 19  A   X OP1   1 
ATOM   116  O OP2   . A   A 1 6  ? -3.840  -19.508 3.965   1.00 51.80 ? 19  A   X OP2   1 
ATOM   117  O "O5'" . A   A 1 6  ? -5.672  -20.710 2.772   1.00 51.99 ? 19  A   X "O5'" 1 
ATOM   118  C "C5'" . A   A 1 6  ? -6.256  -21.791 2.035   1.00 52.37 ? 19  A   X "C5'" 1 
ATOM   119  C "C4'" . A   A 1 6  ? -7.705  -21.487 1.715   1.00 51.85 ? 19  A   X "C4'" 1 
ATOM   120  O "O4'" . A   A 1 6  ? -8.446  -21.299 2.942   1.00 51.98 ? 19  A   X "O4'" 1 
ATOM   121  C "C3'" . A   A 1 6  ? -7.919  -20.178 0.973   1.00 52.38 ? 19  A   X "C3'" 1 
ATOM   122  O "O3'" . A   A 1 6  ? -7.688  -20.347 -0.420  1.00 52.23 ? 19  A   X "O3'" 1 
ATOM   123  C "C2'" . A   A 1 6  ? -9.377  -19.868 1.306   1.00 51.86 ? 19  A   X "C2'" 1 
ATOM   124  O "O2'" . A   A 1 6  ? -10.300 -20.602 0.529   1.00 52.56 ? 19  A   X "O2'" 1 
ATOM   125  C "C1'" . A   A 1 6  ? -9.470  -20.333 2.749   1.00 50.57 ? 19  A   X "C1'" 1 
ATOM   126  N N9    . A   A 1 6  ? -9.320  -19.242 3.713   1.00 50.05 ? 19  A   X N9    1 
ATOM   127  C C8    . A   A 1 6  ? -8.189  -18.911 4.411   1.00 49.62 ? 19  A   X C8    1 
ATOM   128  N N7    . A   A 1 6  ? -8.337  -17.889 5.216   1.00 49.10 ? 19  A   X N7    1 
ATOM   129  C C5    . A   A 1 6  ? -9.658  -17.522 5.026   1.00 49.29 ? 19  A   X C5    1 
ATOM   130  C C6    . A   A 1 6  ? -10.438 -16.501 5.598   1.00 49.47 ? 19  A   X C6    1 
ATOM   131  N N6    . A   A 1 6  ? -9.949  -15.651 6.498   1.00 49.29 ? 19  A   X N6    1 
ATOM   132  N N1    . A   A 1 6  ? -11.727 -16.393 5.204   1.00 50.18 ? 19  A   X N1    1 
ATOM   133  C C2    . A   A 1 6  ? -12.206 -17.256 4.288   1.00 49.79 ? 19  A   X C2    1 
ATOM   134  N N3    . A   A 1 6  ? -11.566 -18.265 3.687   1.00 48.90 ? 19  A   X N3    1 
ATOM   135  C C4    . A   A 1 6  ? -10.287 -18.344 4.105   1.00 48.98 ? 19  A   X C4    1 
ATOM   136  P P     . U   A 1 7  ? -7.100  -19.134 -1.290  1.00 53.41 ? 20  U   X P     1 
ATOM   137  O OP1   . U   A 1 7  ? -6.841  -19.662 -2.654  1.00 52.98 ? 20  U   X OP1   1 
ATOM   138  O OP2   . U   A 1 7  ? -5.979  -18.525 -0.534  1.00 53.11 ? 20  U   X OP2   1 
ATOM   139  O "O5'" . U   A 1 7  ? -8.321  -18.100 -1.366  1.00 51.61 ? 20  U   X "O5'" 1 
ATOM   140  C "C5'" . U   A 1 7  ? -9.559  -18.467 -1.986  1.00 51.60 ? 20  U   X "C5'" 1 
ATOM   141  C "C4'" . U   A 1 7  ? -10.697 -17.567 -1.530  1.00 51.49 ? 20  U   X "C4'" 1 
ATOM   142  O "O4'" . U   A 1 7  ? -10.785 -17.528 -0.080  1.00 51.59 ? 20  U   X "O4'" 1 
ATOM   143  C "C3'" . U   A 1 7  ? -10.536 -16.100 -1.888  1.00 51.13 ? 20  U   X "C3'" 1 
ATOM   144  O "O3'" . U   A 1 7  ? -10.824 -15.910 -3.267  1.00 50.84 ? 20  U   X "O3'" 1 
ATOM   145  C "C2'" . U   A 1 7  ? -11.553 -15.468 -0.936  1.00 50.80 ? 20  U   X "C2'" 1 
ATOM   146  O "O2'" . U   A 1 7  ? -12.894 -15.590 -1.367  1.00 50.66 ? 20  U   X "O2'" 1 
ATOM   147  C "C1'" . U   A 1 7  ? -11.362 -16.302 0.327   1.00 49.98 ? 20  U   X "C1'" 1 
ATOM   148  N N1    . U   A 1 7  ? -10.502 -15.661 1.383   1.00 49.81 ? 20  U   X N1    1 
ATOM   149  C C2    . U   A 1 7  ? -11.060 -14.709 2.235   1.00 49.95 ? 20  U   X C2    1 
ATOM   150  O O2    . U   A 1 7  ? -12.227 -14.342 2.178   1.00 49.67 ? 20  U   X O2    1 
ATOM   151  N N3    . U   A 1 7  ? -10.193 -14.182 3.166   1.00 48.67 ? 20  U   X N3    1 
ATOM   152  C C4    . U   A 1 7  ? -8.853  -14.501 3.335   1.00 48.95 ? 20  U   X C4    1 
ATOM   153  O O4    . U   A 1 7  ? -8.198  -13.949 4.219   1.00 48.25 ? 20  U   X O4    1 
ATOM   154  C C5    . U   A 1 7  ? -8.348  -15.493 2.412   1.00 48.89 ? 20  U   X C5    1 
ATOM   155  C C6    . U   A 1 7  ? -9.170  -16.025 1.496   1.00 48.84 ? 20  U   X C6    1 
ATOM   156  P P     . A   A 1 8  ? -10.044 -14.822 -4.148  1.00 51.64 ? 21  A   X P     1 
ATOM   157  O OP1   . A   A 1 8  ? -10.624 -14.864 -5.508  1.00 51.84 ? 21  A   X OP1   1 
ATOM   158  O OP2   . A   A 1 8  ? -8.585  -14.995 -3.999  1.00 51.80 ? 21  A   X OP2   1 
ATOM   159  O "O5'" . A   A 1 8  ? -10.472 -13.447 -3.445  1.00 51.81 ? 21  A   X "O5'" 1 
ATOM   160  C "C5'" . A   A 1 8  ? -11.789 -12.908 -3.583  1.00 50.39 ? 21  A   X "C5'" 1 
ATOM   161  C "C4'" . A   A 1 8  ? -11.939 -11.666 -2.723  1.00 50.04 ? 21  A   X "C4'" 1 
ATOM   162  O "O4'" . A   A 1 8  ? -11.802 -12.017 -1.328  1.00 49.91 ? 21  A   X "O4'" 1 
ATOM   163  C "C3'" . A   A 1 8  ? -10.856 -10.607 -2.880  1.00 50.06 ? 21  A   X "C3'" 1 
ATOM   164  O "O3'" . A   A 1 8  ? -11.036 -9.832  -4.050  1.00 51.06 ? 21  A   X "O3'" 1 
ATOM   165  C "C2'" . A   A 1 8  ? -11.045 -9.786  -1.610  1.00 49.34 ? 21  A   X "C2'" 1 
ATOM   166  O "O2'" . A   A 1 8  ? -12.046 -8.806  -1.706  1.00 49.40 ? 21  A   X "O2'" 1 
ATOM   167  C "C1'" . A   A 1 8  ? -11.459 -10.847 -0.593  1.00 48.92 ? 21  A   X "C1'" 1 
ATOM   168  N N9    . A   A 1 8  ? -10.358 -11.093 0.340   1.00 48.41 ? 21  A   X N9    1 
ATOM   169  C C8    . A   A 1 8  ? -9.300  -11.941 0.164   1.00 47.92 ? 21  A   X C8    1 
ATOM   170  N N7    . A   A 1 8  ? -8.452  -11.941 1.164   1.00 47.93 ? 21  A   X N7    1 
ATOM   171  C C5    . A   A 1 8  ? -8.975  -11.022 2.055   1.00 48.11 ? 21  A   X C5    1 
ATOM   172  C C6    . A   A 1 8  ? -8.543  -10.554 3.318   1.00 47.92 ? 21  A   X C6    1 
ATOM   173  N N6    . A   A 1 8  ? -7.433  -10.977 3.938   1.00 47.97 ? 21  A   X N6    1 
ATOM   174  N N1    . A   A 1 8  ? -9.303  -9.629  3.935   1.00 47.74 ? 21  A   X N1    1 
ATOM   175  C C2    . A   A 1 8  ? -10.422 -9.201  3.346   1.00 47.99 ? 21  A   X C2    1 
ATOM   176  N N3    . A   A 1 8  ? -10.928 -9.560  2.164   1.00 48.69 ? 21  A   X N3    1 
ATOM   177  C C4    . A   A 1 8  ? -10.154 -10.485 1.559   1.00 48.56 ? 21  A   X C4    1 
ATOM   178  P P     . U   A 1 9  ? -9.983  -9.891  -5.254  1.00 51.80 ? 22  U   X P     1 
ATOM   179  O OP1   . U   A 1 9  ? -10.214 -8.689  -6.089  1.00 52.60 ? 22  U   X OP1   1 
ATOM   180  O OP2   . U   A 1 9  ? -10.054 -11.232 -5.867  1.00 53.78 ? 22  U   X OP2   1 
ATOM   181  O "O5'" . U   A 1 9  ? -8.572  -9.796  -4.523  1.00 51.92 ? 22  U   X "O5'" 1 
ATOM   182  C "C5'" . U   A 1 9  ? -7.382  -9.283  -5.115  1.00 51.19 ? 22  U   X "C5'" 1 
ATOM   183  C "C4'" . U   A 1 9  ? -6.444  -8.871  -3.986  1.00 50.54 ? 22  U   X "C4'" 1 
ATOM   184  O "O4'" . U   A 1 9  ? -6.661  -7.468  -3.668  1.00 49.87 ? 22  U   X "O4'" 1 
ATOM   185  C "C3'" . U   A 1 9  ? -6.642  -9.642  -2.677  1.00 50.18 ? 22  U   X "C3'" 1 
ATOM   186  O "O3'" . U   A 1 9  ? -5.410  -9.862  -1.989  1.00 50.74 ? 22  U   X "O3'" 1 
ATOM   187  C "C2'" . U   A 1 9  ? -7.547  -8.701  -1.884  1.00 49.88 ? 22  U   X "C2'" 1 
ATOM   188  O "O2'" . U   A 1 9  ? -7.439  -8.861  -0.486  1.00 50.30 ? 22  U   X "O2'" 1 
ATOM   189  C "C1'" . U   A 1 9  ? -7.033  -7.328  -2.310  1.00 49.31 ? 22  U   X "C1'" 1 
ATOM   190  N N1    . U   A 1 9  ? -8.043  -6.214  -2.164  1.00 48.69 ? 22  U   X N1    1 
ATOM   191  C C2    . U   A 1 9  ? -7.822  -5.206  -1.232  1.00 48.37 ? 22  U   X C2    1 
ATOM   192  O O2    . U   A 1 9  ? -6.844  -5.146  -0.507  1.00 48.30 ? 22  U   X O2    1 
ATOM   193  N N3    . U   A 1 9  ? -8.802  -4.242  -1.169  1.00 48.26 ? 22  U   X N3    1 
ATOM   194  C C4    . U   A 1 9  ? -9.956  -4.180  -1.935  1.00 48.82 ? 22  U   X C4    1 
ATOM   195  O O4    . U   A 1 9  ? -10.738 -3.253  -1.772  1.00 48.52 ? 22  U   X O4    1 
ATOM   196  C C5    . U   A 1 9  ? -10.119 -5.259  -2.884  1.00 48.77 ? 22  U   X C5    1 
ATOM   197  C C6    . U   A 1 9  ? -9.178  -6.214  -2.958  1.00 48.33 ? 22  U   X C6    1 
ATOM   198  P P     . A   A 1 10 ? -4.344  -11.012 -2.332  1.00 50.23 ? 23  A   X P     1 
ATOM   199  O OP1   . A   A 1 10 ? -4.953  -12.111 -3.104  1.00 50.23 ? 23  A   X OP1   1 
ATOM   200  O OP2   . A   A 1 10 ? -3.662  -11.327 -1.056  1.00 50.55 ? 23  A   X OP2   1 
ATOM   201  O "O5'" . A   A 1 10 ? -3.339  -10.260 -3.318  1.00 50.12 ? 23  A   X "O5'" 1 
ATOM   202  C "C5'" . A   A 1 10 ? -2.670  -9.067  -2.924  1.00 50.35 ? 23  A   X "C5'" 1 
ATOM   203  C "C4'" . A   A 1 10 ? -1.965  -8.431  -4.111  1.00 50.05 ? 23  A   X "C4'" 1 
ATOM   204  O "O4'" . A   A 1 10 ? -2.898  -8.258  -5.205  1.00 50.07 ? 23  A   X "O4'" 1 
ATOM   205  C "C3'" . A   A 1 10 ? -1.464  -7.030  -3.831  1.00 50.07 ? 23  A   X "C3'" 1 
ATOM   206  O "O3'" . A   A 1 10 ? -0.169  -7.075  -3.233  1.00 50.64 ? 23  A   X "O3'" 1 
ATOM   207  C "C2'" . A   A 1 10 ? -1.494  -6.336  -5.192  1.00 50.08 ? 23  A   X "C2'" 1 
ATOM   208  O "O2'" . A   A 1 10 ? -0.302  -6.495  -5.932  1.00 50.07 ? 23  A   X "O2'" 1 
ATOM   209  C "C1'" . A   A 1 10 ? -2.653  -7.045  -5.893  1.00 49.95 ? 23  A   X "C1'" 1 
ATOM   210  N N9    . A   A 1 10 ? -3.919  -6.299  -6.009  1.00 49.92 ? 23  A   X N9    1 
ATOM   211  C C8    . A   A 1 10 ? -4.709  -6.318  -7.120  1.00 50.03 ? 23  A   X C8    1 
ATOM   212  N N7    . A   A 1 10 ? -5.796  -5.597  -7.029  1.00 49.88 ? 23  A   X N7    1 
ATOM   213  C C5    . A   A 1 10 ? -5.726  -5.058  -5.761  1.00 50.14 ? 23  A   X C5    1 
ATOM   214  C C6    . A   A 1 10 ? -6.595  -4.191  -5.059  1.00 50.27 ? 23  A   X C6    1 
ATOM   215  N N6    . A   A 1 10 ? -7.729  -3.723  -5.590  1.00 49.87 ? 23  A   X N6    1 
ATOM   216  N N1    . A   A 1 10 ? -6.253  -3.825  -3.802  1.00 50.17 ? 23  A   X N1    1 
ATOM   217  C C2    . A   A 1 10 ? -5.111  -4.301  -3.284  1.00 49.72 ? 23  A   X C2    1 
ATOM   218  N N3    . A   A 1 10 ? -4.224  -5.121  -3.851  1.00 49.82 ? 23  A   X N3    1 
ATOM   219  C C4    . A   A 1 10 ? -4.578  -5.474  -5.106  1.00 49.85 ? 23  A   X C4    1 
ATOM   220  P P     . A   A 1 11 ? -0.013  -6.699  -1.682  1.00 51.06 ? 24  A   X P     1 
ATOM   221  O OP1   . A   A 1 11 ? 1.291   -6.035  -1.500  1.00 52.18 ? 24  A   X OP1   1 
ATOM   222  O OP2   . A   A 1 11 ? -0.340  -7.890  -0.865  1.00 51.75 ? 24  A   X OP2   1 
ATOM   223  O "O5'" . A   A 1 11 ? -1.189  -5.638  -1.446  1.00 51.76 ? 24  A   X "O5'" 1 
ATOM   224  C "C5'" . A   A 1 11 ? -1.036  -4.261  -1.709  1.00 50.65 ? 24  A   X "C5'" 1 
ATOM   225  C "C4'" . A   A 1 11 ? -1.519  -3.415  -0.550  1.00 49.91 ? 24  A   X "C4'" 1 
ATOM   226  O "O4'" . A   A 1 11 ? -1.847  -4.223  0.608   1.00 50.29 ? 24  A   X "O4'" 1 
ATOM   227  C "C3'" . A   A 1 11 ? -0.465  -2.451  -0.052  1.00 49.78 ? 24  A   X "C3'" 1 
ATOM   228  O "O3'" . A   A 1 11 ? -0.515  -1.290  -0.852  1.00 50.04 ? 24  A   X "O3'" 1 
ATOM   229  C "C2'" . A   A 1 11 ? -0.924  -2.179  1.372   1.00 50.04 ? 24  A   X "C2'" 1 
ATOM   230  O "O2'" . A   A 1 11 ? -1.955  -1.215  1.421   1.00 49.26 ? 24  A   X "O2'" 1 
ATOM   231  C "C1'" . A   A 1 11 ? -1.456  -3.549  1.798   1.00 50.12 ? 24  A   X "C1'" 1 
ATOM   232  N N9    . A   A 1 11 ? -0.514  -4.390  2.556   1.00 49.64 ? 24  A   X N9    1 
ATOM   233  C C8    . A   A 1 11 ? -0.001  -5.598  2.157   1.00 49.75 ? 24  A   X C8    1 
ATOM   234  N N7    . A   A 1 11 ? 0.813   -6.150  3.026   1.00 49.85 ? 24  A   X N7    1 
ATOM   235  C C5    . A   A 1 11 ? 0.841   -5.244  4.076   1.00 49.69 ? 24  A   X C5    1 
ATOM   236  C C6    . A   A 1 11 ? 1.523   -5.240  5.321   1.00 50.17 ? 24  A   X C6    1 
ATOM   237  N N6    . A   A 1 11 ? 2.335   -6.227  5.715   1.00 49.99 ? 24  A   X N6    1 
ATOM   238  N N1    . A   A 1 11 ? 1.338   -4.186  6.152   1.00 49.75 ? 24  A   X N1    1 
ATOM   239  C C2    . A   A 1 11 ? 0.523   -3.199  5.754   1.00 49.73 ? 24  A   X C2    1 
ATOM   240  N N3    . A   A 1 11 ? -0.173  -3.096  4.615   1.00 50.00 ? 24  A   X N3    1 
ATOM   241  C C4    . A   A 1 11 ? 0.028   -4.154  3.805   1.00 49.30 ? 24  A   X C4    1 
ATOM   242  P P     . U   A 1 12 ? 0.721   -0.920  -1.790  1.00 49.72 ? 25  U   X P     1 
ATOM   243  O OP1   . U   A 1 12 ? 1.810   -1.895  -1.544  1.00 49.51 ? 25  U   X OP1   1 
ATOM   244  O OP2   . U   A 1 12 ? 0.982   0.526   -1.622  1.00 50.12 ? 25  U   X OP2   1 
ATOM   245  O "O5'" . U   A 1 12 ? 0.117   -1.150  -3.249  1.00 50.26 ? 25  U   X "O5'" 1 
ATOM   246  C "C5'" . U   A 1 12 ? 0.573   -2.191  -4.110  1.00 50.30 ? 25  U   X "C5'" 1 
ATOM   247  C "C4'" . U   A 1 12 ? -0.505  -2.485  -5.135  1.00 50.58 ? 25  U   X "C4'" 1 
ATOM   248  O "O4'" . U   A 1 12 ? -1.771  -2.755  -4.470  1.00 50.31 ? 25  U   X "O4'" 1 
ATOM   249  C "C3'" . U   A 1 12 ? -0.828  -1.306  -6.033  1.00 50.64 ? 25  U   X "C3'" 1 
ATOM   250  O "O3'" . U   A 1 12 ? 0.112   -1.189  -7.081  1.00 51.70 ? 25  U   X "O3'" 1 
ATOM   251  C "C2'" . U   A 1 12 ? -2.227  -1.676  -6.518  1.00 50.45 ? 25  U   X "C2'" 1 
ATOM   252  O "O2'" . U   A 1 12 ? -2.249  -2.640  -7.559  1.00 50.38 ? 25  U   X "O2'" 1 
ATOM   253  C "C1'" . U   A 1 12 ? -2.842  -2.214  -5.225  1.00 49.87 ? 25  U   X "C1'" 1 
ATOM   254  N N1    . U   A 1 12 ? -3.583  -1.149  -4.440  1.00 49.74 ? 25  U   X N1    1 
ATOM   255  C C2    . U   A 1 12 ? -4.791  -0.672  -4.926  1.00 49.48 ? 25  U   X C2    1 
ATOM   256  O O2    . U   A 1 12 ? -5.307  -1.064  -5.953  1.00 49.71 ? 25  U   X O2    1 
ATOM   257  N N3    . U   A 1 12 ? -5.396  0.297   -4.159  1.00 49.48 ? 25  U   X N3    1 
ATOM   258  C C4    . U   A 1 12 ? -4.937  0.835   -2.970  1.00 49.62 ? 25  U   X C4    1 
ATOM   259  O O4    . U   A 1 12 ? -5.600  1.703   -2.408  1.00 49.21 ? 25  U   X O4    1 
ATOM   260  C C5    . U   A 1 12 ? -3.675  0.294   -2.514  1.00 49.77 ? 25  U   X C5    1 
ATOM   261  C C6    . U   A 1 12 ? -3.065  -0.651  -3.250  1.00 50.11 ? 25  U   X C6    1 
ATOM   262  P P     . C   A 1 13 ? 0.584   0.265   -7.566  1.00 52.73 ? 26  C   X P     1 
ATOM   263  O OP1   . C   A 1 13 ? 1.566   0.066   -8.658  1.00 53.29 ? 26  C   X OP1   1 
ATOM   264  O OP2   . C   A 1 13 ? 0.976   1.045   -6.374  1.00 52.84 ? 26  C   X OP2   1 
ATOM   265  O "O5'" . C   A 1 13 ? -0.742  0.894   -8.205  1.00 53.93 ? 26  C   X "O5'" 1 
ATOM   266  C "C5'" . C   A 1 13 ? -1.154  0.484   -9.510  1.00 56.39 ? 26  C   X "C5'" 1 
ATOM   267  C "C4'" . C   A 1 13 ? -2.603  0.838   -9.780  1.00 58.06 ? 26  C   X "C4'" 1 
ATOM   268  O "O4'" . C   A 1 13 ? -3.438  0.463   -8.648  1.00 58.72 ? 26  C   X "O4'" 1 
ATOM   269  C "C3'" . C   A 1 13 ? -2.869  2.322   -9.974  1.00 58.70 ? 26  C   X "C3'" 1 
ATOM   270  O "O3'" . C   A 1 13 ? -2.580  2.716   -11.309 1.00 59.94 ? 26  C   X "O3'" 1 
ATOM   271  C "C2'" . C   A 1 13 ? -4.360  2.386   -9.649  1.00 59.17 ? 26  C   X "C2'" 1 
ATOM   272  O "O2'" . C   A 1 13 ? -5.199  1.923   -10.693 1.00 59.59 ? 26  C   X "O2'" 1 
ATOM   273  C "C1'" . C   A 1 13 ? -4.441  1.446   -8.442  1.00 58.94 ? 26  C   X "C1'" 1 
ATOM   274  N N1    . C   A 1 13 ? -4.264  2.169   -7.116  1.00 58.87 ? 26  C   X N1    1 
ATOM   275  C C2    . C   A 1 13 ? -5.277  3.031   -6.654  1.00 58.85 ? 26  C   X C2    1 
ATOM   276  O O2    . C   A 1 13 ? -6.302  3.177   -7.330  1.00 59.23 ? 26  C   X O2    1 
ATOM   277  N N3    . C   A 1 13 ? -5.115  3.685   -5.473  1.00 58.58 ? 26  C   X N3    1 
ATOM   278  C C4    . C   A 1 13 ? -3.999  3.514   -4.758  1.00 58.90 ? 26  C   X C4    1 
ATOM   279  N N4    . C   A 1 13 ? -3.887  4.176   -3.601  1.00 58.73 ? 26  C   X N4    1 
ATOM   280  C C5    . C   A 1 13 ? -2.951  2.648   -5.203  1.00 59.10 ? 26  C   X C5    1 
ATOM   281  C C6    . C   A 1 13 ? -3.124  2.007   -6.370  1.00 58.85 ? 26  C   X C6    1 
ATOM   282  P P     . G   A 1 14 ? -1.891  4.129   -11.641 1.00 60.72 ? 27  G   X P     1 
ATOM   283  O OP1   . G   A 1 14 ? -1.131  3.963   -12.900 1.00 60.55 ? 27  G   X OP1   1 
ATOM   284  O OP2   . G   A 1 14 ? -1.191  4.633   -10.438 1.00 60.79 ? 27  G   X OP2   1 
ATOM   285  O "O5'" . G   A 1 14 ? -3.153  5.069   -11.923 1.00 61.39 ? 27  G   X "O5'" 1 
ATOM   286  C "C5'" . G   A 1 14 ? -4.001  4.837   -13.044 1.00 63.06 ? 27  G   X "C5'" 1 
ATOM   287  C "C4'" . G   A 1 14 ? -5.229  5.729   -12.996 1.00 64.00 ? 27  G   X "C4'" 1 
ATOM   288  O "O4'" . G   A 1 14 ? -6.066  5.329   -11.878 1.00 64.57 ? 27  G   X "O4'" 1 
ATOM   289  C "C3'" . G   A 1 14 ? -4.967  7.212   -12.755 1.00 64.18 ? 27  G   X "C3'" 1 
ATOM   290  O "O3'" . G   A 1 14 ? -4.638  7.896   -13.962 1.00 64.38 ? 27  G   X "O3'" 1 
ATOM   291  C "C2'" . G   A 1 14 ? -6.303  7.654   -12.165 1.00 64.53 ? 27  G   X "C2'" 1 
ATOM   292  O "O2'" . G   A 1 14 ? -7.330  7.778   -13.131 1.00 64.54 ? 27  G   X "O2'" 1 
ATOM   293  C "C1'" . G   A 1 14 ? -6.588  6.479   -11.233 1.00 64.79 ? 27  G   X "C1'" 1 
ATOM   294  N N9    . G   A 1 14 ? -5.985  6.620   -9.902  1.00 64.88 ? 27  G   X N9    1 
ATOM   295  C C8    . G   A 1 14 ? -4.870  5.975   -9.412  1.00 65.04 ? 27  G   X C8    1 
ATOM   296  N N7    . G   A 1 14 ? -4.562  6.298   -8.185  1.00 65.11 ? 27  G   X N7    1 
ATOM   297  C C5    . G   A 1 14 ? -5.539  7.222   -7.833  1.00 65.10 ? 27  G   X C5    1 
ATOM   298  C C6    . G   A 1 14 ? -5.730  7.929   -6.617  1.00 64.99 ? 27  G   X C6    1 
ATOM   299  O O6    . G   A 1 14 ? -5.045  7.867   -5.586  1.00 64.94 ? 27  G   X O6    1 
ATOM   300  N N1    . G   A 1 14 ? -6.846  8.772   -6.669  1.00 64.84 ? 27  G   X N1    1 
ATOM   301  C C2    . G   A 1 14 ? -7.668  8.914   -7.765  1.00 64.88 ? 27  G   X C2    1 
ATOM   302  N N2    . G   A 1 14 ? -8.692  9.768   -7.640  1.00 64.92 ? 27  G   X N2    1 
ATOM   303  N N3    . G   A 1 14 ? -7.500  8.258   -8.909  1.00 64.91 ? 27  G   X N3    1 
ATOM   304  C C4    . G   A 1 14 ? -6.420  7.434   -8.877  1.00 64.96 ? 27  G   X C4    1 
ATOM   305  P P     . C   A 1 15 ? -3.644  9.157   -13.944 1.00 64.40 ? 28  C   X P     1 
ATOM   306  O OP1   . C   A 1 15 ? -3.376  9.513   -15.358 1.00 64.26 ? 28  C   X OP1   1 
ATOM   307  O OP2   . C   A 1 15 ? -2.513  8.856   -13.036 1.00 63.85 ? 28  C   X OP2   1 
ATOM   308  O "O5'" . C   A 1 15 ? -4.528  10.325  -13.284 1.00 64.10 ? 28  C   X "O5'" 1 
ATOM   309  C "C5'" . C   A 1 15 ? -5.613  10.933  -14.001 1.00 63.17 ? 28  C   X "C5'" 1 
ATOM   310  C "C4'" . C   A 1 15 ? -6.514  11.768  -13.101 1.00 62.47 ? 28  C   X "C4'" 1 
ATOM   311  O "O4'" . C   A 1 15 ? -6.880  11.023  -11.911 1.00 61.85 ? 28  C   X "O4'" 1 
ATOM   312  C "C3'" . C   A 1 15 ? -5.905  13.035  -12.516 1.00 62.34 ? 28  C   X "C3'" 1 
ATOM   313  O "O3'" . C   A 1 15 ? -5.817  14.107  -13.454 1.00 62.32 ? 28  C   X "O3'" 1 
ATOM   314  C "C2'" . C   A 1 15 ? -6.898  13.329  -11.395 1.00 62.07 ? 28  C   X "C2'" 1 
ATOM   315  O "O2'" . C   A 1 15 ? -8.125  13.870  -11.847 1.00 62.21 ? 28  C   X "O2'" 1 
ATOM   316  C "C1'" . C   A 1 15 ? -7.110  11.926  -10.837 1.00 61.74 ? 28  C   X "C1'" 1 
ATOM   317  N N1    . C   A 1 15 ? -6.212  11.621  -9.659  1.00 61.61 ? 28  C   X N1    1 
ATOM   318  C C2    . C   A 1 15 ? -6.461  12.213  -8.400  1.00 61.55 ? 28  C   X C2    1 
ATOM   319  O O2    . C   A 1 15 ? -7.416  12.988  -8.247  1.00 61.59 ? 28  C   X O2    1 
ATOM   320  N N3    . C   A 1 15 ? -5.637  11.922  -7.360  1.00 61.26 ? 28  C   X N3    1 
ATOM   321  C C4    . C   A 1 15 ? -4.606  11.090  -7.530  1.00 61.53 ? 28  C   X C4    1 
ATOM   322  N N4    . C   A 1 15 ? -3.829  10.839  -6.472  1.00 61.82 ? 28  C   X N4    1 
ATOM   323  C C5    . C   A 1 15 ? -4.331  10.478  -8.792  1.00 61.44 ? 28  C   X C5    1 
ATOM   324  C C6    . C   A 1 15 ? -5.149  10.768  -9.813  1.00 61.38 ? 28  C   X C6    1 
ATOM   325  P P     . G   A 1 16 ? -4.653  15.196  -13.275 1.00 62.28 ? 29  G   X P     1 
ATOM   326  O OP1   . G   A 1 16 ? -4.663  16.080  -14.464 1.00 61.74 ? 29  G   X OP1   1 
ATOM   327  O OP2   . G   A 1 16 ? -3.410  14.475  -12.910 1.00 62.35 ? 29  G   X OP2   1 
ATOM   328  O "O5'" . G   A 1 16 ? -5.132  16.038  -12.001 1.00 61.54 ? 29  G   X "O5'" 1 
ATOM   329  C "C5'" . G   A 1 16 ? -6.134  17.044  -12.124 1.00 60.64 ? 29  G   X "C5'" 1 
ATOM   330  C "C4'" . G   A 1 16 ? -6.420  17.677  -10.776 1.00 59.77 ? 29  G   X "C4'" 1 
ATOM   331  O "O4'" . G   A 1 16 ? -6.803  16.650  -9.825  1.00 59.54 ? 29  G   X "O4'" 1 
ATOM   332  C "C3'" . G   A 1 16 ? -5.228  18.334  -10.093 1.00 59.28 ? 29  G   X "C3'" 1 
ATOM   333  O "O3'" . G   A 1 16 ? -4.920  19.618  -10.617 1.00 58.48 ? 29  G   X "O3'" 1 
ATOM   334  C "C2'" . G   A 1 16 ? -5.720  18.381  -8.650  1.00 59.17 ? 29  G   X "C2'" 1 
ATOM   335  O "O2'" . G   A 1 16 ? -6.739  19.332  -8.409  1.00 59.10 ? 29  G   X "O2'" 1 
ATOM   336  C "C1'" . G   A 1 16 ? -6.277  16.968  -8.544  1.00 58.99 ? 29  G   X "C1'" 1 
ATOM   337  N N9    . G   A 1 16 ? -5.259  15.993  -8.138  1.00 58.81 ? 29  G   X N9    1 
ATOM   338  C C8    . G   A 1 16 ? -4.644  15.037  -8.913  1.00 58.72 ? 29  G   X C8    1 
ATOM   339  N N7    . G   A 1 16 ? -3.772  14.320  -8.261  1.00 58.64 ? 29  G   X N7    1 
ATOM   340  C C5    . G   A 1 16 ? -3.804  14.833  -6.970  1.00 58.70 ? 29  G   X C5    1 
ATOM   341  C C6    . G   A 1 16 ? -3.076  14.458  -5.806  1.00 58.87 ? 29  G   X C6    1 
ATOM   342  O O6    . G   A 1 16 ? -2.225  13.564  -5.684  1.00 58.73 ? 29  G   X O6    1 
ATOM   343  N N1    . G   A 1 16 ? -3.414  15.245  -4.700  1.00 58.85 ? 29  G   X N1    1 
ATOM   344  C C2    . G   A 1 16 ? -4.342  16.264  -4.714  1.00 58.73 ? 29  G   X C2    1 
ATOM   345  N N2    . G   A 1 16 ? -4.542  16.915  -3.559  1.00 58.72 ? 29  G   X N2    1 
ATOM   346  N N3    . G   A 1 16 ? -5.028  16.619  -5.793  1.00 58.65 ? 29  G   X N3    1 
ATOM   347  C C4    . G   A 1 16 ? -4.712  15.866  -6.880  1.00 58.63 ? 29  G   X C4    1 
ATOM   348  P P     . U   A 1 17 ? -3.384  20.041  -10.799 1.00 58.03 ? 30  U   X P     1 
ATOM   349  O OP1   . U   A 1 17 ? -3.228  20.504  -12.196 1.00 58.09 ? 30  U   X OP1   1 
ATOM   350  O OP2   . U   A 1 17 ? -2.516  18.951  -10.306 1.00 58.02 ? 30  U   X OP2   1 
ATOM   351  O "O5'" . U   A 1 17 ? -3.201  21.302  -9.828  1.00 58.05 ? 30  U   X "O5'" 1 
ATOM   352  C "C5'" . U   A 1 17 ? -4.229  21.737  -8.930  1.00 57.82 ? 30  U   X "C5'" 1 
ATOM   353  C "C4'" . U   A 1 17 ? -3.753  21.817  -7.487  1.00 57.43 ? 30  U   X "C4'" 1 
ATOM   354  O "O4'" . U   A 1 17 ? -3.991  20.566  -6.787  1.00 57.63 ? 30  U   X "O4'" 1 
ATOM   355  C "C3'" . U   A 1 17 ? -2.261  22.013  -7.268  1.00 56.96 ? 30  U   X "C3'" 1 
ATOM   356  O "O3'" . U   A 1 17 ? -1.845  23.331  -7.573  1.00 56.03 ? 30  U   X "O3'" 1 
ATOM   357  C "C2'" . U   A 1 17 ? -2.158  21.673  -5.786  1.00 57.08 ? 30  U   X "C2'" 1 
ATOM   358  O "O2'" . U   A 1 17 ? -2.673  22.683  -4.938  1.00 57.09 ? 30  U   X "O2'" 1 
ATOM   359  C "C1'" . U   A 1 17 ? -3.036  20.424  -5.742  1.00 57.37 ? 30  U   X "C1'" 1 
ATOM   360  N N1    . U   A 1 17 ? -2.241  19.145  -5.893  1.00 57.43 ? 30  U   X N1    1 
ATOM   361  C C2    . U   A 1 17 ? -1.600  18.610  -4.785  1.00 57.53 ? 30  U   X C2    1 
ATOM   362  O O2    . U   A 1 17 ? -1.640  19.108  -3.670  1.00 57.61 ? 30  U   X O2    1 
ATOM   363  N N3    . U   A 1 17 ? -0.895  17.449  -5.026  1.00 57.40 ? 30  U   X N3    1 
ATOM   364  C C4    . U   A 1 17 ? -0.766  16.786  -6.237  1.00 57.36 ? 30  U   X C4    1 
ATOM   365  O O4    . U   A 1 17 ? -0.104  15.755  -6.296  1.00 57.47 ? 30  U   X O4    1 
ATOM   366  C C5    . U   A 1 17 ? -1.455  17.397  -7.346  1.00 57.36 ? 30  U   X C5    1 
ATOM   367  C C6    . U   A 1 17 ? -2.148  18.525  -7.133  1.00 57.41 ? 30  U   X C6    1 
ATOM   368  P P     . G   A 1 18 ? -0.372  23.546  -8.158  1.00 55.48 ? 31  G   X P     1 
ATOM   369  O OP1   . G   A 1 18 ? -0.307  24.918  -8.713  1.00 55.74 ? 31  G   X OP1   1 
ATOM   370  O OP2   . G   A 1 18 ? -0.031  22.387  -9.018  1.00 55.40 ? 31  G   X OP2   1 
ATOM   371  O "O5'" . G   A 1 18 ? 0.548   23.488  -6.848  1.00 54.54 ? 31  G   X "O5'" 1 
ATOM   372  C "C5'" . G   A 1 18 ? 0.468   24.499  -5.844  1.00 52.89 ? 31  G   X "C5'" 1 
ATOM   373  C "C4'" . G   A 1 18 ? 1.081   24.019  -4.541  1.00 51.71 ? 31  G   X "C4'" 1 
ATOM   374  O "O4'" . G   A 1 18 ? 0.445   22.785  -4.119  1.00 51.36 ? 31  G   X "O4'" 1 
ATOM   375  C "C3'" . G   A 1 18 ? 2.556   23.650  -4.609  1.00 51.08 ? 31  G   X "C3'" 1 
ATOM   376  O "O3'" . G   A 1 18 ? 3.391   24.799  -4.541  1.00 50.64 ? 31  G   X "O3'" 1 
ATOM   377  C "C2'" . G   A 1 18 ? 2.690   22.727  -3.401  1.00 50.65 ? 31  G   X "C2'" 1 
ATOM   378  O "O2'" . G   A 1 18 ? 2.723   23.399  -2.157  1.00 50.56 ? 31  G   X "O2'" 1 
ATOM   379  C "C1'" . G   A 1 18 ? 1.406   21.915  -3.545  1.00 50.22 ? 31  G   X "C1'" 1 
ATOM   380  N N9    . G   A 1 18 ? 1.595   20.731  -4.387  1.00 49.96 ? 31  G   X N9    1 
ATOM   381  C C8    . G   A 1 18 ? 1.229   20.548  -5.701  1.00 49.80 ? 31  G   X C8    1 
ATOM   382  N N7    . G   A 1 18 ? 1.548   19.376  -6.177  1.00 49.69 ? 31  G   X N7    1 
ATOM   383  C C5    . G   A 1 18 ? 2.169   18.734  -5.113  1.00 49.81 ? 31  G   X C5    1 
ATOM   384  C C6    . G   A 1 18 ? 2.732   17.435  -5.020  1.00 49.76 ? 31  G   X C6    1 
ATOM   385  O O6    . G   A 1 18 ? 2.791   16.564  -5.899  1.00 49.80 ? 31  G   X O6    1 
ATOM   386  N N1    . G   A 1 18 ? 3.265   17.182  -3.753  1.00 49.70 ? 31  G   X N1    1 
ATOM   387  C C2    . G   A 1 18 ? 3.252   18.084  -2.711  1.00 49.75 ? 31  G   X C2    1 
ATOM   388  N N2    . G   A 1 18 ? 3.800   17.696  -1.555  1.00 49.89 ? 31  G   X N2    1 
ATOM   389  N N3    . G   A 1 18 ? 2.727   19.297  -2.784  1.00 49.73 ? 31  G   X N3    1 
ATOM   390  C C4    . G   A 1 18 ? 2.205   19.558  -4.008  1.00 49.88 ? 31  G   X C4    1 
ATOM   391  P P     . G   A 1 19 ? 4.639   24.926  -5.540  1.00 50.53 ? 32  G   X P     1 
ATOM   392  O OP1   . G   A 1 19 ? 4.900   26.367  -5.772  1.00 50.35 ? 32  G   X OP1   1 
ATOM   393  O OP2   . G   A 1 19 ? 4.420   24.023  -6.696  1.00 50.41 ? 32  G   X OP2   1 
ATOM   394  O "O5'" . G   A 1 19 ? 5.838   24.359  -4.645  1.00 49.72 ? 32  G   X "O5'" 1 
ATOM   395  C "C5'" . G   A 1 19 ? 6.242   23.011  -4.762  1.00 48.15 ? 32  G   X "C5'" 1 
ATOM   396  C "C4'" . G   A 1 19 ? 6.602   22.444  -3.406  1.00 47.29 ? 32  G   X "C4'" 1 
ATOM   397  O "O4'" . G   A 1 19 ? 5.644   21.421  -3.032  1.00 47.10 ? 32  G   X "O4'" 1 
ATOM   398  C "C3'" . G   A 1 19 ? 7.959   21.755  -3.391  1.00 47.00 ? 32  G   X "C3'" 1 
ATOM   399  O "O3'" . G   A 1 19 ? 8.962   22.642  -2.908  1.00 46.49 ? 32  G   X "O3'" 1 
ATOM   400  C "C2'" . G   A 1 19 ? 7.741   20.549  -2.481  1.00 46.69 ? 32  G   X "C2'" 1 
ATOM   401  O "O2'" . G   A 1 19 ? 7.880   20.869  -1.112  1.00 46.64 ? 32  G   X "O2'" 1 
ATOM   402  C "C1'" . G   A 1 19 ? 6.299   20.181  -2.827  1.00 46.64 ? 32  G   X "C1'" 1 
ATOM   403  N N9    . G   A 1 19 ? 6.165   19.353  -4.033  1.00 46.51 ? 32  G   X N9    1 
ATOM   404  C C8    . G   A 1 19 ? 5.519   19.687  -5.203  1.00 46.39 ? 32  G   X C8    1 
ATOM   405  N N7    . G   A 1 19 ? 5.561   18.765  -6.120  1.00 46.30 ? 32  G   X N7    1 
ATOM   406  C C5    . G   A 1 19 ? 6.280   17.740  -5.523  1.00 46.36 ? 32  G   X C5    1 
ATOM   407  C C6    . G   A 1 19 ? 6.644   16.473  -6.038  1.00 46.32 ? 32  G   X C6    1 
ATOM   408  O O6    . G   A 1 19 ? 6.387   16.012  -7.156  1.00 46.39 ? 32  G   X O6    1 
ATOM   409  N N1    . G   A 1 19 ? 7.376   15.717  -5.117  1.00 46.49 ? 32  G   X N1    1 
ATOM   410  C C2    . G   A 1 19 ? 7.715   16.144  -3.850  1.00 46.55 ? 32  G   X C2    1 
ATOM   411  N N2    . G   A 1 19 ? 8.427   15.296  -3.094  1.00 46.48 ? 32  G   X N2    1 
ATOM   412  N N3    . G   A 1 19 ? 7.377   17.332  -3.356  1.00 46.62 ? 32  G   X N3    1 
ATOM   413  C C4    . G   A 1 19 ? 6.662   18.081  -4.241  1.00 46.57 ? 32  G   X C4    1 
ATOM   414  P P     . A   A 1 20 ? 10.403  22.614  -3.594  1.00 46.10 ? 33  A   X P     1 
ATOM   415  O OP1   . A   A 1 20 ? 11.203  23.731  -3.038  1.00 46.21 ? 33  A   X OP1   1 
ATOM   416  O OP2   . A   A 1 20 ? 10.219  22.508  -5.059  1.00 46.25 ? 33  A   X OP2   1 
ATOM   417  O "O5'" . A   A 1 20 ? 11.002  21.230  -3.064  1.00 45.66 ? 33  A   X "O5'" 1 
ATOM   418  C "C5'" . A   A 1 20 ? 11.396  21.069  -1.704  1.00 45.06 ? 33  A   X "C5'" 1 
ATOM   419  C "C4'" . A   A 1 20 ? 12.035  19.708  -1.503  1.00 44.61 ? 33  A   X "C4'" 1 
ATOM   420  O "O4'" . A   A 1 20 ? 11.087  18.673  -1.863  1.00 44.56 ? 33  A   X "O4'" 1 
ATOM   421  C "C3'" . A   A 1 20 ? 13.242  19.421  -2.383  1.00 44.23 ? 33  A   X "C3'" 1 
ATOM   422  O "O3'" . A   A 1 20 ? 14.424  19.969  -1.817  1.00 43.81 ? 33  A   X "O3'" 1 
ATOM   423  C "C2'" . A   A 1 20 ? 13.258  17.898  -2.401  1.00 44.28 ? 33  A   X "C2'" 1 
ATOM   424  O "O2'" . A   A 1 20 ? 13.846  17.332  -1.247  1.00 44.40 ? 33  A   X "O2'" 1 
ATOM   425  C "C1'" . A   A 1 20 ? 11.769  17.569  -2.433  1.00 44.34 ? 33  A   X "C1'" 1 
ATOM   426  N N9    . A   A 1 20 ? 11.243  17.301  -3.774  1.00 44.28 ? 33  A   X N9    1 
ATOM   427  C C8    . A   A 1 20 ? 10.402  18.093  -4.508  1.00 44.30 ? 33  A   X C8    1 
ATOM   428  N N7    . A   A 1 20 ? 10.088  17.601  -5.683  1.00 44.22 ? 33  A   X N7    1 
ATOM   429  C C5    . A   A 1 20 ? 10.771  16.397  -5.726  1.00 44.35 ? 33  A   X C5    1 
ATOM   430  C C6    . A   A 1 20 ? 10.857  15.385  -6.709  1.00 44.43 ? 33  A   X C6    1 
ATOM   431  N N6    . A   A 1 20 ? 10.220  15.447  -7.882  1.00 44.46 ? 33  A   X N6    1 
ATOM   432  N N1    . A   A 1 20 ? 11.627  14.307  -6.445  1.00 44.29 ? 33  A   X N1    1 
ATOM   433  C C2    . A   A 1 20 ? 12.268  14.248  -5.268  1.00 44.23 ? 33  A   X C2    1 
ATOM   434  N N3    . A   A 1 20 ? 12.264  15.130  -4.267  1.00 44.12 ? 33  A   X N3    1 
ATOM   435  C C4    . A   A 1 20 ? 11.488  16.194  -4.559  1.00 44.24 ? 33  A   X C4    1 
ATOM   436  P P     . U   A 1 21 ? 15.509  20.671  -2.764  1.00 43.52 ? 34  U   X P     1 
ATOM   437  O OP1   . U   A 1 21 ? 16.442  21.425  -1.897  1.00 43.75 ? 34  U   X OP1   1 
ATOM   438  O OP2   . U   A 1 21 ? 14.805  21.369  -3.863  1.00 43.38 ? 34  U   X OP2   1 
ATOM   439  O "O5'" . U   A 1 21 ? 16.298  19.430  -3.384  1.00 43.81 ? 34  U   X "O5'" 1 
ATOM   440  C "C5'" . U   A 1 21 ? 16.939  18.477  -2.543  1.00 44.53 ? 34  U   X "C5'" 1 
ATOM   441  C "C4'" . U   A 1 21 ? 17.140  17.178  -3.297  1.00 45.22 ? 34  U   X "C4'" 1 
ATOM   442  O "O4'" . U   A 1 21 ? 15.913  16.827  -3.990  1.00 45.84 ? 34  U   X "O4'" 1 
ATOM   443  C "C3'" . U   A 1 21 ? 18.242  17.218  -4.349  1.00 45.41 ? 34  U   X "C3'" 1 
ATOM   444  O "O3'" . U   A 1 21 ? 19.086  16.091  -4.202  1.00 45.46 ? 34  U   X "O3'" 1 
ATOM   445  C "C2'" . U   A 1 21 ? 17.500  17.183  -5.683  1.00 45.71 ? 34  U   X "C2'" 1 
ATOM   446  O "O2'" . U   A 1 21 ? 18.202  16.460  -6.675  1.00 45.80 ? 34  U   X "O2'" 1 
ATOM   447  C "C1'" . U   A 1 21 ? 16.205  16.464  -5.321  1.00 46.24 ? 34  U   X "C1'" 1 
ATOM   448  N N1    . U   A 1 21 ? 15.076  16.844  -6.236  1.00 46.57 ? 34  U   X N1    1 
ATOM   449  C C2    . U   A 1 21 ? 14.710  15.966  -7.244  1.00 46.65 ? 34  U   X C2    1 
ATOM   450  O O2    . U   A 1 21 ? 15.244  14.886  -7.427  1.00 46.63 ? 34  U   X O2    1 
ATOM   451  N N3    . U   A 1 21 ? 13.677  16.401  -8.043  1.00 46.79 ? 34  U   X N3    1 
ATOM   452  C C4    . U   A 1 21 ? 12.994  17.601  -7.944  1.00 46.64 ? 34  U   X C4    1 
ATOM   453  O O4    . U   A 1 21 ? 12.087  17.846  -8.733  1.00 46.64 ? 34  U   X O4    1 
ATOM   454  C C5    . U   A 1 21 ? 13.431  18.466  -6.873  1.00 46.66 ? 34  U   X C5    1 
ATOM   455  C C6    . U   A 1 21 ? 14.435  18.064  -6.079  1.00 46.65 ? 34  U   X C6    1 
ATOM   456  P P     . A   A 1 22 ? 20.613  16.281  -3.767  1.00 45.45 ? 35  A   X P     1 
ATOM   457  O OP1   . A   A 1 22 ? 20.640  16.916  -2.432  1.00 45.81 ? 35  A   X OP1   1 
ATOM   458  O OP2   . A   A 1 22 ? 21.357  16.892  -4.889  1.00 45.34 ? 35  A   X OP2   1 
ATOM   459  O "O5'" . A   A 1 22 ? 21.086  14.765  -3.606  1.00 45.56 ? 35  A   X "O5'" 1 
ATOM   460  C "C5'" . A   A 1 22 ? 20.450  13.891  -2.673  1.00 45.14 ? 35  A   X "C5'" 1 
ATOM   461  C "C4'" . A   A 1 22 ? 20.935  12.470  -2.887  1.00 45.07 ? 35  A   X "C4'" 1 
ATOM   462  O "O4'" . A   A 1 22 ? 20.440  12.007  -4.164  1.00 44.59 ? 35  A   X "O4'" 1 
ATOM   463  C "C3'" . A   A 1 22 ? 22.453  12.289  -2.922  1.00 45.35 ? 35  A   X "C3'" 1 
ATOM   464  O "O3'" . A   A 1 22 ? 22.838  11.160  -2.125  1.00 46.24 ? 35  A   X "O3'" 1 
ATOM   465  C "C2'" . A   A 1 22 ? 22.771  12.109  -4.409  1.00 44.99 ? 35  A   X "C2'" 1 
ATOM   466  O "O2'" . A   A 1 22 ? 23.893  11.276  -4.633  1.00 44.79 ? 35  A   X "O2'" 1 
ATOM   467  C "C1'" . A   A 1 22 ? 21.487  11.466  -4.937  1.00 44.46 ? 35  A   X "C1'" 1 
ATOM   468  N N9    . A   A 1 22 ? 21.196  11.770  -6.337  1.00 44.24 ? 35  A   X N9    1 
ATOM   469  C C8    . A   A 1 22 ? 20.364  12.750  -6.806  1.00 44.17 ? 35  A   X C8    1 
ATOM   470  N N7    . A   A 1 22 ? 20.285  12.803  -8.114  1.00 44.16 ? 35  A   X N7    1 
ATOM   471  C C5    . A   A 1 22 ? 21.125  11.787  -8.536  1.00 44.18 ? 35  A   X C5    1 
ATOM   472  C C6    . A   A 1 22 ? 21.484  11.320  -9.821  1.00 44.18 ? 35  A   X C6    1 
ATOM   473  N N6    . A   A 1 22 ? 21.010  11.850  -10.952 1.00 44.16 ? 35  A   X N6    1 
ATOM   474  N N1    . A   A 1 22 ? 22.351  10.282  -9.899  1.00 44.23 ? 35  A   X N1    1 
ATOM   475  C C2    . A   A 1 22 ? 22.823  9.746   -8.762  1.00 44.22 ? 35  A   X C2    1 
ATOM   476  N N3    . A   A 1 22 ? 22.561  10.103  -7.501  1.00 44.21 ? 35  A   X N3    1 
ATOM   477  C C4    . A   A 1 22 ? 21.697  11.137  -7.454  1.00 44.20 ? 35  A   X C4    1 
ATOM   478  P P     . U   A 1 23 ? 23.222  11.339  -0.577  1.00 46.66 ? 36  U   X P     1 
ATOM   479  O OP1   . U   A 1 23 ? 23.943  12.625  -0.436  1.00 46.30 ? 36  U   X OP1   1 
ATOM   480  O OP2   . U   A 1 23 ? 23.875  10.090  -0.117  1.00 46.53 ? 36  U   X OP2   1 
ATOM   481  O "O5'" . U   A 1 23 ? 21.771  11.486  0.108   1.00 46.88 ? 36  U   X "O5'" 1 
ATOM   482  C "C5'" . U   A 1 23 ? 21.426  10.883  1.365   1.00 46.57 ? 36  U   X "C5'" 1 
ATOM   483  C "C4'" . U   A 1 23 ? 21.175  11.913  2.462   1.00 46.58 ? 36  U   X "C4'" 1 
ATOM   484  O "O4'" . U   A 1 23 ? 22.444  12.444  2.934   1.00 46.63 ? 36  U   X "O4'" 1 
ATOM   485  C "C3'" . U   A 1 23 ? 20.314  13.126  2.093   1.00 46.64 ? 36  U   X "C3'" 1 
ATOM   486  O "O3'" . U   A 1 23 ? 19.360  13.433  3.127   1.00 47.07 ? 36  U   X "O3'" 1 
ATOM   487  C "C2'" . U   A 1 23 ? 21.348  14.247  1.977   1.00 46.46 ? 36  U   X "C2'" 1 
ATOM   488  O "O2'" . U   A 1 23 ? 20.804  15.527  2.229   1.00 46.11 ? 36  U   X "O2'" 1 
ATOM   489  C "C1'" . U   A 1 23 ? 22.305  13.839  3.093   1.00 46.63 ? 36  U   X "C1'" 1 
ATOM   490  N N1    . U   A 1 23 ? 23.655  14.509  3.087   1.00 46.66 ? 36  U   X N1    1 
ATOM   491  C C2    . U   A 1 23 ? 23.895  15.561  3.961   1.00 46.74 ? 36  U   X C2    1 
ATOM   492  O O2    . U   A 1 23 ? 23.067  15.989  4.748   1.00 46.88 ? 36  U   X O2    1 
ATOM   493  N N3    . U   A 1 23 ? 25.157  16.109  3.886   1.00 46.82 ? 36  U   X N3    1 
ATOM   494  C C4    . U   A 1 23 ? 26.185  15.719  3.041   1.00 46.78 ? 36  U   X C4    1 
ATOM   495  O O4    . U   A 1 23 ? 27.263  16.302  3.082   1.00 46.65 ? 36  U   X O4    1 
ATOM   496  C C5    . U   A 1 23 ? 25.864  14.619  2.160   1.00 46.87 ? 36  U   X C5    1 
ATOM   497  C C6    . U   A 1 23 ? 24.641  14.069  2.218   1.00 46.73 ? 36  U   X C6    1 
ATOM   498  P P     . G   A 1 24 ? 17.944  12.706  3.343   1.00 47.63 ? 37  G   X P     1 
ATOM   499  O OP1   . G   A 1 24 ? 17.601  12.890  4.769   1.00 48.08 ? 37  G   X OP1   1 
ATOM   500  O OP2   . G   A 1 24 ? 17.979  11.339  2.770   1.00 47.42 ? 37  G   X OP2   1 
ATOM   501  O "O5'" . G   A 1 24 ? 16.922  13.598  2.503   1.00 47.41 ? 37  G   X "O5'" 1 
ATOM   502  C "C5'" . G   A 1 24 ? 16.892  13.396  1.119   1.00 47.26 ? 37  G   X "C5'" 1 
ATOM   503  C "C4'" . G   A 1 24 ? 15.844  14.204  0.397   1.00 47.07 ? 37  G   X "C4'" 1 
ATOM   504  O "O4'" . G   A 1 24 ? 16.470  14.619  -0.845  1.00 46.94 ? 37  G   X "O4'" 1 
ATOM   505  C "C3'" . G   A 1 24 ? 14.622  13.377  0.011   1.00 46.93 ? 37  G   X "C3'" 1 
ATOM   506  O "O3'" . G   A 1 24 ? 13.476  13.776  0.767   1.00 46.87 ? 37  G   X "O3'" 1 
ATOM   507  C "C2'" . G   A 1 24 ? 14.467  13.643  -1.489  1.00 47.05 ? 37  G   X "C2'" 1 
ATOM   508  O "O2'" . G   A 1 24 ? 13.660  14.770  -1.767  1.00 46.92 ? 37  G   X "O2'" 1 
ATOM   509  C "C1'" . G   A 1 24 ? 15.896  13.919  -1.935  1.00 47.30 ? 37  G   X "C1'" 1 
ATOM   510  N N9    . G   A 1 24 ? 16.661  12.714  -2.299  1.00 47.31 ? 37  G   X N9    1 
ATOM   511  C C8    . G   A 1 24 ? 17.342  11.853  -1.465  1.00 47.27 ? 37  G   X C8    1 
ATOM   512  N N7    . G   A 1 24 ? 17.925  10.860  -2.069  1.00 47.33 ? 37  G   X N7    1 
ATOM   513  C C5    . G   A 1 24 ? 17.611  11.063  -3.403  1.00 47.32 ? 37  G   X C5    1 
ATOM   514  C C6    . G   A 1 24 ? 17.975  10.300  -4.539  1.00 47.31 ? 37  G   X C6    1 
ATOM   515  O O6    . G   A 1 24 ? 18.663  9.270   -4.571  1.00 47.28 ? 37  G   X O6    1 
ATOM   516  N N1    . G   A 1 24 ? 17.461  10.839  -5.717  1.00 47.35 ? 37  G   X N1    1 
ATOM   517  C C2    . G   A 1 24 ? 16.689  11.979  -5.785  1.00 47.39 ? 37  G   X C2    1 
ATOM   518  N N2    . G   A 1 24 ? 16.283  12.345  -7.011  1.00 47.40 ? 37  G   X N2    1 
ATOM   519  N N3    . G   A 1 24 ? 16.342  12.705  -4.725  1.00 47.21 ? 37  G   X N3    1 
ATOM   520  C C4    . G   A 1 24 ? 16.837  12.195  -3.566  1.00 47.19 ? 37  G   X C4    1 
ATOM   521  P P     . G   A 1 25 ? 12.304  12.752  1.173   1.00 46.71 ? 38  G   X P     1 
ATOM   522  O OP1   . G   A 1 25 ? 11.197  13.582  1.698   1.00 46.87 ? 38  G   X OP1   1 
ATOM   523  O OP2   . G   A 1 25 ? 12.870  11.676  2.014   1.00 46.41 ? 38  G   X OP2   1 
ATOM   524  O "O5'" . G   A 1 25 ? 11.839  12.101  -0.211  1.00 46.78 ? 38  G   X "O5'" 1 
ATOM   525  C "C5'" . G   A 1 25 ? 10.945  12.786  -1.085  1.00 47.45 ? 38  G   X "C5'" 1 
ATOM   526  C "C4'" . G   A 1 25 ? 10.851  12.078  -2.423  1.00 47.79 ? 38  G   X "C4'" 1 
ATOM   527  O "O4'" . G   A 1 25 ? 12.168  12.005  -3.019  1.00 47.70 ? 38  G   X "O4'" 1 
ATOM   528  C "C3'" . G   A 1 25 ? 10.411  10.622  -2.370  1.00 48.34 ? 38  G   X "C3'" 1 
ATOM   529  O "O3'" . G   A 1 25 ? 8.996   10.518  -2.218  1.00 49.87 ? 38  G   X "O3'" 1 
ATOM   530  C "C2'" . G   A 1 25 ? 10.918  10.123  -3.722  1.00 47.88 ? 38  G   X "C2'" 1 
ATOM   531  O "O2'" . G   A 1 25 ? 10.089  10.480  -4.815  1.00 47.89 ? 38  G   X "O2'" 1 
ATOM   532  C "C1'" . G   A 1 25 ? 12.265  10.843  -3.821  1.00 47.31 ? 38  G   X "C1'" 1 
ATOM   533  N N9    . G   A 1 25 ? 13.380  10.006  -3.369  1.00 47.17 ? 38  G   X N9    1 
ATOM   534  C C8    . G   A 1 25 ? 13.806  9.798   -2.076  1.00 47.00 ? 38  G   X C8    1 
ATOM   535  N N7    . G   A 1 25 ? 14.819  8.983   -1.979  1.00 46.75 ? 38  G   X N7    1 
ATOM   536  C C5    . G   A 1 25 ? 15.083  8.622   -3.293  1.00 47.02 ? 38  G   X C5    1 
ATOM   537  C C6    . G   A 1 25 ? 16.071  7.754   -3.820  1.00 47.00 ? 38  G   X C6    1 
ATOM   538  O O6    . G   A 1 25 ? 16.936  7.120   -3.204  1.00 47.02 ? 38  G   X O6    1 
ATOM   539  N N1    . G   A 1 25 ? 16.001  7.662   -5.213  1.00 47.12 ? 38  G   X N1    1 
ATOM   540  C C2    . G   A 1 25 ? 15.083  8.321   -6.000  1.00 46.97 ? 38  G   X C2    1 
ATOM   541  N N2    . G   A 1 25 ? 15.162  8.108   -7.321  1.00 46.84 ? 38  G   X N2    1 
ATOM   542  N N3    . G   A 1 25 ? 14.150  9.134   -5.518  1.00 47.11 ? 38  G   X N3    1 
ATOM   543  C C4    . G   A 1 25 ? 14.205  9.240   -4.162  1.00 47.17 ? 38  G   X C4    1 
ATOM   544  P P     . C   A 1 26 ? 8.331   9.433   -1.242  1.00 50.91 ? 39  C   X P     1 
ATOM   545  O OP1   . C   A 1 26 ? 9.401   8.681   -0.543  1.00 50.96 ? 39  C   X OP1   1 
ATOM   546  O OP2   . C   A 1 26 ? 7.321   8.703   -2.036  1.00 51.12 ? 39  C   X OP2   1 
ATOM   547  O "O5'" . C   A 1 26 ? 7.556   10.327  -0.166  1.00 50.95 ? 39  C   X "O5'" 1 
ATOM   548  C "C5'" . C   A 1 26 ? 8.148   10.638  1.092   1.00 51.39 ? 39  C   X "C5'" 1 
ATOM   549  C "C4'" . C   A 1 26 ? 7.748   12.034  1.536   1.00 52.03 ? 39  C   X "C4'" 1 
ATOM   550  O "O4'" . C   A 1 26 ? 8.064   12.999  0.495   1.00 51.54 ? 39  C   X "O4'" 1 
ATOM   551  C "C3'" . C   A 1 26 ? 6.256   12.238  1.773   1.00 52.40 ? 39  C   X "C3'" 1 
ATOM   552  O "O3'" . C   A 1 26 ? 5.858   11.752  3.045   1.00 53.27 ? 39  C   X "O3'" 1 
ATOM   553  C "C2'" . C   A 1 26 ? 6.156   13.756  1.666   1.00 52.15 ? 39  C   X "C2'" 1 
ATOM   554  O "O2'" . C   A 1 26 ? 6.620   14.451  2.812   1.00 52.41 ? 39  C   X "O2'" 1 
ATOM   555  C "C1'" . C   A 1 26 ? 7.073   14.015  0.470   1.00 51.28 ? 39  C   X "C1'" 1 
ATOM   556  N N1    . C   A 1 26 ? 6.324   14.032  -0.843  1.00 50.77 ? 39  C   X N1    1 
ATOM   557  C C2    . C   A 1 26 ? 5.488   15.123  -1.143  1.00 50.79 ? 39  C   X C2    1 
ATOM   558  O O2    . C   A 1 26 ? 5.380   16.058  -0.335  1.00 50.63 ? 39  C   X O2    1 
ATOM   559  N N3    . C   A 1 26 ? 4.810   15.135  -2.324  1.00 50.63 ? 39  C   X N3    1 
ATOM   560  C C4    . C   A 1 26 ? 4.939   14.121  -3.185  1.00 50.71 ? 39  C   X C4    1 
ATOM   561  N N4    . C   A 1 26 ? 4.254   14.186  -4.330  1.00 50.54 ? 39  C   X N4    1 
ATOM   562  C C5    . C   A 1 26 ? 5.780   12.999  -2.902  1.00 50.66 ? 39  C   X C5    1 
ATOM   563  C C6    . C   A 1 26 ? 6.441   12.998  -1.735  1.00 50.69 ? 39  C   X C6    1 
ATOM   564  P P     . A   A 1 27 ? 4.372   11.207  3.272   1.00 54.02 ? 40  A   X P     1 
ATOM   565  O OP1   . A   A 1 27 ? 4.337   10.576  4.608   1.00 54.51 ? 40  A   X OP1   1 
ATOM   566  O OP2   . A   A 1 27 ? 3.968   10.415  2.091   1.00 54.46 ? 40  A   X OP2   1 
ATOM   567  O "O5'" . A   A 1 27 ? 3.503   12.549  3.322   1.00 54.88 ? 40  A   X "O5'" 1 
ATOM   568  C "C5'" . A   A 1 27 ? 3.649   13.452  4.417   1.00 56.07 ? 40  A   X "C5'" 1 
ATOM   569  C "C4'" . A   A 1 27 ? 2.919   14.758  4.162   1.00 57.01 ? 40  A   X "C4'" 1 
ATOM   570  O "O4'" . A   A 1 27 ? 3.368   15.342  2.913   1.00 56.85 ? 40  A   X "O4'" 1 
ATOM   571  C "C3'" . A   A 1 27 ? 1.410   14.636  3.993   1.00 57.74 ? 40  A   X "C3'" 1 
ATOM   572  O "O3'" . A   A 1 27 ? 0.756   14.605  5.252   1.00 59.28 ? 40  A   X "O3'" 1 
ATOM   573  C "C2'" . A   A 1 27 ? 1.080   15.899  3.202   1.00 57.18 ? 40  A   X "C2'" 1 
ATOM   574  O "O2'" . A   A 1 27 ? 1.007   17.068  3.998   1.00 56.52 ? 40  A   X "O2'" 1 
ATOM   575  C "C1'" . A   A 1 27 ? 2.277   15.973  2.257   1.00 56.61 ? 40  A   X "C1'" 1 
ATOM   576  N N9    . A   A 1 27 ? 2.055   15.338  0.953   1.00 56.37 ? 40  A   X N9    1 
ATOM   577  C C8    . A   A 1 27 ? 2.453   14.088  0.568   1.00 56.15 ? 40  A   X C8    1 
ATOM   578  N N7    . A   A 1 27 ? 2.126   13.781  -0.663  1.00 56.26 ? 40  A   X N7    1 
ATOM   579  C C5    . A   A 1 27 ? 1.467   14.907  -1.125  1.00 56.13 ? 40  A   X C5    1 
ATOM   580  C C6    . A   A 1 27 ? 0.871   15.218  -2.368  1.00 56.13 ? 40  A   X C6    1 
ATOM   581  N N6    . A   A 1 27 ? 0.850   14.373  -3.404  1.00 56.15 ? 40  A   X N6    1 
ATOM   582  N N1    . A   A 1 27 ? 0.290   16.431  -2.503  1.00 56.15 ? 40  A   X N1    1 
ATOM   583  C C2    . A   A 1 27 ? 0.308   17.278  -1.461  1.00 56.23 ? 40  A   X C2    1 
ATOM   584  N N3    . A   A 1 27 ? 0.842   17.097  -0.249  1.00 56.10 ? 40  A   X N3    1 
ATOM   585  C C4    . A   A 1 27 ? 1.412   15.880  -0.141  1.00 56.19 ? 40  A   X C4    1 
ATOM   586  P P     . C   A 1 28 ? -0.556  13.709  5.465   1.00 60.71 ? 41  C   X P     1 
ATOM   587  O OP1   . C   A 1 28 ? -1.372  14.413  6.484   1.00 60.80 ? 41  C   X OP1   1 
ATOM   588  O OP2   . C   A 1 28 ? -0.128  12.308  5.687   1.00 60.61 ? 41  C   X OP2   1 
ATOM   589  O "O5'" . C   A 1 28 ? -1.318  13.766  4.054   1.00 61.00 ? 41  C   X "O5'" 1 
ATOM   590  C "C5'" . C   A 1 28 ? -2.730  13.929  4.001   1.00 61.36 ? 41  C   X "C5'" 1 
ATOM   591  C "C4'" . C   A 1 28 ? -3.128  15.375  3.740   1.00 61.25 ? 41  C   X "C4'" 1 
ATOM   592  O "O4'" . C   A 1 28 ? -2.190  16.019  2.835   1.00 60.91 ? 41  C   X "O4'" 1 
ATOM   593  C "C3'" . C   A 1 28 ? -4.481  15.497  3.058   1.00 61.38 ? 41  C   X "C3'" 1 
ATOM   594  O "O3'" . C   A 1 28 ? -5.503  15.632  4.033   1.00 61.87 ? 41  C   X "O3'" 1 
ATOM   595  C "C2'" . C   A 1 28 ? -4.324  16.720  2.157   1.00 61.14 ? 41  C   X "C2'" 1 
ATOM   596  O "O2'" . C   A 1 28 ? -4.535  17.948  2.829   1.00 61.32 ? 41  C   X "O2'" 1 
ATOM   597  C "C1'" . C   A 1 28 ? -2.866  16.578  1.720   1.00 60.52 ? 41  C   X "C1'" 1 
ATOM   598  N N1    . C   A 1 28 ? -2.653  15.714  0.485   1.00 60.20 ? 41  C   X N1    1 
ATOM   599  C C2    . C   A 1 28 ? -3.094  16.143  -0.785  1.00 59.99 ? 41  C   X C2    1 
ATOM   600  O O2    . C   A 1 28 ? -3.664  17.235  -0.919  1.00 59.72 ? 41  C   X O2    1 
ATOM   601  N N3    . C   A 1 28 ? -2.884  15.336  -1.862  1.00 60.01 ? 41  C   X N3    1 
ATOM   602  C C4    . C   A 1 28 ? -2.268  14.156  -1.720  1.00 59.98 ? 41  C   X C4    1 
ATOM   603  N N4    . C   A 1 28 ? -2.083  13.399  -2.805  1.00 59.84 ? 41  C   X N4    1 
ATOM   604  C C5    . C   A 1 28 ? -1.811  13.699  -0.447  1.00 59.88 ? 41  C   X C5    1 
ATOM   605  C C6    . C   A 1 28 ? -2.020  14.501  0.604   1.00 59.94 ? 41  C   X C6    1 
ATOM   606  P P     . G   A 1 29 ? -6.650  14.517  4.101   1.00 62.45 ? 42  G   X P     1 
ATOM   607  O OP1   . G   A 1 29 ? -7.519  14.837  5.254   1.00 62.78 ? 42  G   X OP1   1 
ATOM   608  O OP2   . G   A 1 29 ? -6.017  13.179  4.038   1.00 62.33 ? 42  G   X OP2   1 
ATOM   609  O "O5'" . G   A 1 29 ? -7.465  14.787  2.745   1.00 62.45 ? 42  G   X "O5'" 1 
ATOM   610  C "C5'" . G   A 1 29 ? -8.262  15.964  2.612   1.00 62.48 ? 42  G   X "C5'" 1 
ATOM   611  C "C4'" . G   A 1 29 ? -8.540  16.325  1.163   1.00 62.58 ? 42  G   X "C4'" 1 
ATOM   612  O "O4'" . G   A 1 29 ? -7.305  16.436  0.408   1.00 62.32 ? 42  G   X "O4'" 1 
ATOM   613  C "C3'" . G   A 1 29 ? -9.326  15.318  0.336   1.00 62.70 ? 42  G   X "C3'" 1 
ATOM   614  O "O3'" . G   A 1 29 ? -10.712 15.247  0.671   1.00 63.34 ? 42  G   X "O3'" 1 
ATOM   615  C "C2'" . G   A 1 29 ? -9.084  15.898  -1.053  1.00 62.55 ? 42  G   X "C2'" 1 
ATOM   616  O "O2'" . G   A 1 29 ? -9.801  17.089  -1.325  1.00 62.28 ? 42  G   X "O2'" 1 
ATOM   617  C "C1'" . G   A 1 29 ? -7.582  16.166  -0.960  1.00 62.09 ? 42  G   X "C1'" 1 
ATOM   618  N N9    . G   A 1 29 ? -6.806  15.010  -1.422  1.00 62.06 ? 42  G   X N9    1 
ATOM   619  C C8    . G   A 1 29 ? -6.009  14.182  -0.664  1.00 61.88 ? 42  G   X C8    1 
ATOM   620  N N7    . G   A 1 29 ? -5.447  13.225  -1.349  1.00 61.83 ? 42  G   X N7    1 
ATOM   621  C C5    . G   A 1 29 ? -5.902  13.423  -2.647  1.00 61.81 ? 42  G   X C5    1 
ATOM   622  C C6    . G   A 1 29 ? -5.630  12.695  -3.831  1.00 61.74 ? 42  G   X C6    1 
ATOM   623  O O6    . G   A 1 29 ? -4.909  11.697  -3.962  1.00 61.78 ? 42  G   X O6    1 
ATOM   624  N N1    . G   A 1 29 ? -6.293  13.223  -4.941  1.00 61.85 ? 42  G   X N1    1 
ATOM   625  C C2    . G   A 1 29 ? -7.119  14.324  -4.907  1.00 61.72 ? 42  G   X C2    1 
ATOM   626  N N2    . G   A 1 29 ? -7.673  14.696  -6.068  1.00 61.77 ? 42  G   X N2    1 
ATOM   627  N N3    . G   A 1 29 ? -7.381  15.017  -3.805  1.00 61.69 ? 42  G   X N3    1 
ATOM   628  C C4    . G   A 1 29 ? -6.743  14.515  -2.712  1.00 61.90 ? 42  G   X C4    1 
ATOM   629  P P     . C   A 1 30 ? -11.433 13.812  0.772   1.00 63.79 ? 43  C   X P     1 
ATOM   630  O OP1   . C   A 1 30 ? -12.105 13.763  2.089   1.00 63.71 ? 43  C   X OP1   1 
ATOM   631  O OP2   . C   A 1 30 ? -10.445 12.763  0.442   1.00 63.89 ? 43  C   X OP2   1 
ATOM   632  O "O5'" . C   A 1 30 ? -12.559 13.812  -0.377  1.00 64.23 ? 43  C   X "O5'" 1 
ATOM   633  C "C5'" . C   A 1 30 ? -12.637 14.809  -1.407  1.00 64.74 ? 43  C   X "C5'" 1 
ATOM   634  C "C4'" . C   A 1 30 ? -12.502 14.269  -2.830  1.00 65.23 ? 43  C   X "C4'" 1 
ATOM   635  O "O4'" . C   A 1 30 ? -11.114 14.303  -3.267  1.00 65.21 ? 43  C   X "O4'" 1 
ATOM   636  C "C3'" . C   A 1 30 ? -12.899 12.822  -3.124  1.00 65.36 ? 43  C   X "C3'" 1 
ATOM   637  O "O3'" . C   A 1 30 ? -14.312 12.620  -3.142  1.00 65.73 ? 43  C   X "O3'" 1 
ATOM   638  C "C2'" . C   A 1 30 ? -12.278 12.671  -4.514  1.00 65.38 ? 43  C   X "C2'" 1 
ATOM   639  O "O2'" . C   A 1 30 ? -12.978 13.345  -5.546  1.00 65.42 ? 43  C   X "O2'" 1 
ATOM   640  C "C1'" . C   A 1 30 ? -10.918 13.323  -4.282  1.00 64.96 ? 43  C   X "C1'" 1 
ATOM   641  N N1    . C   A 1 30 ? -9.859  12.305  -3.906  1.00 64.64 ? 43  C   X N1    1 
ATOM   642  C C2    . C   A 1 30 ? -9.219  11.551  -4.913  1.00 64.50 ? 43  C   X C2    1 
ATOM   643  O O2    . C   A 1 30 ? -9.515  11.727  -6.104  1.00 64.45 ? 43  C   X O2    1 
ATOM   644  N N3    . C   A 1 30 ? -8.276  10.635  -4.557  1.00 64.42 ? 43  C   X N3    1 
ATOM   645  C C4    . C   A 1 30 ? -7.967  10.452  -3.268  1.00 64.55 ? 43  C   X C4    1 
ATOM   646  N N4    . C   A 1 30 ? -7.034  9.543   -2.966  1.00 64.42 ? 43  C   X N4    1 
ATOM   647  C C5    . C   A 1 30 ? -8.602  11.199  -2.229  1.00 64.60 ? 43  C   X C5    1 
ATOM   648  C C6    . C   A 1 30 ? -9.529  12.100  -2.591  1.00 64.65 ? 43  C   X C6    1 
ATOM   649  P P     . A   A 1 31 ? -14.965 11.155  -2.997  1.00 65.88 ? 44  A   X P     1 
ATOM   650  O OP1   . A   A 1 31 ? -16.050 11.087  -4.006  1.00 65.94 ? 44  A   X OP1   1 
ATOM   651  O OP2   . A   A 1 31 ? -15.262 10.925  -1.566  1.00 65.75 ? 44  A   X OP2   1 
ATOM   652  O "O5'" . A   A 1 31 ? -13.810 10.129  -3.423  1.00 65.24 ? 44  A   X "O5'" 1 
ATOM   653  C "C5'" . A   A 1 31 ? -14.122 8.801   -3.835  1.00 64.06 ? 44  A   X "C5'" 1 
ATOM   654  C "C4'" . A   A 1 31 ? -13.883 8.632   -5.326  1.00 63.13 ? 44  A   X "C4'" 1 
ATOM   655  O "O4'" . A   A 1 31 ? -12.620 9.249   -5.708  1.00 62.96 ? 44  A   X "O4'" 1 
ATOM   656  C "C3'" . A   A 1 31 ? -13.781 7.185   -5.793  1.00 62.31 ? 44  A   X "C3'" 1 
ATOM   657  O "O3'" . A   A 1 31 ? -15.065 6.698   -6.165  1.00 61.78 ? 44  A   X "O3'" 1 
ATOM   658  C "C2'" . A   A 1 31 ? -12.838 7.291   -6.988  1.00 62.25 ? 44  A   X "C2'" 1 
ATOM   659  O "O2'" . A   A 1 31 ? -13.477 7.722   -8.177  1.00 62.12 ? 44  A   X "O2'" 1 
ATOM   660  C "C1'" . A   A 1 31 ? -11.856 8.351   -6.492  1.00 61.95 ? 44  A   X "C1'" 1 
ATOM   661  N N9    . A   A 1 31 ? -10.768 7.804   -5.677  1.00 61.54 ? 44  A   X N9    1 
ATOM   662  C C8    . A   A 1 31 ? -10.486 8.090   -4.369  1.00 61.53 ? 44  A   X C8    1 
ATOM   663  N N7    . A   A 1 31 ? -9.451  7.446   -3.884  1.00 61.39 ? 44  A   X N7    1 
ATOM   664  C C5    . A   A 1 31 ? -9.019  6.680   -4.950  1.00 61.57 ? 44  A   X C5    1 
ATOM   665  C C6    . A   A 1 31 ? -7.949  5.769   -5.097  1.00 61.58 ? 44  A   X C6    1 
ATOM   666  N N6    . A   A 1 31 ? -7.092  5.470   -4.114  1.00 61.54 ? 44  A   X N6    1 
ATOM   667  N N1    . A   A 1 31 ? -7.797  5.174   -6.300  1.00 61.45 ? 44  A   X N1    1 
ATOM   668  C C2    . A   A 1 31 ? -8.647  5.467   -7.294  1.00 61.49 ? 44  A   X C2    1 
ATOM   669  N N3    . A   A 1 31 ? -9.684  6.306   -7.275  1.00 61.65 ? 44  A   X N3    1 
ATOM   670  C C4    . A   A 1 31 ? -9.818  6.886   -6.065  1.00 61.63 ? 44  A   X C4    1 
ATOM   671  P P     . A   A 1 32 ? -15.543 5.237   -5.716  1.00 60.82 ? 45  A   X P     1 
ATOM   672  O OP1   . A   A 1 32 ? -16.963 5.101   -6.104  1.00 61.65 ? 45  A   X OP1   1 
ATOM   673  O OP2   . A   A 1 32 ? -15.139 5.018   -4.307  1.00 60.61 ? 45  A   X OP2   1 
ATOM   674  O "O5'" . A   A 1 32 ? -14.681 4.270   -6.652  1.00 59.69 ? 45  A   X "O5'" 1 
ATOM   675  C "C5'" . A   A 1 32 ? -14.881 4.232   -8.062  1.00 57.30 ? 45  A   X "C5'" 1 
ATOM   676  C "C4'" . A   A 1 32 ? -13.800 3.382   -8.704  1.00 55.55 ? 45  A   X "C4'" 1 
ATOM   677  O "O4'" . A   A 1 32 ? -12.503 3.975   -8.443  1.00 55.05 ? 45  A   X "O4'" 1 
ATOM   678  C "C3'" . A   A 1 32 ? -13.698 1.960   -8.170  1.00 54.43 ? 45  A   X "C3'" 1 
ATOM   679  O "O3'" . A   A 1 32 ? -14.579 1.121   -8.893  1.00 53.56 ? 45  A   X "O3'" 1 
ATOM   680  C "C2'" . A   A 1 32 ? -12.235 1.623   -8.446  1.00 54.65 ? 45  A   X "C2'" 1 
ATOM   681  O "O2'" . A   A 1 32 ? -11.986 1.220   -9.781  1.00 54.67 ? 45  A   X "O2'" 1 
ATOM   682  C "C1'" . A   A 1 32 ? -11.547 2.959   -8.193  1.00 54.03 ? 45  A   X "C1'" 1 
ATOM   683  N N9    . A   A 1 32 ? -11.015 3.106   -6.837  1.00 53.63 ? 45  A   X N9    1 
ATOM   684  C C8    . A   A 1 32 ? -11.491 3.919   -5.844  1.00 53.40 ? 45  A   X C8    1 
ATOM   685  N N7    . A   A 1 32 ? -10.808 3.852   -4.728  1.00 53.30 ? 45  A   X N7    1 
ATOM   686  C C5    . A   A 1 32 ? -9.814  2.929   -5.005  1.00 53.40 ? 45  A   X C5    1 
ATOM   687  C C6    . A   A 1 32 ? -8.752  2.409   -4.233  1.00 53.43 ? 45  A   X C6    1 
ATOM   688  N N6    . A   A 1 32 ? -8.520  2.769   -2.968  1.00 53.45 ? 45  A   X N6    1 
ATOM   689  N N1    . A   A 1 32 ? -7.936  1.498   -4.809  1.00 53.51 ? 45  A   X N1    1 
ATOM   690  C C2    . A   A 1 32 ? -8.167  1.133   -6.077  1.00 53.43 ? 45  A   X C2    1 
ATOM   691  N N3    . A   A 1 32 ? -9.126  1.556   -6.902  1.00 53.34 ? 45  A   X N3    1 
ATOM   692  C C4    . A   A 1 32 ? -9.925  2.458   -6.302  1.00 53.35 ? 45  A   X C4    1 
ATOM   693  P P     . G   A 1 33 ? -15.359 -0.094  -8.201  1.00 53.64 ? 46  G   X P     1 
ATOM   694  O OP1   . G   A 1 33 ? -16.220 -0.692  -9.246  1.00 53.88 ? 46  G   X OP1   1 
ATOM   695  O OP2   . G   A 1 33 ? -15.960 0.390   -6.940  1.00 53.62 ? 46  G   X OP2   1 
ATOM   696  O "O5'" . G   A 1 33 ? -14.213 -1.152  -7.849  1.00 53.25 ? 46  G   X "O5'" 1 
ATOM   697  C "C5'" . G   A 1 33 ? -13.475 -1.809  -8.881  1.00 52.99 ? 46  G   X "C5'" 1 
ATOM   698  C "C4'" . G   A 1 33 ? -12.258 -2.507  -8.309  1.00 52.42 ? 46  G   X "C4'" 1 
ATOM   699  O "O4'" . G   A 1 33 ? -11.358 -1.529  -7.732  1.00 52.64 ? 46  G   X "O4'" 1 
ATOM   700  C "C3'" . G   A 1 33 ? -12.562 -3.464  -7.170  1.00 51.98 ? 46  G   X "C3'" 1 
ATOM   701  O "O3'" . G   A 1 33 ? -12.935 -4.732  -7.688  1.00 51.97 ? 46  G   X "O3'" 1 
ATOM   702  C "C2'" . G   A 1 33 ? -11.246 -3.491  -6.399  1.00 52.23 ? 46  G   X "C2'" 1 
ATOM   703  O "O2'" . G   A 1 33 ? -10.286 -4.373  -6.950  1.00 52.10 ? 46  G   X "O2'" 1 
ATOM   704  C "C1'" . G   A 1 33 ? -10.775 -2.045  -6.541  1.00 52.38 ? 46  G   X "C1'" 1 
ATOM   705  N N9    . G   A 1 33 ? -11.136 -1.177  -5.416  1.00 52.31 ? 46  G   X N9    1 
ATOM   706  C C8    . G   A 1 33 ? -12.286 -0.430  -5.304  1.00 52.14 ? 46  G   X C8    1 
ATOM   707  N N7    . G   A 1 33 ? -12.355 0.262   -4.206  1.00 52.17 ? 46  G   X N7    1 
ATOM   708  C C5    . G   A 1 33 ? -11.179 -0.037  -3.540  1.00 51.94 ? 46  G   X C5    1 
ATOM   709  C C6    . G   A 1 33 ? -10.707 0.425   -2.288  1.00 52.47 ? 46  G   X C6    1 
ATOM   710  O O6    . G   A 1 33 ? -11.271 1.216   -1.518  1.00 52.33 ? 46  G   X O6    1 
ATOM   711  N N1    . G   A 1 33 ? -9.455  -0.111  -1.957  1.00 52.49 ? 46  G   X N1    1 
ATOM   712  C C2    . G   A 1 33 ? -8.755  -0.998  -2.747  1.00 52.26 ? 46  G   X C2    1 
ATOM   713  N N2    . G   A 1 33 ? -7.573  -1.413  -2.265  1.00 51.92 ? 46  G   X N2    1 
ATOM   714  N N3    . G   A 1 33 ? -9.196  -1.439  -3.927  1.00 52.23 ? 46  G   X N3    1 
ATOM   715  C C4    . G   A 1 33 ? -10.409 -0.921  -4.267  1.00 52.19 ? 46  G   X C4    1 
ATOM   716  P P     . U   A 1 34 ? -14.413 -5.308  -7.453  1.00 51.78 ? 47  U   X P     1 
ATOM   717  O OP1   . U   A 1 34 ? -14.680 -6.303  -8.514  1.00 52.54 ? 47  U   X OP1   1 
ATOM   718  O OP2   . U   A 1 34 ? -15.361 -4.198  -7.224  1.00 52.05 ? 47  U   X OP2   1 
ATOM   719  O "O5'" . U   A 1 34 ? -14.256 -6.080  -6.070  1.00 51.31 ? 47  U   X "O5'" 1 
ATOM   720  C "C5'" . U   A 1 34 ? -13.506 -7.275  -5.952  1.00 50.40 ? 47  U   X "C5'" 1 
ATOM   721  C "C4'" . U   A 1 34 ? -13.552 -7.708  -4.501  1.00 49.83 ? 47  U   X "C4'" 1 
ATOM   722  O "O4'" . U   A 1 34 ? -13.044 -6.634  -3.666  1.00 48.97 ? 47  U   X "O4'" 1 
ATOM   723  C "C3'" . U   A 1 34 ? -14.952 -8.032  -3.985  1.00 49.85 ? 47  U   X "C3'" 1 
ATOM   724  O "O3'" . U   A 1 34 ? -14.936 -9.278  -3.273  1.00 50.21 ? 47  U   X "O3'" 1 
ATOM   725  C "C2'" . U   A 1 34 ? -15.304 -6.831  -3.104  1.00 49.26 ? 47  U   X "C2'" 1 
ATOM   726  O "O2'" . U   A 1 34 ? -16.175 -7.136  -2.033  1.00 48.45 ? 47  U   X "O2'" 1 
ATOM   727  C "C1'" . U   A 1 34 ? -13.922 -6.453  -2.577  1.00 48.46 ? 47  U   X "C1'" 1 
ATOM   728  N N1    . U   A 1 34 ? -13.832 -5.051  -2.052  1.00 48.24 ? 47  U   X N1    1 
ATOM   729  C C2    . U   A 1 34 ? -13.429 -4.846  -0.743  1.00 47.55 ? 47  U   X C2    1 
ATOM   730  O O2    . U   A 1 34 ? -13.124 -5.743  0.022   1.00 47.14 ? 47  U   X O2    1 
ATOM   731  N N3    . U   A 1 34 ? -13.393 -3.529  -0.353  1.00 47.21 ? 47  U   X N3    1 
ATOM   732  C C4    . U   A 1 34 ? -13.709 -2.422  -1.116  1.00 47.42 ? 47  U   X C4    1 
ATOM   733  O O4    . U   A 1 34 ? -13.619 -1.301  -0.628  1.00 47.77 ? 47  U   X O4    1 
ATOM   734  C C5    . U   A 1 34 ? -14.116 -2.715  -2.468  1.00 47.86 ? 47  U   X C5    1 
ATOM   735  C C6    . U   A 1 34 ? -14.164 -3.990  -2.877  1.00 47.96 ? 47  U   X C6    1 
ATOM   736  P P     . U   A 1 35 ? -15.530 -10.575 -3.993  1.00 50.17 ? 48  U   X P     1 
ATOM   737  O OP1   . U   A 1 35 ? -15.321 -11.738 -3.108  1.00 50.91 ? 48  U   X OP1   1 
ATOM   738  O OP2   . U   A 1 35 ? -14.997 -10.607 -5.371  1.00 51.41 ? 48  U   X OP2   1 
ATOM   739  O "O5'" . U   A 1 35 ? -17.100 -10.255 -4.054  1.00 49.73 ? 48  U   X "O5'" 1 
ATOM   740  C "C5'" . U   A 1 35 ? -17.890 -10.492 -2.902  1.00 49.43 ? 48  U   X "C5'" 1 
ATOM   741  C "C4'" . U   A 1 35 ? -19.299 -9.956  -3.055  1.00 48.93 ? 48  U   X "C4'" 1 
ATOM   742  O "O4'" . U   A 1 35 ? -20.181 -11.051 -3.404  1.00 48.69 ? 48  U   X "O4'" 1 
ATOM   743  C "C3'" . U   A 1 35 ? -19.889 -9.335  -1.788  1.00 48.66 ? 48  U   X "C3'" 1 
ATOM   744  O "O3'" . U   A 1 35 ? -20.767 -8.262  -2.112  1.00 49.03 ? 48  U   X "O3'" 1 
ATOM   745  C "C2'" . U   A 1 35 ? -20.692 -10.485 -1.191  1.00 47.95 ? 48  U   X "C2'" 1 
ATOM   746  O "O2'" . U   A 1 35 ? -21.747 -10.057 -0.344  1.00 46.74 ? 48  U   X "O2'" 1 
ATOM   747  C "C1'" . U   A 1 35 ? -21.233 -11.129 -2.463  1.00 47.62 ? 48  U   X "C1'" 1 
ATOM   748  N N1    . U   A 1 35 ? -21.628 -12.556 -2.338  1.00 47.38 ? 48  U   X N1    1 
ATOM   749  C C2    . U   A 1 35 ? -22.932 -12.925 -2.625  1.00 46.99 ? 48  U   X C2    1 
ATOM   750  O O2    . U   A 1 35 ? -23.799 -12.138 -2.972  1.00 46.71 ? 48  U   X O2    1 
ATOM   751  N N3    . U   A 1 35 ? -23.184 -14.268 -2.484  1.00 46.50 ? 48  U   X N3    1 
ATOM   752  C C4    . U   A 1 35 ? -22.285 -15.250 -2.097  1.00 47.19 ? 48  U   X C4    1 
ATOM   753  O O4    . U   A 1 35 ? -22.646 -16.418 -2.017  1.00 47.61 ? 48  U   X O4    1 
ATOM   754  C C5    . U   A 1 35 ? -20.950 -14.790 -1.813  1.00 47.18 ? 48  U   X C5    1 
ATOM   755  C C6    . U   A 1 35 ? -20.683 -13.486 -1.948  1.00 47.46 ? 48  U   X C6    1 
ATOM   756  P P     . U   A 1 36 ? -20.256 -6.770  -2.353  1.00 50.03 ? 49  U   X P     1 
ATOM   757  O OP1   . U   A 1 36 ? -21.459 -5.921  -2.546  1.00 49.92 ? 49  U   X OP1   1 
ATOM   758  O OP2   . U   A 1 36 ? -19.187 -6.774  -3.377  1.00 49.55 ? 49  U   X OP2   1 
ATOM   759  O "O5'" . U   A 1 36 ? -19.601 -6.392  -0.953  1.00 48.90 ? 49  U   X "O5'" 1 
ATOM   760  C "C5'" . U   A 1 36 ? -20.354 -6.295  0.248   1.00 47.48 ? 49  U   X "C5'" 1 
ATOM   761  C "C4'" . U   A 1 36 ? -19.345 -6.197  1.373   1.00 47.41 ? 49  U   X "C4'" 1 
ATOM   762  O "O4'" . U   A 1 36 ? -18.615 -7.444  1.474   1.00 47.11 ? 49  U   X "O4'" 1 
ATOM   763  C "C3'" . U   A 1 36 ? -18.278 -5.134  1.131   1.00 47.28 ? 49  U   X "C3'" 1 
ATOM   764  O "O3'" . U   A 1 36 ? -18.262 -4.231  2.211   1.00 46.70 ? 49  U   X "O3'" 1 
ATOM   765  C "C2'" . U   A 1 36 ? -16.968 -5.905  0.976   1.00 47.26 ? 49  U   X "C2'" 1 
ATOM   766  O "O2'" . U   A 1 36 ? -15.834 -5.217  1.463   1.00 47.06 ? 49  U   X "O2'" 1 
ATOM   767  C "C1'" . U   A 1 36 ? -17.300 -7.107  1.848   1.00 48.30 ? 49  U   X "C1'" 1 
ATOM   768  N N1    . U   A 1 36 ? -16.413 -8.299  1.708   1.00 48.29 ? 49  U   X N1    1 
ATOM   769  C C2    . U   A 1 36 ? -15.960 -8.902  2.861   1.00 48.50 ? 49  U   X C2    1 
ATOM   770  O O2    . U   A 1 36 ? -16.258 -8.503  3.974   1.00 49.15 ? 49  U   X O2    1 
ATOM   771  N N3    . U   A 1 36 ? -15.150 -9.997  2.660   1.00 48.75 ? 49  U   X N3    1 
ATOM   772  C C4    . U   A 1 36 ? -14.765 -10.527 1.435   1.00 48.76 ? 49  U   X C4    1 
ATOM   773  O O4    . U   A 1 36 ? -14.040 -11.509 1.394   1.00 49.37 ? 49  U   X O4    1 
ATOM   774  C C5    . U   A 1 36 ? -15.277 -9.841  0.277   1.00 49.16 ? 49  U   X C5    1 
ATOM   775  C C6    . U   A 1 36 ? -16.071 -8.777  0.455   1.00 48.72 ? 49  U   X C6    1 
ATOM   776  P P     . C   A 1 37 ? -18.021 -2.699  1.858   1.00 46.49 ? 50  C   X P     1 
ATOM   777  O OP1   . C   A 1 37 ? -18.976 -2.252  0.814   1.00 45.80 ? 50  C   X OP1   1 
ATOM   778  O OP2   . C   A 1 37 ? -16.562 -2.539  1.672   1.00 45.28 ? 50  C   X OP2   1 
ATOM   779  O "O5'" . C   A 1 37 ? -18.504 -1.975  3.184   1.00 46.83 ? 50  C   X "O5'" 1 
ATOM   780  C "C5'" . C   A 1 37 ? -17.525 -1.834  4.149   1.00 47.29 ? 50  C   X "C5'" 1 
ATOM   781  C "C4'" . C   A 1 37 ? -18.093 -1.768  5.542   1.00 47.17 ? 50  C   X "C4'" 1 
ATOM   782  O "O4'" . C   A 1 37 ? -18.314 -3.101  6.075   1.00 46.75 ? 50  C   X "O4'" 1 
ATOM   783  C "C3'" . C   A 1 37 ? -17.035 -1.134  6.413   1.00 46.86 ? 50  C   X "C3'" 1 
ATOM   784  O "O3'" . C   A 1 37 ? -17.355 0.236   6.546   1.00 46.89 ? 50  C   X "O3'" 1 
ATOM   785  C "C2'" . C   A 1 37 ? -17.104 -1.958  7.694   1.00 46.82 ? 50  C   X "C2'" 1 
ATOM   786  O "O2'" . C   A 1 37 ? -18.153 -1.553  8.558   1.00 47.51 ? 50  C   X "O2'" 1 
ATOM   787  C "C1'" . C   A 1 37 ? -17.373 -3.349  7.108   1.00 45.95 ? 50  C   X "C1'" 1 
ATOM   788  N N1    . C   A 1 37 ? -16.159 -4.086  6.541   1.00 45.83 ? 50  C   X N1    1 
ATOM   789  C C2    . C   A 1 37 ? -14.968 -4.232  7.289   1.00 45.33 ? 50  C   X C2    1 
ATOM   790  O O2    . C   A 1 37 ? -14.886 -3.754  8.426   1.00 45.04 ? 50  C   X O2    1 
ATOM   791  N N3    . C   A 1 37 ? -13.910 -4.890  6.733   1.00 44.56 ? 50  C   X N3    1 
ATOM   792  C C4    . C   A 1 37 ? -13.995 -5.398  5.502   1.00 44.30 ? 50  C   X C4    1 
ATOM   793  N N4    . C   A 1 37 ? -12.934 -6.043  5.014   1.00 44.64 ? 50  C   X N4    1 
ATOM   794  C C5    . C   A 1 37 ? -15.183 -5.275  4.727   1.00 44.63 ? 50  C   X C5    1 
ATOM   795  C C6    . C   A 1 37 ? -16.220 -4.627  5.278   1.00 45.44 ? 50  C   X C6    1 
ATOM   796  P P     . U   A 1 38 ? -16.551 1.343   5.710   1.00 47.05 ? 51  U   X P     1 
ATOM   797  O OP1   . U   A 1 38 ? -17.116 2.669   6.069   1.00 47.95 ? 51  U   X OP1   1 
ATOM   798  O OP2   . U   A 1 38 ? -16.503 0.952   4.286   1.00 46.92 ? 51  U   X OP2   1 
ATOM   799  O "O5'" . U   A 1 38 ? -15.082 1.250   6.325   1.00 47.24 ? 51  U   X "O5'" 1 
ATOM   800  C "C5'" . U   A 1 38 ? -14.884 1.295   7.735   1.00 47.82 ? 51  U   X "C5'" 1 
ATOM   801  C "C4'" . U   A 1 38 ? -13.666 0.479   8.115   1.00 48.32 ? 51  U   X "C4'" 1 
ATOM   802  O "O4'" . U   A 1 38 ? -13.839 -0.897  7.693   1.00 47.79 ? 51  U   X "O4'" 1 
ATOM   803  C "C3'" . U   A 1 38 ? -12.377 0.888   7.422   1.00 48.51 ? 51  U   X "C3'" 1 
ATOM   804  O "O3'" . U   A 1 38 ? -11.819 2.056   8.006   1.00 49.58 ? 51  U   X "O3'" 1 
ATOM   805  C "C2'" . U   A 1 38 ? -11.538 -0.350  7.692   1.00 48.68 ? 51  U   X "C2'" 1 
ATOM   806  O "O2'" . U   A 1 38 ? -11.083 -0.438  9.031   1.00 48.50 ? 51  U   X "O2'" 1 
ATOM   807  C "C1'" . U   A 1 38 ? -12.563 -1.445  7.404   1.00 48.27 ? 51  U   X "C1'" 1 
ATOM   808  N N1    . U   A 1 38 ? -12.518 -2.010  5.998   1.00 48.04 ? 51  U   X N1    1 
ATOM   809  C C2    . U   A 1 38 ? -11.435 -2.786  5.619   1.00 47.81 ? 51  U   X C2    1 
ATOM   810  O O2    . U   A 1 38 ? -10.495 -3.034  6.356   1.00 47.67 ? 51  U   X O2    1 
ATOM   811  N N3    . U   A 1 38 ? -11.484 -3.269  4.328   1.00 47.90 ? 51  U   X N3    1 
ATOM   812  C C4    . U   A 1 38 ? -12.490 -3.064  3.393   1.00 48.22 ? 51  U   X C4    1 
ATOM   813  O O4    . U   A 1 38 ? -12.392 -3.563  2.273   1.00 47.81 ? 51  U   X O4    1 
ATOM   814  C C5    . U   A 1 38 ? -13.590 -2.248  3.858   1.00 47.92 ? 51  U   X C5    1 
ATOM   815  C C6    . U   A 1 38 ? -13.563 -1.767  5.112   1.00 48.20 ? 51  U   X C6    1 
ATOM   816  P P     . A   A 1 39 ? -10.922 3.062   7.130   1.00 49.88 ? 52  A   X P     1 
ATOM   817  O OP1   . A   A 1 39 ? -10.606 4.231   7.982   1.00 49.66 ? 52  A   X OP1   1 
ATOM   818  O OP2   . A   A 1 39 ? -11.590 3.272   5.826   1.00 50.11 ? 52  A   X OP2   1 
ATOM   819  O "O5'" . A   A 1 39 ? -9.582  2.227   6.878   1.00 49.27 ? 52  A   X "O5'" 1 
ATOM   820  C "C5'" . A   A 1 39 ? -8.737  1.814   7.954   1.00 48.48 ? 52  A   X "C5'" 1 
ATOM   821  C "C4'" . A   A 1 39 ? -7.659  0.880   7.443   1.00 47.22 ? 52  A   X "C4'" 1 
ATOM   822  O "O4'" . A   A 1 39 ? -8.269  -0.289  6.850   1.00 47.45 ? 52  A   X "O4'" 1 
ATOM   823  C "C3'" . A   A 1 39 ? -6.815  1.468   6.328   1.00 47.13 ? 52  A   X "C3'" 1 
ATOM   824  O "O3'" . A   A 1 39 ? -5.712  2.174   6.874   1.00 46.53 ? 52  A   X "O3'" 1 
ATOM   825  C "C2'" . A   A 1 39 ? -6.370  0.246   5.534   1.00 46.89 ? 52  A   X "C2'" 1 
ATOM   826  O "O2'" . A   A 1 39 ? -5.214  -0.351  6.087   1.00 46.92 ? 52  A   X "O2'" 1 
ATOM   827  C "C1'" . A   A 1 39 ? -7.567  -0.686  5.677   1.00 46.68 ? 52  A   X "C1'" 1 
ATOM   828  N N9    . A   A 1 39 ? -8.492  -0.676  4.540   1.00 46.52 ? 52  A   X N9    1 
ATOM   829  C C8    . A   A 1 39 ? -9.644  0.059   4.433   1.00 46.51 ? 52  A   X C8    1 
ATOM   830  N N7    . A   A 1 39 ? -10.295 -0.128  3.310   1.00 46.70 ? 52  A   X N7    1 
ATOM   831  C C5    . A   A 1 39 ? -9.522  -1.052  2.627   1.00 46.75 ? 52  A   X C5    1 
ATOM   832  C C6    . A   A 1 39 ? -9.674  -1.668  1.362   1.00 46.75 ? 52  A   X C6    1 
ATOM   833  N N6    . A   A 1 39 ? -10.701 -1.424  0.542   1.00 46.22 ? 52  A   X N6    1 
ATOM   834  N N1    . A   A 1 39 ? -8.724  -2.550  0.973   1.00 46.56 ? 52  A   X N1    1 
ATOM   835  C C2    . A   A 1 39 ? -7.693  -2.794  1.795   1.00 46.60 ? 52  A   X C2    1 
ATOM   836  N N3    . A   A 1 39 ? -7.449  -2.281  3.003   1.00 46.50 ? 52  A   X N3    1 
ATOM   837  C C4    . A   A 1 39 ? -8.407  -1.406  3.371   1.00 46.40 ? 52  A   X C4    1 
ATOM   838  P P     . C   A 1 40 ? -5.263  3.547   6.186   1.00 46.01 ? 53  C   X P     1 
ATOM   839  O OP1   . C   A 1 40 ? -4.135  4.102   6.979   1.00 45.52 ? 53  C   X OP1   1 
ATOM   840  O OP2   . C   A 1 40 ? -6.493  4.340   5.959   1.00 44.35 ? 53  C   X OP2   1 
ATOM   841  O "O5'" . C   A 1 40 ? -4.668  3.076   4.778   1.00 45.08 ? 53  C   X "O5'" 1 
ATOM   842  C "C5'" . C   A 1 40 ? -3.356  2.534   4.705   1.00 45.46 ? 53  C   X "C5'" 1 
ATOM   843  C "C4'" . C   A 1 40 ? -3.127  1.865   3.367   1.00 45.80 ? 53  C   X "C4'" 1 
ATOM   844  O "O4'" . C   A 1 40 ? -4.191  0.906   3.135   1.00 46.23 ? 53  C   X "O4'" 1 
ATOM   845  C "C3'" . C   A 1 40 ? -3.205  2.806   2.174   1.00 46.28 ? 53  C   X "C3'" 1 
ATOM   846  O "O3'" . C   A 1 40 ? -1.966  3.497   1.960   1.00 46.56 ? 53  C   X "O3'" 1 
ATOM   847  C "C2'" . C   A 1 40 ? -3.598  1.860   1.040   1.00 45.87 ? 53  C   X "C2'" 1 
ATOM   848  O "O2'" . C   A 1 40 ? -2.503  1.171   0.473   1.00 45.76 ? 53  C   X "O2'" 1 
ATOM   849  C "C1'" . C   A 1 40 ? -4.535  0.885   1.761   1.00 45.48 ? 53  C   X "C1'" 1 
ATOM   850  N N1    . C   A 1 40 ? -5.988  1.217   1.541   1.00 45.12 ? 53  C   X N1    1 
ATOM   851  C C2    . C   A 1 40 ? -6.698  0.536   0.540   1.00 44.99 ? 53  C   X C2    1 
ATOM   852  O O2    . C   A 1 40 ? -6.142  -0.336  -0.137  1.00 45.58 ? 53  C   X O2    1 
ATOM   853  N N3    . C   A 1 40 ? -7.997  0.842   0.328   1.00 45.57 ? 53  C   X N3    1 
ATOM   854  C C4    . C   A 1 40 ? -8.599  1.783   1.055   1.00 45.58 ? 53  C   X C4    1 
ATOM   855  N N4    . C   A 1 40 ? -9.884  2.027   0.789   1.00 45.19 ? 53  C   X N4    1 
ATOM   856  C C5    . C   A 1 40 ? -7.906  2.500   2.081   1.00 45.58 ? 53  C   X C5    1 
ATOM   857  C C6    . C   A 1 40 ? -6.617  2.185   2.283   1.00 45.46 ? 53  C   X C6    1 
ATOM   858  P P     . C   A 1 41 ? -1.839  5.021   2.443   1.00 47.42 ? 54  C   X P     1 
ATOM   859  O OP1   . C   A 1 41 ? -3.199  5.491   2.803   1.00 46.80 ? 54  C   X OP1   1 
ATOM   860  O OP2   . C   A 1 41 ? -1.046  5.748   1.425   1.00 46.60 ? 54  C   X OP2   1 
ATOM   861  O "O5'" . C   A 1 41 ? -1.014  4.958   3.815   1.00 47.28 ? 54  C   X "O5'" 1 
ATOM   862  C "C5'" . C   A 1 41 ? 0.323   4.504   3.850   1.00 48.40 ? 54  C   X "C5'" 1 
ATOM   863  C "C4'" . C   A 1 41 ? 0.580   3.692   5.107   1.00 49.40 ? 54  C   X "C4'" 1 
ATOM   864  O "O4'" . C   A 1 41 ? 0.017   2.360   4.978   1.00 49.17 ? 54  C   X "O4'" 1 
ATOM   865  C "C3'" . C   A 1 41 ? 2.055   3.458   5.396   1.00 49.93 ? 54  C   X "C3'" 1 
ATOM   866  O "O3'" . C   A 1 41 ? 2.551   4.530   6.175   1.00 50.86 ? 54  C   X "O3'" 1 
ATOM   867  C "C2'" . C   A 1 41 ? 2.049   2.125   6.138   1.00 49.70 ? 54  C   X "C2'" 1 
ATOM   868  O "O2'" . C   A 1 41 ? 1.680   2.215   7.501   1.00 50.28 ? 54  C   X "O2'" 1 
ATOM   869  C "C1'" . C   A 1 41 ? 0.969   1.380   5.361   1.00 49.15 ? 54  C   X "C1'" 1 
ATOM   870  N N1    . C   A 1 41 ? 1.485   0.627   4.152   1.00 48.86 ? 54  C   X N1    1 
ATOM   871  C C2    . C   A 1 41 ? 2.324   -0.494  4.326   1.00 48.89 ? 54  C   X C2    1 
ATOM   872  O O2    . C   A 1 41 ? 2.642   -0.860  5.465   1.00 49.14 ? 54  C   X O2    1 
ATOM   873  N N3    . C   A 1 41 ? 2.774   -1.161  3.232   1.00 48.70 ? 54  C   X N3    1 
ATOM   874  C C4    . C   A 1 41 ? 2.426   -0.755  2.008   1.00 48.75 ? 54  C   X C4    1 
ATOM   875  N N4    . C   A 1 41 ? 2.899   -1.447  0.968   1.00 48.78 ? 54  C   X N4    1 
ATOM   876  C C5    . C   A 1 41 ? 1.578   0.378   1.802   1.00 49.02 ? 54  C   X C5    1 
ATOM   877  C C6    . C   A 1 41 ? 1.133   1.025   2.887   1.00 48.58 ? 54  C   X C6    1 
ATOM   878  P P     . G   A 1 42 ? 3.850   5.336   5.703   1.00 51.47 ? 55  G   X P     1 
ATOM   879  O OP1   . G   A 1 42 ? 3.777   6.669   6.348   1.00 51.50 ? 55  G   X OP1   1 
ATOM   880  O OP2   . G   A 1 42 ? 4.013   5.230   4.232   1.00 51.15 ? 55  G   X OP2   1 
ATOM   881  O "O5'" . G   A 1 42 ? 5.016   4.494   6.401   1.00 51.98 ? 55  G   X "O5'" 1 
ATOM   882  C "C5'" . G   A 1 42 ? 4.947   4.235   7.797   1.00 52.79 ? 55  G   X "C5'" 1 
ATOM   883  C "C4'" . G   A 1 42 ? 5.742   3.000   8.160   1.00 53.11 ? 55  G   X "C4'" 1 
ATOM   884  O "O4'" . G   A 1 42 ? 5.109   1.812   7.627   1.00 53.16 ? 55  G   X "O4'" 1 
ATOM   885  C "C3'" . G   A 1 42 ? 7.140   2.949   7.577   1.00 53.57 ? 55  G   X "C3'" 1 
ATOM   886  O "O3'" . G   A 1 42 ? 7.992   3.798   8.327   1.00 54.38 ? 55  G   X "O3'" 1 
ATOM   887  C "C2'" . G   A 1 42 ? 7.447   1.464   7.736   1.00 53.53 ? 55  G   X "C2'" 1 
ATOM   888  O "O2'" . G   A 1 42 ? 7.786   1.110   9.063   1.00 53.34 ? 55  G   X "O2'" 1 
ATOM   889  C "C1'" . G   A 1 42 ? 6.106   0.842   7.350   1.00 53.15 ? 55  G   X "C1'" 1 
ATOM   890  N N9    . G   A 1 42 ? 6.021   0.457   5.939   1.00 53.16 ? 55  G   X N9    1 
ATOM   891  C C8    . G   A 1 42 ? 5.393   1.148   4.925   1.00 53.07 ? 55  G   X C8    1 
ATOM   892  N N7    . G   A 1 42 ? 5.473   0.565   3.760   1.00 52.93 ? 55  G   X N7    1 
ATOM   893  C C5    . G   A 1 42 ? 6.205   -0.589  4.010   1.00 53.09 ? 55  G   X C5    1 
ATOM   894  C C6    . G   A 1 42 ? 6.613   -1.625  3.128   1.00 53.10 ? 55  G   X C6    1 
ATOM   895  O O6    . G   A 1 42 ? 6.401   -1.721  1.910   1.00 53.10 ? 55  G   X O6    1 
ATOM   896  N N1    . G   A 1 42 ? 7.340   -2.622  3.787   1.00 53.07 ? 55  G   X N1    1 
ATOM   897  C C2    . G   A 1 42 ? 7.636   -2.610  5.134   1.00 53.02 ? 55  G   X C2    1 
ATOM   898  N N2    . G   A 1 42 ? 8.345   -3.646  5.602   1.00 53.10 ? 55  G   X N2    1 
ATOM   899  N N3    . G   A 1 42 ? 7.259   -1.646  5.970   1.00 52.98 ? 55  G   X N3    1 
ATOM   900  C C4    . G   A 1 42 ? 6.551   -0.669  5.347   1.00 53.08 ? 55  G   X C4    1 
ATOM   901  P P     . G   A 1 43 ? 9.410   4.272   7.759   1.00 55.59 ? 56  G   X P     1 
ATOM   902  O OP1   . G   A 1 43 ? 9.962   5.265   8.716   1.00 55.49 ? 56  G   X OP1   1 
ATOM   903  O OP2   . G   A 1 43 ? 9.286   4.619   6.322   1.00 55.20 ? 56  G   X OP2   1 
ATOM   904  O "O5'" . G   A 1 43 ? 10.260  2.928   7.908   1.00 55.47 ? 56  G   X "O5'" 1 
ATOM   905  C "C5'" . G   A 1 43 ? 11.468  2.742   7.200   1.00 54.67 ? 56  G   X "C5'" 1 
ATOM   906  C "C4'" . G   A 1 43 ? 11.803  1.266   7.192   1.00 54.14 ? 56  G   X "C4'" 1 
ATOM   907  O "O4'" . G   A 1 43 ? 10.619  0.466   6.907   1.00 53.43 ? 56  G   X "O4'" 1 
ATOM   908  C "C3'" . G   A 1 43 ? 12.805  0.870   6.122   1.00 53.88 ? 56  G   X "C3'" 1 
ATOM   909  O "O3'" . G   A 1 43 ? 14.128  1.128   6.574   1.00 53.79 ? 56  G   X "O3'" 1 
ATOM   910  C "C2'" . G   A 1 43 ? 12.488  -0.615  5.970   1.00 53.74 ? 56  G   X "C2'" 1 
ATOM   911  O "O2'" . G   A 1 43 ? 12.998  -1.395  7.038   1.00 54.17 ? 56  G   X "O2'" 1 
ATOM   912  C "C1'" . G   A 1 43 ? 10.958  -0.578  6.007   1.00 52.87 ? 56  G   X "C1'" 1 
ATOM   913  N N9    . G   A 1 43 ? 10.349  -0.308  4.699   1.00 52.51 ? 56  G   X N9    1 
ATOM   914  C C8    . G   A 1 43 ? 9.640   0.815   4.337   1.00 52.29 ? 56  G   X C8    1 
ATOM   915  N N7    . G   A 1 43 ? 9.215   0.797   3.106   1.00 52.12 ? 56  G   X N7    1 
ATOM   916  C C5    . G   A 1 43 ? 9.672   -0.415  2.608   1.00 52.29 ? 56  G   X C5    1 
ATOM   917  C C6    . G   A 1 43 ? 9.514   -0.989  1.319   1.00 52.47 ? 56  G   X C6    1 
ATOM   918  O O6    . G   A 1 43 ? 8.922   -0.513  0.339   1.00 52.48 ? 56  G   X O6    1 
ATOM   919  N N1    . G   A 1 43 ? 10.128  -2.240  1.217   1.00 52.32 ? 56  G   X N1    1 
ATOM   920  C C2    . G   A 1 43 ? 10.811  -2.857  2.242   1.00 52.37 ? 56  G   X C2    1 
ATOM   921  N N2    . G   A 1 43 ? 11.341  -4.057  1.968   1.00 52.26 ? 56  G   X N2    1 
ATOM   922  N N3    . G   A 1 43 ? 10.963  -2.329  3.457   1.00 52.54 ? 56  G   X N3    1 
ATOM   923  C C4    . G   A 1 43 ? 10.370  -1.109  3.575   1.00 52.34 ? 56  G   X C4    1 
ATOM   924  P P     . G   A 1 44 ? 15.206  1.745   5.561   1.00 53.84 ? 57  G   X P     1 
ATOM   925  O OP1   . G   A 1 44 ? 16.372  2.197   6.356   1.00 53.77 ? 57  G   X OP1   1 
ATOM   926  O OP2   . G   A 1 44 ? 14.526  2.702   4.658   1.00 54.07 ? 57  G   X OP2   1 
ATOM   927  O "O5'" . G   A 1 44 ? 15.630  0.462   4.708   1.00 52.83 ? 57  G   X "O5'" 1 
ATOM   928  C "C5'" . G   A 1 44 ? 16.304  -0.620  5.341   1.00 51.68 ? 57  G   X "C5'" 1 
ATOM   929  C "C4'" . G   A 1 44 ? 16.479  -1.780  4.383   1.00 50.70 ? 57  G   X "C4'" 1 
ATOM   930  O "O4'" . G   A 1 44 ? 15.178  -2.286  3.988   1.00 50.47 ? 57  G   X "O4'" 1 
ATOM   931  C "C3'" . G   A 1 44 ? 17.147  -1.430  3.064   1.00 50.07 ? 57  G   X "C3'" 1 
ATOM   932  O "O3'" . G   A 1 44 ? 18.553  -1.352  3.205   1.00 50.43 ? 57  G   X "O3'" 1 
ATOM   933  C "C2'" . G   A 1 44 ? 16.711  -2.613  2.212   1.00 49.91 ? 57  G   X "C2'" 1 
ATOM   934  O "O2'" . G   A 1 44 ? 17.479  -3.780  2.449   1.00 50.04 ? 57  G   X "O2'" 1 
ATOM   935  C "C1'" . G   A 1 44 ? 15.257  -2.783  2.663   1.00 48.98 ? 57  G   X "C1'" 1 
ATOM   936  N N9    . G   A 1 44 ? 14.325  -2.036  1.820   1.00 48.45 ? 57  G   X N9    1 
ATOM   937  C C8    . G   A 1 44 ? 13.646  -0.884  2.136   1.00 48.29 ? 57  G   X C8    1 
ATOM   938  N N7    . G   A 1 44 ? 12.887  -0.441  1.170   1.00 48.34 ? 57  G   X N7    1 
ATOM   939  C C5    . G   A 1 44 ? 13.076  -1.357  0.139   1.00 48.50 ? 57  G   X C5    1 
ATOM   940  C C6    . G   A 1 44 ? 12.518  -1.411  -1.167  1.00 48.24 ? 57  G   X C6    1 
ATOM   941  O O6    . G   A 1 44 ? 11.717  -0.631  -1.699  1.00 48.35 ? 57  G   X O6    1 
ATOM   942  N N1    . G   A 1 44 ? 12.980  -2.510  -1.891  1.00 48.16 ? 57  G   X N1    1 
ATOM   943  C C2    . G   A 1 44 ? 13.873  -3.443  -1.415  1.00 48.43 ? 57  G   X C2    1 
ATOM   944  N N2    . G   A 1 44 ? 14.207  -4.437  -2.248  1.00 48.42 ? 57  G   X N2    1 
ATOM   945  N N3    . G   A 1 44 ? 14.403  -3.408  -0.196  1.00 48.81 ? 57  G   X N3    1 
ATOM   946  C C4    . G   A 1 44 ? 13.963  -2.342  0.528   1.00 48.79 ? 57  G   X C4    1 
ATOM   947  P P     . C   A 1 45 ? 19.379  -0.229  2.415   1.00 50.21 ? 58  C   X P     1 
ATOM   948  O OP1   . C   A 1 45 ? 20.776  -0.317  2.897   1.00 50.61 ? 58  C   X OP1   1 
ATOM   949  O OP2   . C   A 1 45 ? 18.659  1.061   2.509   1.00 49.90 ? 58  C   X OP2   1 
ATOM   950  O "O5'" . C   A 1 45 ? 19.325  -0.736  0.894   1.00 50.57 ? 58  C   X "O5'" 1 
ATOM   951  C "C5'" . C   A 1 45 ? 20.119  -1.845  0.465   1.00 50.89 ? 58  C   X "C5'" 1 
ATOM   952  C "C4'" . C   A 1 45 ? 19.549  -2.526  -0.766  1.00 50.87 ? 58  C   X "C4'" 1 
ATOM   953  O "O4'" . C   A 1 45 ? 18.108  -2.651  -0.661  1.00 50.75 ? 58  C   X "O4'" 1 
ATOM   954  C "C3'" . C   A 1 45 ? 19.737  -1.767  -2.067  1.00 51.23 ? 58  C   X "C3'" 1 
ATOM   955  O "O3'" . C   A 1 45 ? 21.030  -1.965  -2.602  1.00 51.89 ? 58  C   X "O3'" 1 
ATOM   956  C "C2'" . C   A 1 45 ? 18.660  -2.395  -2.942  1.00 50.91 ? 58  C   X "C2'" 1 
ATOM   957  O "O2'" . C   A 1 45 ? 19.017  -3.667  -3.450  1.00 51.01 ? 58  C   X "O2'" 1 
ATOM   958  C "C1'" . C   A 1 45 ? 17.510  -2.503  -1.942  1.00 50.39 ? 58  C   X "C1'" 1 
ATOM   959  N N1    . C   A 1 45 ? 16.579  -1.307  -1.968  1.00 50.15 ? 58  C   X N1    1 
ATOM   960  C C2    . C   A 1 45 ? 15.695  -1.112  -3.052  1.00 49.93 ? 58  C   X C2    1 
ATOM   961  O O2    . C   A 1 45 ? 15.663  -1.919  -3.995  1.00 49.72 ? 58  C   X O2    1 
ATOM   962  N N3    . C   A 1 45 ? 14.877  -0.024  -3.040  1.00 49.84 ? 58  C   X N3    1 
ATOM   963  C C4    . C   A 1 45 ? 14.912  0.844   -2.022  1.00 49.71 ? 58  C   X C4    1 
ATOM   964  N N4    . C   A 1 45 ? 14.088  1.893   -2.063  1.00 49.48 ? 58  C   X N4    1 
ATOM   965  C C5    . C   A 1 45 ? 15.800  0.668   -0.917  1.00 49.92 ? 58  C   X C5    1 
ATOM   966  C C6    . C   A 1 45 ? 16.602  -0.404  -0.935  1.00 50.06 ? 58  C   X C6    1 
ATOM   967  P P     . A   A 1 46 ? 21.777  -0.728  -3.287  1.00 52.30 ? 59  A   X P     1 
ATOM   968  O OP1   . A   A 1 46 ? 23.146  -1.178  -3.621  1.00 52.36 ? 59  A   X OP1   1 
ATOM   969  O OP2   . A   A 1 46 ? 21.583  0.464   -2.427  1.00 52.61 ? 59  A   X OP2   1 
ATOM   970  O "O5'" . A   A 1 46 ? 20.957  -0.497  -4.642  1.00 51.85 ? 59  A   X "O5'" 1 
ATOM   971  C "C5'" . A   A 1 46 ? 21.051  -1.418  -5.717  1.00 51.20 ? 59  A   X "C5'" 1 
ATOM   972  C "C4'" . A   A 1 46 ? 19.942  -1.184  -6.724  1.00 50.59 ? 59  A   X "C4'" 1 
ATOM   973  O "O4'" . A   A 1 46 ? 18.664  -1.076  -6.047  1.00 50.64 ? 59  A   X "O4'" 1 
ATOM   974  C "C3'" . A   A 1 46 ? 20.041  0.111   -7.513  1.00 50.24 ? 59  A   X "C3'" 1 
ATOM   975  O "O3'" . A   A 1 46 ? 20.962  -0.047  -8.581  1.00 49.92 ? 59  A   X "O3'" 1 
ATOM   976  C "C2'" . A   A 1 46 ? 18.601  0.252   -8.001  1.00 50.18 ? 59  A   X "C2'" 1 
ATOM   977  O "O2'" . A   A 1 46 ? 18.290  -0.573  -9.111  1.00 50.12 ? 59  A   X "O2'" 1 
ATOM   978  C "C1'" . A   A 1 46 ? 17.810  -0.211  -6.779  1.00 49.96 ? 59  A   X "C1'" 1 
ATOM   979  N N9    . A   A 1 46 ? 17.328  0.880   -5.920  1.00 49.75 ? 59  A   X N9    1 
ATOM   980  C C8    . A   A 1 46 ? 17.742  1.186   -4.650  1.00 49.54 ? 59  A   X C8    1 
ATOM   981  N N7    . A   A 1 46 ? 17.131  2.219   -4.121  1.00 49.59 ? 59  A   X N7    1 
ATOM   982  C C5    . A   A 1 46 ? 16.245  2.625   -5.109  1.00 49.75 ? 59  A   X C5    1 
ATOM   983  C C6    . A   A 1 46 ? 15.294  3.674   -5.178  1.00 49.61 ? 59  A   X C6    1 
ATOM   984  N N6    . A   A 1 46 ? 15.075  4.543   -4.187  1.00 49.35 ? 59  A   X N6    1 
ATOM   985  N N1    . A   A 1 46 ? 14.574  3.804   -6.316  1.00 49.68 ? 59  A   X N1    1 
ATOM   986  C C2    . A   A 1 46 ? 14.788  2.941   -7.322  1.00 49.52 ? 59  A   X C2    1 
ATOM   987  N N3    . A   A 1 46 ? 15.650  1.923   -7.373  1.00 49.50 ? 59  A   X N3    1 
ATOM   988  C C4    . A   A 1 46 ? 16.354  1.811   -6.227  1.00 49.69 ? 59  A   X C4    1 
ATOM   989  P P     . C   A 1 47 ? 21.837  1.180   -9.120  1.00 49.66 ? 60  C   X P     1 
ATOM   990  O OP1   . C   A 1 47 ? 22.808  0.630   -10.093 1.00 50.05 ? 60  C   X OP1   1 
ATOM   991  O OP2   . C   A 1 47 ? 22.320  1.957   -7.957  1.00 49.69 ? 60  C   X OP2   1 
ATOM   992  O "O5'" . C   A 1 47 ? 20.797  2.088   -9.927  1.00 49.39 ? 60  C   X "O5'" 1 
ATOM   993  C "C5'" . C   A 1 47 ? 20.149  1.645   -11.118 1.00 48.46 ? 60  C   X "C5'" 1 
ATOM   994  C "C4'" . C   A 1 47 ? 18.928  2.509   -11.381 1.00 48.00 ? 60  C   X "C4'" 1 
ATOM   995  O "O4'" . C   A 1 47 ? 18.075  2.523   -10.209 1.00 47.57 ? 60  C   X "O4'" 1 
ATOM   996  C "C3'" . C   A 1 47 ? 19.240  3.977   -11.623 1.00 47.93 ? 60  C   X "C3'" 1 
ATOM   997  O "O3'" . C   A 1 47 ? 19.553  4.199   -12.988 1.00 47.83 ? 60  C   X "O3'" 1 
ATOM   998  C "C2'" . C   A 1 47 ? 17.955  4.678   -11.193 1.00 47.67 ? 60  C   X "C2'" 1 
ATOM   999  O "O2'" . C   A 1 47 ? 16.965  4.682   -12.204 1.00 47.72 ? 60  C   X "O2'" 1 
ATOM   1000 C "C1'" . C   A 1 47 ? 17.501  3.808   -10.024 1.00 47.23 ? 60  C   X "C1'" 1 
ATOM   1001 N N1    . C   A 1 47 ? 17.823  4.336   -8.636  1.00 47.06 ? 60  C   X N1    1 
ATOM   1002 C C2    . C   A 1 47 ? 16.978  5.280   -8.015  1.00 46.83 ? 60  C   X C2    1 
ATOM   1003 O O2    . C   A 1 47 ? 15.968  5.699   -8.599  1.00 46.96 ? 60  C   X O2    1 
ATOM   1004 N N3    . C   A 1 47 ? 17.282  5.721   -6.767  1.00 46.46 ? 60  C   X N3    1 
ATOM   1005 C C4    . C   A 1 47 ? 18.366  5.266   -6.134  1.00 46.68 ? 60  C   X C4    1 
ATOM   1006 N N4    . C   A 1 47 ? 18.620  5.737   -4.909  1.00 46.72 ? 60  C   X N4    1 
ATOM   1007 C C5    . C   A 1 47 ? 19.238  4.309   -6.735  1.00 46.80 ? 60  C   X C5    1 
ATOM   1008 C C6    . C   A 1 47 ? 18.929  3.879   -7.968  1.00 46.89 ? 60  C   X C6    1 
ATOM   1009 P P     . C   A 1 48 ? 20.688  5.259   -13.357 1.00 47.86 ? 61  C   X P     1 
ATOM   1010 O OP1   . C   A 1 48 ? 21.034  5.066   -14.783 1.00 47.96 ? 61  C   X OP1   1 
ATOM   1011 O OP2   . C   A 1 48 ? 21.749  5.180   -12.329 1.00 47.88 ? 61  C   X OP2   1 
ATOM   1012 O "O5'" . C   A 1 48 ? 19.936  6.661   -13.195 1.00 47.94 ? 61  C   X "O5'" 1 
ATOM   1013 C "C5'" . C   A 1 48 ? 18.865  7.035   -14.058 1.00 47.93 ? 61  C   X "C5'" 1 
ATOM   1014 C "C4'" . C   A 1 48 ? 18.137  8.251   -13.517 1.00 47.93 ? 61  C   X "C4'" 1 
ATOM   1015 O "O4'" . C   A 1 48 ? 17.621  7.965   -12.194 1.00 47.67 ? 61  C   X "O4'" 1 
ATOM   1016 C "C3'" . C   A 1 48 ? 18.999  9.488   -13.311 1.00 48.13 ? 61  C   X "C3'" 1 
ATOM   1017 O "O3'" . C   A 1 48 ? 19.145  10.196  -14.534 1.00 48.90 ? 61  C   X "O3'" 1 
ATOM   1018 C "C2'" . C   A 1 48 ? 18.203  10.268  -12.267 1.00 47.65 ? 61  C   X "C2'" 1 
ATOM   1019 O "O2'" . C   A 1 48 ? 17.143  11.016  -12.828 1.00 47.27 ? 61  C   X "O2'" 1 
ATOM   1020 C "C1'" . C   A 1 48 ? 17.618  9.150   -11.410 1.00 47.16 ? 61  C   X "C1'" 1 
ATOM   1021 N N1    . C   A 1 48 ? 18.310  8.904   -10.086 1.00 46.91 ? 61  C   X N1    1 
ATOM   1022 C C2    . C   A 1 48 ? 17.971  9.666   -8.948  1.00 46.69 ? 61  C   X C2    1 
ATOM   1023 O O2    . C   A 1 48 ? 17.116  10.563  -9.020  1.00 46.44 ? 61  C   X O2    1 
ATOM   1024 N N3    . C   A 1 48 ? 18.602  9.404   -7.773  1.00 46.53 ? 61  C   X N3    1 
ATOM   1025 C C4    . C   A 1 48 ? 19.523  8.440   -7.699  1.00 46.61 ? 61  C   X C4    1 
ATOM   1026 N N4    . C   A 1 48 ? 20.114  8.227   -6.520  1.00 46.46 ? 61  C   X N4    1 
ATOM   1027 C C5    . C   A 1 48 ? 19.881  7.653   -8.837  1.00 46.56 ? 61  C   X C5    1 
ATOM   1028 C C6    . C   A 1 48 ? 19.255  7.916   -9.990  1.00 46.59 ? 61  C   X C6    1 
ATOM   1029 P P     . G   A 1 49 ? 20.588  10.688  -15.021 1.00 49.95 ? 62  G   X P     1 
ATOM   1030 O OP1   . G   A 1 49 ? 20.630  10.533  -16.495 1.00 49.94 ? 62  G   X OP1   1 
ATOM   1031 O OP2   . G   A 1 49 ? 21.623  10.032  -14.187 1.00 49.98 ? 62  G   X OP2   1 
ATOM   1032 O "O5'" . G   A 1 49 ? 20.572  12.251  -14.667 1.00 50.14 ? 62  G   X "O5'" 1 
ATOM   1033 C "C5'" . G   A 1 49 ? 21.479  13.144  -15.313 1.00 50.75 ? 62  G   X "C5'" 1 
ATOM   1034 C "C4'" . G   A 1 49 ? 22.319  13.941  -14.329 1.00 50.98 ? 62  G   X "C4'" 1 
ATOM   1035 O "O4'" . G   A 1 49 ? 22.780  13.086  -13.255 1.00 51.00 ? 62  G   X "O4'" 1 
ATOM   1036 C "C3'" . G   A 1 49 ? 23.574  14.554  -14.948 1.00 51.14 ? 62  G   X "C3'" 1 
ATOM   1037 O "O3'" . G   A 1 49 ? 23.436  15.970  -15.279 1.00 51.39 ? 62  G   X "O3'" 1 
ATOM   1038 C "C2'" . G   A 1 49 ? 24.721  14.230  -13.973 1.00 51.12 ? 62  G   X "C2'" 1 
ATOM   1039 O "O2'" . G   A 1 49 ? 25.447  15.369  -13.549 1.00 51.23 ? 62  G   X "O2'" 1 
ATOM   1040 C "C1'" . G   A 1 49 ? 24.026  13.556  -12.788 1.00 51.11 ? 62  G   X "C1'" 1 
ATOM   1041 N N9    . G   A 1 49 ? 24.751  12.410  -12.235 1.00 51.15 ? 62  G   X N9    1 
ATOM   1042 C C8    . G   A 1 49 ? 25.318  11.374  -12.940 1.00 51.17 ? 62  G   X C8    1 
ATOM   1043 N N7    . G   A 1 49 ? 25.899  10.481  -12.189 1.00 51.25 ? 62  G   X N7    1 
ATOM   1044 C C5    . G   A 1 49 ? 25.705  10.946  -10.896 1.00 51.24 ? 62  G   X C5    1 
ATOM   1045 C C6    . G   A 1 49 ? 26.119  10.394  -9.655  1.00 51.12 ? 62  G   X C6    1 
ATOM   1046 O O6    . G   A 1 49 ? 26.755  9.348   -9.456  1.00 51.07 ? 62  G   X O6    1 
ATOM   1047 N N1    . G   A 1 49 ? 25.724  11.181  -8.571  1.00 51.10 ? 62  G   X N1    1 
ATOM   1048 C C2    . G   A 1 49 ? 25.016  12.359  -8.678  1.00 51.15 ? 62  G   X C2    1 
ATOM   1049 N N2    . G   A 1 49 ? 24.723  12.979  -7.528  1.00 51.19 ? 62  G   X N2    1 
ATOM   1050 N N3    . G   A 1 49 ? 24.624  12.888  -9.835  1.00 51.14 ? 62  G   X N3    1 
ATOM   1051 C C4    . G   A 1 49 ? 24.999  12.134  -10.904 1.00 51.25 ? 62  G   X C4    1 
ATOM   1052 P P     . U   A 1 50 ? 22.757  17.121  -14.385 1.00 51.03 ? 63  U   X P     1 
ATOM   1053 O OP1   . U   A 1 50 ? 22.867  18.383  -15.150 1.00 51.04 ? 63  U   X OP1   1 
ATOM   1054 O OP2   . U   A 1 50 ? 23.341  17.061  -13.028 1.00 51.28 ? 63  U   X OP2   1 
ATOM   1055 O "O5'" . U   A 1 50 ? 21.210  16.701  -14.312 1.00 51.12 ? 63  U   X "O5'" 1 
ATOM   1056 C "C5'" . U   A 1 50 ? 20.138  17.628  -14.516 1.00 50.88 ? 63  U   X "C5'" 1 
ATOM   1057 C "C4'" . U   A 1 50 ? 19.655  18.257  -13.217 1.00 50.54 ? 63  U   X "C4'" 1 
ATOM   1058 O "O4'" . U   A 1 50 ? 19.742  17.311  -12.125 1.00 50.23 ? 63  U   X "O4'" 1 
ATOM   1059 C "C3'" . U   A 1 50 ? 20.465  19.481  -12.791 1.00 50.63 ? 63  U   X "C3'" 1 
ATOM   1060 O "O3'" . U   A 1 50 ? 19.831  20.753  -13.115 1.00 51.03 ? 63  U   X "O3'" 1 
ATOM   1061 C "C2'" . U   A 1 50 ? 20.752  19.280  -11.294 1.00 50.33 ? 63  U   X "C2'" 1 
ATOM   1062 O "O2'" . U   A 1 50 ? 20.352  20.364  -10.477 1.00 50.21 ? 63  U   X "O2'" 1 
ATOM   1063 C "C1'" . U   A 1 50 ? 19.973  18.018  -10.923 1.00 50.16 ? 63  U   X "C1'" 1 
ATOM   1064 N N1    . U   A 1 50 ? 20.736  17.168  -9.946  1.00 50.06 ? 63  U   X N1    1 
ATOM   1065 C C2    . U   A 1 50 ? 20.561  17.369  -8.584  1.00 49.96 ? 63  U   X C2    1 
ATOM   1066 O O2    . U   A 1 50 ? 19.800  18.196  -8.108  1.00 49.89 ? 63  U   X O2    1 
ATOM   1067 N N3    . U   A 1 50 ? 21.315  16.548  -7.776  1.00 50.00 ? 63  U   X N3    1 
ATOM   1068 C C4    . U   A 1 50 ? 22.213  15.571  -8.178  1.00 50.03 ? 63  U   X C4    1 
ATOM   1069 O O4    . U   A 1 50 ? 22.816  14.917  -7.333  1.00 49.92 ? 63  U   X O4    1 
ATOM   1070 C C5    . U   A 1 50 ? 22.350  15.423  -9.607  1.00 50.08 ? 63  U   X C5    1 
ATOM   1071 C C6    . U   A 1 50 ? 21.625  16.210  -10.415 1.00 50.13 ? 63  U   X C6    1 
ATOM   1072 P P     . A   A 1 51 ? 18.268  21.107  -12.984 1.00 51.13 ? 64  A   X P     1 
ATOM   1073 O OP1   . A   A 1 51 ? 18.140  22.556  -13.252 1.00 51.09 ? 64  A   X OP1   1 
ATOM   1074 O OP2   . A   A 1 51 ? 17.744  20.557  -11.712 1.00 50.90 ? 64  A   X OP2   1 
ATOM   1075 O "O5'" . A   A 1 51 ? 17.607  20.337  -14.221 1.00 50.96 ? 64  A   X "O5'" 1 
ATOM   1076 C "C5'" . A   A 1 51 ? 16.205  20.423  -14.447 1.00 50.47 ? 64  A   X "C5'" 1 
ATOM   1077 C "C4'" . A   A 1 51 ? 15.642  19.132  -15.017 1.00 50.06 ? 64  A   X "C4'" 1 
ATOM   1078 O "O4'" . A   A 1 51 ? 16.490  18.003  -14.680 1.00 49.55 ? 64  A   X "O4'" 1 
ATOM   1079 C "C3'" . A   A 1 51 ? 14.255  18.784  -14.496 1.00 50.02 ? 64  A   X "C3'" 1 
ATOM   1080 O "O3'" . A   A 1 51 ? 13.269  19.332  -15.364 1.00 50.65 ? 64  A   X "O3'" 1 
ATOM   1081 C "C2'" . A   A 1 51 ? 14.245  17.256  -14.483 1.00 49.64 ? 64  A   X "C2'" 1 
ATOM   1082 O "O2'" . A   A 1 51 ? 13.825  16.702  -15.716 1.00 49.37 ? 64  A   X "O2'" 1 
ATOM   1083 C "C1'" . A   A 1 51 ? 15.712  16.910  -14.225 1.00 49.02 ? 64  A   X "C1'" 1 
ATOM   1084 N N9    . A   A 1 51 ? 16.086  16.654  -12.829 1.00 48.58 ? 64  A   X N9    1 
ATOM   1085 C C8    . A   A 1 51 ? 15.695  17.339  -11.709 1.00 48.45 ? 64  A   X C8    1 
ATOM   1086 N N7    . A   A 1 51 ? 16.212  16.883  -10.594 1.00 48.36 ? 64  A   X N7    1 
ATOM   1087 C C5    . A   A 1 51 ? 17.006  15.828  -11.006 1.00 48.41 ? 64  A   X C5    1 
ATOM   1088 C C6    . A   A 1 51 ? 17.835  14.922  -10.304 1.00 48.62 ? 64  A   X C6    1 
ATOM   1089 N N6    . A   A 1 51 ? 17.992  14.943  -8.976  1.00 48.56 ? 64  A   X N6    1 
ATOM   1090 N N1    . A   A 1 51 ? 18.493  13.982  -11.020 1.00 48.63 ? 64  A   X N1    1 
ATOM   1091 C C2    . A   A 1 51 ? 18.336  13.956  -12.352 1.00 48.54 ? 64  A   X C2    1 
ATOM   1092 N N3    . A   A 1 51 ? 17.588  14.752  -13.119 1.00 48.44 ? 64  A   X N3    1 
ATOM   1093 C C4    . A   A 1 51 ? 16.943  15.675  -12.382 1.00 48.35 ? 64  A   X C4    1 
ATOM   1094 P P     . A   A 1 52 ? 11.868  19.850  -14.785 1.00 51.22 ? 65  A   X P     1 
ATOM   1095 O OP1   . A   A 1 52 ? 11.210  20.643  -15.849 1.00 51.12 ? 65  A   X OP1   1 
ATOM   1096 O OP2   . A   A 1 52 ? 12.109  20.468  -13.460 1.00 51.06 ? 65  A   X OP2   1 
ATOM   1097 O "O5'" . A   A 1 52 ? 11.046  18.493  -14.575 1.00 51.20 ? 65  A   X "O5'" 1 
ATOM   1098 C "C5'" . A   A 1 52 ? 10.610  17.719  -15.691 1.00 52.13 ? 65  A   X "C5'" 1 
ATOM   1099 C "C4'" . A   A 1 52 ? 10.214  16.316  -15.258 1.00 52.84 ? 65  A   X "C4'" 1 
ATOM   1100 O "O4'" . A   A 1 52 ? 11.317  15.685  -14.550 1.00 53.27 ? 65  A   X "O4'" 1 
ATOM   1101 C "C3'" . A   A 1 52 ? 9.005   16.219  -14.328 1.00 53.01 ? 65  A   X "C3'" 1 
ATOM   1102 O "O3'" . A   A 1 52 ? 8.208   15.103  -14.725 1.00 53.37 ? 65  A   X "O3'" 1 
ATOM   1103 C "C2'" . A   A 1 52 ? 9.672   16.000  -12.970 1.00 53.22 ? 65  A   X "C2'" 1 
ATOM   1104 O "O2'" . A   A 1 52 ? 8.842   15.395  -12.001 1.00 52.86 ? 65  A   X "O2'" 1 
ATOM   1105 C "C1'" . A   A 1 52 ? 10.793  15.059  -13.397 1.00 53.51 ? 65  A   X "C1'" 1 
ATOM   1106 N N9    . A   A 1 52 ? 11.850  14.803  -12.409 1.00 53.78 ? 65  A   X N9    1 
ATOM   1107 C C8    . A   A 1 52 ? 12.112  15.495  -11.255 1.00 53.71 ? 65  A   X C8    1 
ATOM   1108 N N7    . A   A 1 52 ? 13.121  15.022  -10.562 1.00 53.60 ? 65  A   X N7    1 
ATOM   1109 C C5    . A   A 1 52 ? 13.555  13.940  -11.309 1.00 53.69 ? 65  A   X C5    1 
ATOM   1110 C C6    . A   A 1 52 ? 14.600  13.007  -11.120 1.00 53.68 ? 65  A   X C6    1 
ATOM   1111 N N6    . A   A 1 52 ? 15.423  13.027  -10.069 1.00 53.63 ? 65  A   X N6    1 
ATOM   1112 N N1    . A   A 1 52 ? 14.767  12.043  -12.056 1.00 53.75 ? 65  A   X N1    1 
ATOM   1113 C C2    . A   A 1 52 ? 13.941  12.014  -13.115 1.00 53.75 ? 65  A   X C2    1 
ATOM   1114 N N3    . A   A 1 52 ? 12.928  12.837  -13.398 1.00 53.98 ? 65  A   X N3    1 
ATOM   1115 C C4    . A   A 1 52 ? 12.783  13.788  -12.450 1.00 53.92 ? 65  A   X C4    1 
ATOM   1116 P P     . A   A 1 53 ? 6.607   15.079  -14.607 1.00 53.49 ? 66  A   X P     1 
ATOM   1117 O OP1   . A   A 1 53 ? 6.072   15.287  -15.971 1.00 53.22 ? 66  A   X OP1   1 
ATOM   1118 O OP2   . A   A 1 53 ? 6.183   15.979  -13.509 1.00 53.75 ? 66  A   X OP2   1 
ATOM   1119 O "O5'" . A   A 1 53 ? 6.300   13.566  -14.177 1.00 53.34 ? 66  A   X "O5'" 1 
ATOM   1120 C "C5'" . A   A 1 53 ? 6.845   12.999  -12.982 1.00 53.56 ? 66  A   X "C5'" 1 
ATOM   1121 C "C4'" . A   A 1 53 ? 7.636   11.741  -13.298 1.00 54.01 ? 66  A   X "C4'" 1 
ATOM   1122 O "O4'" . A   A 1 53 ? 9.049   12.063  -13.452 1.00 53.84 ? 66  A   X "O4'" 1 
ATOM   1123 C "C3'" . A   A 1 53 ? 7.653   10.659  -12.221 1.00 54.32 ? 66  A   X "C3'" 1 
ATOM   1124 O "O3'" . A   A 1 53 ? 6.477   9.862   -12.169 1.00 54.85 ? 66  A   X "O3'" 1 
ATOM   1125 C "C2'" . A   A 1 53 ? 8.871   9.863   -12.668 1.00 54.14 ? 66  A   X "C2'" 1 
ATOM   1126 O "O2'" . A   A 1 53 ? 8.654   9.127   -13.858 1.00 54.11 ? 66  A   X "O2'" 1 
ATOM   1127 C "C1'" . A   A 1 53 ? 9.836   11.027  -12.881 1.00 53.94 ? 66  A   X "C1'" 1 
ATOM   1128 N N9    . A   A 1 53 ? 10.433  11.458  -11.609 1.00 53.86 ? 66  A   X N9    1 
ATOM   1129 C C8    . A   A 1 53 ? 10.148  12.593  -10.897 1.00 53.74 ? 66  A   X C8    1 
ATOM   1130 N N7    . A   A 1 53 ? 10.825  12.716  -9.782  1.00 53.70 ? 66  A   X N7    1 
ATOM   1131 C C5    . A   A 1 53 ? 11.606  11.575  -9.742  1.00 53.83 ? 66  A   X C5    1 
ATOM   1132 C C6    . A   A 1 53 ? 12.553  11.102  -8.805  1.00 53.79 ? 66  A   X C6    1 
ATOM   1133 N N6    . A   A 1 53 ? 12.876  11.762  -7.687  1.00 53.70 ? 66  A   X N6    1 
ATOM   1134 N N1    . A   A 1 53 ? 13.161  9.921   -9.062  1.00 53.78 ? 66  A   X N1    1 
ATOM   1135 C C2    . A   A 1 53 ? 12.841  9.261   -10.185 1.00 53.76 ? 66  A   X C2    1 
ATOM   1136 N N3    . A   A 1 53 ? 11.969  9.606   -11.137 1.00 53.73 ? 66  A   X N3    1 
ATOM   1137 C C4    . A   A 1 53 ? 11.377  10.784  -10.858 1.00 53.86 ? 66  A   X C4    1 
ATOM   1138 P P     . U   A 1 54 ? 5.674   9.738   -10.785 1.00 55.60 ? 67  U   X P     1 
ATOM   1139 O OP1   . U   A 1 54 ? 4.238   9.637   -11.131 1.00 56.31 ? 67  U   X OP1   1 
ATOM   1140 O OP2   . U   A 1 54 ? 6.131   10.810  -9.872  1.00 55.27 ? 67  U   X OP2   1 
ATOM   1141 O "O5'" . U   A 1 54 ? 6.075   8.304   -10.193 1.00 55.68 ? 67  U   X "O5'" 1 
ATOM   1142 C "C5'" . U   A 1 54 ? 7.272   8.090   -9.457  1.00 55.45 ? 67  U   X "C5'" 1 
ATOM   1143 C "C4'" . U   A 1 54 ? 8.207   7.212   -10.268 1.00 55.14 ? 67  U   X "C4'" 1 
ATOM   1144 O "O4'" . U   A 1 54 ? 9.565   7.693   -10.106 1.00 54.74 ? 67  U   X "O4'" 1 
ATOM   1145 C "C3'" . U   A 1 54 ? 8.261   5.742   -9.866  1.00 54.91 ? 67  U   X "C3'" 1 
ATOM   1146 O "O3'" . U   A 1 54 ? 7.244   4.993   -10.518 1.00 54.77 ? 67  U   X "O3'" 1 
ATOM   1147 C "C2'" . U   A 1 54 ? 9.646   5.353   -10.365 1.00 54.83 ? 67  U   X "C2'" 1 
ATOM   1148 O "O2'" . U   A 1 54 ? 9.689   5.141   -11.765 1.00 54.70 ? 67  U   X "O2'" 1 
ATOM   1149 C "C1'" . U   A 1 54 ? 10.452  6.594   -9.987  1.00 54.82 ? 67  U   X "C1'" 1 
ATOM   1150 N N1    . U   A 1 54 ? 11.062  6.557   -8.598  1.00 54.83 ? 67  U   X N1    1 
ATOM   1151 C C2    . U   A 1 54 ? 12.070  5.647   -8.309  1.00 54.79 ? 67  U   X C2    1 
ATOM   1152 O O2    . U   A 1 54 ? 12.516  4.841   -9.111  1.00 54.68 ? 67  U   X O2    1 
ATOM   1153 N N3    . U   A 1 54 ? 12.550  5.702   -7.020  1.00 54.82 ? 67  U   X N3    1 
ATOM   1154 C C4    . U   A 1 54 ? 12.144  6.556   -6.009  1.00 54.60 ? 67  U   X C4    1 
ATOM   1155 O O4    . U   A 1 54 ? 12.676  6.485   -4.906  1.00 54.67 ? 67  U   X O4    1 
ATOM   1156 C C5    . U   A 1 54 ? 11.100  7.476   -6.379  1.00 54.63 ? 67  U   X C5    1 
ATOM   1157 C C6    . U   A 1 54 ? 10.612  7.442   -7.628  1.00 54.74 ? 67  U   X C6    1 
ATOM   1158 P P     . G   A 1 55 ? 6.688   3.630   -9.882  1.00 54.91 ? 68  G   X P     1 
ATOM   1159 O OP1   . G   A 1 55 ? 5.508   3.229   -10.683 1.00 55.12 ? 68  G   X OP1   1 
ATOM   1160 O OP2   . G   A 1 55 ? 6.555   3.804   -8.417  1.00 54.19 ? 68  G   X OP2   1 
ATOM   1161 O "O5'" . G   A 1 55 ? 7.868   2.584   -10.159 1.00 55.20 ? 68  G   X "O5'" 1 
ATOM   1162 C "C5'" . G   A 1 55 ? 8.148   2.111   -11.476 1.00 55.36 ? 68  G   X "C5'" 1 
ATOM   1163 C "C4'" . G   A 1 55 ? 9.305   1.132   -11.447 1.00 55.66 ? 68  G   X "C4'" 1 
ATOM   1164 O "O4'" . G   A 1 55 ? 10.491  1.805   -10.949 1.00 55.88 ? 68  G   X "O4'" 1 
ATOM   1165 C "C3'" . G   A 1 55 ? 9.134   -0.055  -10.508 1.00 55.99 ? 68  G   X "C3'" 1 
ATOM   1166 O "O3'" . G   A 1 55 ? 8.392   -1.097  -11.135 1.00 56.66 ? 68  G   X "O3'" 1 
ATOM   1167 C "C2'" . G   A 1 55 ? 10.588  -0.439  -10.233 1.00 55.71 ? 68  G   X "C2'" 1 
ATOM   1168 O "O2'" . G   A 1 55 ? 11.204  -1.160  -11.287 1.00 55.62 ? 68  G   X "O2'" 1 
ATOM   1169 C "C1'" . G   A 1 55 ? 11.227  0.939   -10.100 1.00 55.11 ? 68  G   X "C1'" 1 
ATOM   1170 N N9    . G   A 1 55 ? 11.214  1.455   -8.729  1.00 54.90 ? 68  G   X N9    1 
ATOM   1171 C C8    . G   A 1 55 ? 10.463  2.498   -8.241  1.00 54.72 ? 68  G   X C8    1 
ATOM   1172 N N7    . G   A 1 55 ? 10.656  2.737   -6.975  1.00 54.74 ? 68  G   X N7    1 
ATOM   1173 C C5    . G   A 1 55 ? 11.597  1.789   -6.590  1.00 54.94 ? 68  G   X C5    1 
ATOM   1174 C C6    . G   A 1 55 ? 12.203  1.556   -5.325  1.00 54.85 ? 68  G   X C6    1 
ATOM   1175 O O6    . G   A 1 55 ? 12.013  2.160   -4.261  1.00 54.67 ? 68  G   X O6    1 
ATOM   1176 N N1    . G   A 1 55 ? 13.111  0.495   -5.364  1.00 54.76 ? 68  G   X N1    1 
ATOM   1177 C C2    . G   A 1 55 ? 13.395  -0.247  -6.488  1.00 54.66 ? 68  G   X C2    1 
ATOM   1178 N N2    . G   A 1 55 ? 14.291  -1.231  -6.342  1.00 54.85 ? 68  G   X N2    1 
ATOM   1179 N N3    . G   A 1 55 ? 12.838  -0.040  -7.675  1.00 54.48 ? 68  G   X N3    1 
ATOM   1180 C C4    . G   A 1 55 ? 11.951  0.991   -7.659  1.00 54.88 ? 68  G   X C4    1 
ATOM   1181 P P     . U   A 1 56 ? 7.438   -2.054  -10.281 1.00 57.02 ? 69  U   X P     1 
ATOM   1182 O OP1   . U   A 1 56 ? 6.761   -2.958  -11.239 1.00 57.61 ? 69  U   X OP1   1 
ATOM   1183 O OP2   . U   A 1 56 ? 6.629   -1.223  -9.362  1.00 57.31 ? 69  U   X OP2   1 
ATOM   1184 O "O5'" . U   A 1 56 ? 8.451   -2.920  -9.395  1.00 57.12 ? 69  U   X "O5'" 1 
ATOM   1185 C "C5'" . U   A 1 56 ? 9.343   -3.873  -9.974  1.00 56.74 ? 69  U   X "C5'" 1 
ATOM   1186 C "C4'" . U   A 1 56 ? 10.337  -4.367  -8.938  1.00 56.32 ? 69  U   X "C4'" 1 
ATOM   1187 O "O4'" . U   A 1 56 ? 11.070  -3.233  -8.405  1.00 55.65 ? 69  U   X "O4'" 1 
ATOM   1188 C "C3'" . U   A 1 56 ? 9.748   -5.035  -7.696  1.00 56.26 ? 69  U   X "C3'" 1 
ATOM   1189 O "O3'" . U   A 1 56 ? 9.430   -6.398  -7.942  1.00 56.87 ? 69  U   X "O3'" 1 
ATOM   1190 C "C2'" . U   A 1 56 ? 10.907  -4.880  -6.717  1.00 55.77 ? 69  U   X "C2'" 1 
ATOM   1191 O "O2'" . U   A 1 56 ? 11.973  -5.786  -6.949  1.00 55.29 ? 69  U   X "O2'" 1 
ATOM   1192 C "C1'" . U   A 1 56 ? 11.358  -3.457  -7.031  1.00 55.28 ? 69  U   X "C1'" 1 
ATOM   1193 N N1    . U   A 1 56 ? 10.726  -2.391  -6.154  1.00 54.91 ? 69  U   X N1    1 
ATOM   1194 C C2    . U   A 1 56 ? 11.247  -2.161  -4.888  1.00 54.65 ? 69  U   X C2    1 
ATOM   1195 O O2    . U   A 1 56 ? 12.195  -2.772  -4.430  1.00 54.54 ? 69  U   X O2    1 
ATOM   1196 N N3    . U   A 1 56 ? 10.617  -1.171  -4.167  1.00 54.63 ? 69  U   X N3    1 
ATOM   1197 C C4    . U   A 1 56 ? 9.532   -0.403  -4.572  1.00 54.91 ? 69  U   X C4    1 
ATOM   1198 O O4    . U   A 1 56 ? 9.068   0.451   -3.818  1.00 54.61 ? 69  U   X O4    1 
ATOM   1199 C C5    . U   A 1 56 ? 9.043   -0.700  -5.901  1.00 54.65 ? 69  U   X C5    1 
ATOM   1200 C C6    . U   A 1 56 ? 9.645   -1.656  -6.621  1.00 54.60 ? 69  U   X C6    1 
ATOM   1201 P P     . C   A 1 57 ? 8.375   -7.214  -7.050  1.00 57.61 ? 70  C   X P     1 
ATOM   1202 O OP1   . C   A 1 57 ? 8.158   -8.484  -7.780  1.00 58.48 ? 70  C   X OP1   1 
ATOM   1203 O OP2   . C   A 1 57 ? 7.230   -6.336  -6.724  1.00 57.17 ? 70  C   X OP2   1 
ATOM   1204 O "O5'" . C   A 1 57 ? 9.148   -7.543  -5.683  1.00 57.09 ? 70  C   X "O5'" 1 
ATOM   1205 C "C5'" . C   A 1 57 ? 10.118  -8.585  -5.578  1.00 56.00 ? 70  C   X "C5'" 1 
ATOM   1206 C "C4'" . C   A 1 57 ? 10.879  -8.495  -4.263  1.00 55.53 ? 70  C   X "C4'" 1 
ATOM   1207 O "O4'" . C   A 1 57 ? 11.380  -7.145  -4.090  1.00 55.13 ? 70  C   X "O4'" 1 
ATOM   1208 C "C3'" . C   A 1 57 ? 10.070  -8.748  -2.994  1.00 55.60 ? 70  C   X "C3'" 1 
ATOM   1209 O "O3'" . C   A 1 57 ? 9.993   -10.134 -2.692  1.00 55.81 ? 70  C   X "O3'" 1 
ATOM   1210 C "C2'" . C   A 1 57 ? 10.888  -8.007  -1.940  1.00 55.29 ? 70  C   X "C2'" 1 
ATOM   1211 O "O2'" . C   A 1 57 ? 12.020  -8.733  -1.495  1.00 55.52 ? 70  C   X "O2'" 1 
ATOM   1212 C "C1'" . C   A 1 57 ? 11.334  -6.775  -2.718  1.00 54.59 ? 70  C   X "C1'" 1 
ATOM   1213 N N1    . C   A 1 57 ? 10.456  -5.564  -2.510  1.00 53.94 ? 70  C   X N1    1 
ATOM   1214 C C2    . C   A 1 57 ? 10.616  -4.768  -1.359  1.00 53.60 ? 70  C   X C2    1 
ATOM   1215 O O2    . C   A 1 57 ? 11.472  -5.066  -0.516  1.00 53.53 ? 70  C   X O2    1 
ATOM   1216 N N3    . C   A 1 57 ? 9.818   -3.679  -1.197  1.00 53.55 ? 70  C   X N3    1 
ATOM   1217 C C4    . C   A 1 57 ? 8.899   -3.371  -2.119  1.00 53.84 ? 70  C   X C4    1 
ATOM   1218 N N4    . C   A 1 57 ? 8.140   -2.290  -1.921  1.00 53.81 ? 70  C   X N4    1 
ATOM   1219 C C5    . C   A 1 57 ? 8.719   -4.161  -3.294  1.00 53.79 ? 70  C   X C5    1 
ATOM   1220 C C6    . C   A 1 57 ? 9.510   -5.232  -3.442  1.00 53.80 ? 70  C   X C6    1 
ATOM   1221 P P     . C   A 1 58 ? 8.757   -10.705 -1.856  1.00 55.60 ? 71  C   X P     1 
ATOM   1222 O OP1   . C   A 1 58 ? 8.819   -12.183 -1.935  1.00 56.03 ? 71  C   X OP1   1 
ATOM   1223 O OP2   . C   A 1 58 ? 7.539   -9.978  -2.288  1.00 55.57 ? 71  C   X OP2   1 
ATOM   1224 O "O5'" . C   A 1 58 ? 9.077   -10.288 -0.347  1.00 56.03 ? 71  C   X "O5'" 1 
ATOM   1225 C "C5'" . C   A 1 58 ? 10.178  -10.837 0.376   1.00 55.24 ? 71  C   X "C5'" 1 
ATOM   1226 C "C4'" . C   A 1 58 ? 10.320  -10.122 1.707   1.00 54.86 ? 71  C   X "C4'" 1 
ATOM   1227 O "O4'" . C   A 1 58 ? 10.612  -8.716  1.492   1.00 54.10 ? 71  C   X "O4'" 1 
ATOM   1228 C "C3'" . C   A 1 58 ? 9.054   -10.079 2.550   1.00 54.74 ? 71  C   X "C3'" 1 
ATOM   1229 O "O3'" . C   A 1 58 ? 8.846   -11.312 3.218   1.00 55.99 ? 71  C   X "O3'" 1 
ATOM   1230 C "C2'" . C   A 1 58 ? 9.374   -8.930  3.501   1.00 53.96 ? 71  C   X "C2'" 1 
ATOM   1231 O "O2'" . C   A 1 58 ? 10.271  -9.280  4.542   1.00 52.97 ? 71  C   X "O2'" 1 
ATOM   1232 C "C1'" . C   A 1 58 ? 10.033  -7.945  2.540   1.00 53.13 ? 71  C   X "C1'" 1 
ATOM   1233 N N1    . C   A 1 58 ? 9.083   -6.905  1.982   1.00 52.60 ? 71  C   X N1    1 
ATOM   1234 C C2    . C   A 1 58 ? 8.713   -5.784  2.758   1.00 52.10 ? 71  C   X C2    1 
ATOM   1235 O O2    . C   A 1 58 ? 9.164   -5.646  3.900   1.00 51.91 ? 71  C   X O2    1 
ATOM   1236 N N3    . C   A 1 58 ? 7.858   -4.863  2.230   1.00 51.76 ? 71  C   X N3    1 
ATOM   1237 C C4    . C   A 1 58 ? 7.381   -5.032  0.990   1.00 52.04 ? 71  C   X C4    1 
ATOM   1238 N N4    . C   A 1 58 ? 6.547   -4.112  0.500   1.00 52.12 ? 71  C   X N4    1 
ATOM   1239 C C5    . C   A 1 58 ? 7.738   -6.160  0.189   1.00 51.83 ? 71  C   X C5    1 
ATOM   1240 C C6    . C   A 1 58 ? 8.577   -7.057  0.718   1.00 51.92 ? 71  C   X C6    1 
ATOM   1241 P P     . G   A 1 59 ? 7.355   -11.831 3.483   1.00 56.98 ? 72  G   X P     1 
ATOM   1242 O OP1   . G   A 1 59 ? 7.449   -13.211 4.010   1.00 57.50 ? 72  G   X OP1   1 
ATOM   1243 O OP2   . G   A 1 59 ? 6.539   -11.553 2.278   1.00 56.89 ? 72  G   X OP2   1 
ATOM   1244 O "O5'" . G   A 1 59 ? 6.854   -10.899 4.677   1.00 56.17 ? 72  G   X "O5'" 1 
ATOM   1245 C "C5'" . G   A 1 59 ? 7.478   -10.960 5.952   1.00 55.21 ? 72  G   X "C5'" 1 
ATOM   1246 C "C4'" . G   A 1 59 ? 6.995   -9.806  6.803   1.00 54.56 ? 72  G   X "C4'" 1 
ATOM   1247 O "O4'" . G   A 1 59 ? 7.389   -8.555  6.198   1.00 54.18 ? 72  G   X "O4'" 1 
ATOM   1248 C "C3'" . G   A 1 59 ? 5.487   -9.668  6.885   1.00 54.56 ? 72  G   X "C3'" 1 
ATOM   1249 O "O3'" . G   A 1 59 ? 4.963   -10.642 7.779   1.00 55.42 ? 72  G   X "O3'" 1 
ATOM   1250 C "C2'" . G   A 1 59 ? 5.368   -8.218  7.360   1.00 54.19 ? 72  G   X "C2'" 1 
ATOM   1251 O "O2'" . G   A 1 59 ? 5.702   -8.012  8.723   1.00 54.74 ? 72  G   X "O2'" 1 
ATOM   1252 C "C1'" . G   A 1 59 ? 6.424   -7.559  6.478   1.00 52.82 ? 72  G   X "C1'" 1 
ATOM   1253 N N9    . G   A 1 59 ? 5.891   -7.031  5.223   1.00 52.47 ? 72  G   X N9    1 
ATOM   1254 C C8    . G   A 1 59 ? 5.829   -7.656  3.999   1.00 52.15 ? 72  G   X C8    1 
ATOM   1255 N N7    . G   A 1 59 ? 5.287   -6.924  3.066   1.00 51.78 ? 72  G   X N7    1 
ATOM   1256 C C5    . G   A 1 59 ? 4.970   -5.735  3.703   1.00 51.97 ? 72  G   X C5    1 
ATOM   1257 C C6    . G   A 1 59 ? 4.360   -4.556  3.201   1.00 52.23 ? 72  G   X C6    1 
ATOM   1258 O O6    . G   A 1 59 ? 3.968   -4.330  2.045   1.00 52.06 ? 72  G   X O6    1 
ATOM   1259 N N1    . G   A 1 59 ? 4.217   -3.578  4.191   1.00 52.20 ? 72  G   X N1    1 
ATOM   1260 C C2    . G   A 1 59 ? 4.614   -3.730  5.504   1.00 52.39 ? 72  G   X C2    1 
ATOM   1261 N N2    . G   A 1 59 ? 4.404   -2.696  6.335   1.00 52.29 ? 72  G   X N2    1 
ATOM   1262 N N3    . G   A 1 59 ? 5.188   -4.829  5.982   1.00 52.30 ? 72  G   X N3    1 
ATOM   1263 C C4    . G   A 1 59 ? 5.337   -5.786  5.031   1.00 52.33 ? 72  G   X C4    1 
ATOM   1264 P P     . A   A 1 60 ? 3.422   -11.074 7.734   1.00 56.04 ? 73  A   X P     1 
ATOM   1265 O OP1   . A   A 1 60 ? 3.329   -12.468 8.228   1.00 55.61 ? 73  A   X OP1   1 
ATOM   1266 O OP2   . A   A 1 60 ? 2.840   -10.725 6.413   1.00 55.33 ? 73  A   X OP2   1 
ATOM   1267 O "O5'" . A   A 1 60 ? 2.820   -10.112 8.865   1.00 55.83 ? 73  A   X "O5'" 1 
ATOM   1268 C "C5'" . A   A 1 60 ? 1.408   -10.065 9.076   1.00 55.57 ? 73  A   X "C5'" 1 
ATOM   1269 C "C4'" . A   A 1 60 ? 0.963   -8.666  9.460   1.00 54.85 ? 73  A   X "C4'" 1 
ATOM   1270 O "O4'" . A   A 1 60 ? 1.098   -7.773  8.324   1.00 54.85 ? 73  A   X "O4'" 1 
ATOM   1271 C "C3'" . A   A 1 60 ? -0.501  -8.547  9.846   1.00 54.47 ? 73  A   X "C3'" 1 
ATOM   1272 O "O3'" . A   A 1 60 ? -0.677  -8.902  11.206  1.00 54.33 ? 73  A   X "O3'" 1 
ATOM   1273 C "C2'" . A   A 1 60 ? -0.757  -7.063  9.600   1.00 54.31 ? 73  A   X "C2'" 1 
ATOM   1274 O "O2'" . A   A 1 60 ? -0.305  -6.226  10.651  1.00 53.38 ? 73  A   X "O2'" 1 
ATOM   1275 C "C1'" . A   A 1 60 ? 0.050   -6.819  8.333   1.00 53.94 ? 73  A   X "C1'" 1 
ATOM   1276 N N9    . A   A 1 60 ? -0.729  -6.935  7.098   1.00 53.80 ? 73  A   X N9    1 
ATOM   1277 C C8    . A   A 1 60 ? -0.749  -7.985  6.220   1.00 53.83 ? 73  A   X C8    1 
ATOM   1278 N N7    . A   A 1 60 ? -1.540  -7.810  5.186   1.00 53.95 ? 73  A   X N7    1 
ATOM   1279 C C5    . A   A 1 60 ? -2.079  -6.553  5.399   1.00 53.39 ? 73  A   X C5    1 
ATOM   1280 C C6    . A   A 1 60 ? -2.992  -5.770  4.666   1.00 53.21 ? 73  A   X C6    1 
ATOM   1281 N N6    . A   A 1 60 ? -3.550  -6.163  3.522   1.00 53.65 ? 73  A   X N6    1 
ATOM   1282 N N1    . A   A 1 60 ? -3.324  -4.562  5.153   1.00 53.53 ? 73  A   X N1    1 
ATOM   1283 C C2    . A   A 1 60 ? -2.776  -4.154  6.303   1.00 53.55 ? 73  A   X C2    1 
ATOM   1284 N N3    . A   A 1 60 ? -1.906  -4.799  7.078   1.00 53.74 ? 73  A   X N3    1 
ATOM   1285 C C4    . A   A 1 60 ? -1.593  -6.002  6.570   1.00 53.55 ? 73  A   X C4    1 
ATOM   1286 P P     . C   A 1 61 ? -2.040  -9.572  11.719  1.00 54.03 ? 74  C   X P     1 
ATOM   1287 O OP1   . C   A 1 61 ? -1.854  -9.852  13.163  1.00 54.28 ? 74  C   X OP1   1 
ATOM   1288 O OP2   . C   A 1 61 ? -2.416  -10.670 10.803  1.00 53.87 ? 74  C   X OP2   1 
ATOM   1289 O "O5'" . C   A 1 61 ? -3.120  -8.400  11.563  1.00 52.98 ? 74  C   X "O5'" 1 
ATOM   1290 C "C5'" . C   A 1 61 ? -3.124  -7.251  12.411  1.00 51.18 ? 74  C   X "C5'" 1 
ATOM   1291 C "C4'" . C   A 1 61 ? -3.990  -6.158  11.808  1.00 50.13 ? 74  C   X "C4'" 1 
ATOM   1292 O "O4'" . C   A 1 61 ? -3.535  -5.842  10.464  1.00 49.79 ? 74  C   X "O4'" 1 
ATOM   1293 C "C3'" . C   A 1 61 ? -5.459  -6.512  11.621  1.00 49.20 ? 74  C   X "C3'" 1 
ATOM   1294 O "O3'" . C   A 1 61 ? -6.164  -6.299  12.834  1.00 48.22 ? 74  C   X "O3'" 1 
ATOM   1295 C "C2'" . C   A 1 61 ? -5.866  -5.511  10.539  1.00 49.74 ? 74  C   X "C2'" 1 
ATOM   1296 O "O2'" . C   A 1 61 ? -6.082  -4.201  11.042  1.00 49.64 ? 74  C   X "O2'" 1 
ATOM   1297 C "C1'" . C   A 1 61 ? -4.638  -5.523  9.631   1.00 49.66 ? 74  C   X "C1'" 1 
ATOM   1298 N N1    . C   A 1 61 ? -4.738  -6.464  8.438   1.00 49.20 ? 74  C   X N1    1 
ATOM   1299 C C2    . C   A 1 61 ? -5.472  -6.084  7.294   1.00 48.92 ? 74  C   X C2    1 
ATOM   1300 O O2    . C   A 1 61 ? -6.046  -4.989  7.248   1.00 49.17 ? 74  C   X O2    1 
ATOM   1301 N N3    . C   A 1 61 ? -5.551  -6.935  6.239   1.00 48.72 ? 74  C   X N3    1 
ATOM   1302 C C4    . C   A 1 61 ? -4.935  -8.115  6.277   1.00 49.30 ? 74  C   X C4    1 
ATOM   1303 N N4    . C   A 1 61 ? -5.047  -8.900  5.198   1.00 49.48 ? 74  C   X N4    1 
ATOM   1304 C C5    . C   A 1 61 ? -4.182  -8.533  7.421   1.00 49.39 ? 74  C   X C5    1 
ATOM   1305 C C6    . C   A 1 61 ? -4.113  -7.686  8.462   1.00 49.29 ? 74  C   X C6    1 
ATOM   1306 P P     . U   A 1 62 ? -7.496  -7.114  13.189  1.00 46.50 ? 75  U   X P     1 
ATOM   1307 O OP1   . U   A 1 62 ? -7.962  -6.628  14.506  1.00 47.04 ? 75  U   X OP1   1 
ATOM   1308 O OP2   . U   A 1 62 ? -7.228  -8.553  13.000  1.00 46.29 ? 75  U   X OP2   1 
ATOM   1309 O "O5'" . U   A 1 62 ? -8.543  -6.653  12.062  1.00 48.14 ? 75  U   X "O5'" 1 
ATOM   1310 C "C5'" . U   A 1 62 ? -9.269  -5.416  12.126  1.00 47.63 ? 75  U   X "C5'" 1 
ATOM   1311 C "C4'" . U   A 1 62 ? -10.162 -5.250  10.905  1.00 47.80 ? 75  U   X "C4'" 1 
ATOM   1312 O "O4'" . U   A 1 62 ? -9.356  -5.193  9.690   1.00 47.43 ? 75  U   X "O4'" 1 
ATOM   1313 C "C3'" . U   A 1 62 ? -11.124 -6.398  10.618  1.00 47.80 ? 75  U   X "C3'" 1 
ATOM   1314 O "O3'" . U   A 1 62 ? -12.271 -6.346  11.455  1.00 48.97 ? 75  U   X "O3'" 1 
ATOM   1315 C "C2'" . U   A 1 62 ? -11.436 -6.141  9.146   1.00 47.32 ? 75  U   X "C2'" 1 
ATOM   1316 O "O2'" . U   A 1 62 ? -12.262 -5.007  8.945   1.00 47.66 ? 75  U   X "O2'" 1 
ATOM   1317 C "C1'" . U   A 1 62 ? -10.036 -5.844  8.618   1.00 46.14 ? 75  U   X "C1'" 1 
ATOM   1318 N N1    . U   A 1 62 ? -9.280  -7.075  8.120   1.00 45.42 ? 75  U   X N1    1 
ATOM   1319 C C2    . U   A 1 62 ? -9.517  -7.566  6.833   1.00 45.07 ? 75  U   X C2    1 
ATOM   1320 O O2    . U   A 1 62 ? -10.308 -7.076  6.034   1.00 44.75 ? 75  U   X O2    1 
ATOM   1321 N N3    . U   A 1 62 ? -8.780  -8.678  6.490   1.00 44.35 ? 75  U   X N3    1 
ATOM   1322 C C4    . U   A 1 62 ? -7.851  -9.342  7.274   1.00 45.16 ? 75  U   X C4    1 
ATOM   1323 O O4    . U   A 1 62 ? -7.271  -10.326 6.829   1.00 44.41 ? 75  U   X O4    1 
ATOM   1324 C C5    . U   A 1 62 ? -7.657  -8.781  8.592   1.00 44.74 ? 75  U   X C5    1 
ATOM   1325 C C6    . U   A 1 62 ? -8.362  -7.698  8.953   1.00 44.68 ? 75  U   X C6    1 
ATOM   1326 P P     . A   A 1 63 ? -13.044 -7.688  11.882  1.00 48.11 ? 76  A   X P     1 
ATOM   1327 O OP1   . A   A 1 63 ? -13.949 -7.343  12.999  1.00 48.94 ? 76  A   X OP1   1 
ATOM   1328 O OP2   . A   A 1 63 ? -12.049 -8.765  12.041  1.00 49.98 ? 76  A   X OP2   1 
ATOM   1329 O "O5'" . A   A 1 63 ? -13.927 -8.036  10.607  1.00 48.92 ? 76  A   X "O5'" 1 
ATOM   1330 C "C5'" . A   A 1 63 ? -14.933 -7.152  10.117  1.00 48.57 ? 76  A   X "C5'" 1 
ATOM   1331 C "C4'" . A   A 1 63 ? -15.403 -7.664  8.773   1.00 48.76 ? 76  A   X "C4'" 1 
ATOM   1332 O "O4'" . A   A 1 63 ? -14.278 -7.667  7.862   1.00 48.39 ? 76  A   X "O4'" 1 
ATOM   1333 C "C3'" . A   A 1 63 ? -15.853 -9.119  8.767   1.00 49.10 ? 76  A   X "C3'" 1 
ATOM   1334 O "O3'" . A   A 1 63 ? -17.199 -9.245  9.224   1.00 49.68 ? 76  A   X "O3'" 1 
ATOM   1335 C "C2'" . A   A 1 63 ? -15.695 -9.480  7.291   1.00 49.26 ? 76  A   X "C2'" 1 
ATOM   1336 O "O2'" . A   A 1 63 ? -16.758 -8.997  6.490   1.00 48.59 ? 76  A   X "O2'" 1 
ATOM   1337 C "C1'" . A   A 1 63 ? -14.402 -8.746  6.946   1.00 48.00 ? 76  A   X "C1'" 1 
ATOM   1338 N N9    . A   A 1 63 ? -13.195 -9.570  7.024   1.00 47.65 ? 76  A   X N9    1 
ATOM   1339 C C8    . A   A 1 63 ? -12.297 -9.600  8.053   1.00 47.51 ? 76  A   X C8    1 
ATOM   1340 N N7    . A   A 1 63 ? -11.292 -10.420 7.868   1.00 47.33 ? 76  A   X N7    1 
ATOM   1341 C C5    . A   A 1 63 ? -11.545 -10.970 6.625   1.00 47.36 ? 76  A   X C5    1 
ATOM   1342 C C6    . A   A 1 63 ? -10.851 -11.919 5.847   1.00 46.90 ? 76  A   X C6    1 
ATOM   1343 N N6    . A   A 1 63 ? -9.717  -12.484 6.242   1.00 46.85 ? 76  A   X N6    1 
ATOM   1344 N N1    . A   A 1 63 ? -11.374 -12.267 4.648   1.00 47.53 ? 76  A   X N1    1 
ATOM   1345 C C2    . A   A 1 63 ? -12.515 -11.694 4.247   1.00 47.22 ? 76  A   X C2    1 
ATOM   1346 N N3    . A   A 1 63 ? -13.248 -10.787 4.892   1.00 47.56 ? 76  A   X N3    1 
ATOM   1347 C C4    . A   A 1 63 ? -12.713 -10.460 6.085   1.00 47.53 ? 76  A   X C4    1 
ATOM   1348 P P     . U   A 1 64 ? -17.716 -10.587 9.939   1.00 49.51 ? 77  U   X P     1 
ATOM   1349 O OP1   . U   A 1 64 ? -19.036 -10.280 10.533  1.00 50.11 ? 77  U   X OP1   1 
ATOM   1350 O OP2   . U   A 1 64 ? -16.635 -11.129 10.788  1.00 50.53 ? 77  U   X OP2   1 
ATOM   1351 O "O5'" . U   A 1 64 ? -17.922 -11.596 8.735   1.00 48.62 ? 77  U   X "O5'" 1 
ATOM   1352 C "C5'" . U   A 1 64 ? -18.986 -11.437 7.832   1.00 48.12 ? 77  U   X "C5'" 1 
ATOM   1353 C "C4'" . U   A 1 64 ? -18.812 -12.458 6.733   1.00 48.22 ? 77  U   X "C4'" 1 
ATOM   1354 O "O4'" . U   A 1 64 ? -17.604 -12.162 5.980   1.00 48.34 ? 77  U   X "O4'" 1 
ATOM   1355 C "C3'" . U   A 1 64 ? -18.557 -13.875 7.218   1.00 48.35 ? 77  U   X "C3'" 1 
ATOM   1356 O "O3'" . U   A 1 64 ? -19.734 -14.485 7.717   1.00 47.61 ? 77  U   X "O3'" 1 
ATOM   1357 C "C2'" . U   A 1 64 ? -18.011 -14.478 5.928   1.00 48.87 ? 77  U   X "C2'" 1 
ATOM   1358 O "O2'" . U   A 1 64 ? -18.988 -14.617 4.920   1.00 49.35 ? 77  U   X "O2'" 1 
ATOM   1359 C "C1'" . U   A 1 64 ? -17.012 -13.381 5.564   1.00 49.04 ? 77  U   X "C1'" 1 
ATOM   1360 N N1    . U   A 1 64 ? -15.639 -13.588 6.195   1.00 49.60 ? 77  U   X N1    1 
ATOM   1361 C C2    . U   A 1 64 ? -14.680 -14.221 5.431   1.00 49.07 ? 77  U   X C2    1 
ATOM   1362 O O2    . U   A 1 64 ? -14.895 -14.605 4.297   1.00 49.08 ? 77  U   X O2    1 
ATOM   1363 N N3    . U   A 1 64 ? -13.459 -14.390 6.043   1.00 49.02 ? 77  U   X N3    1 
ATOM   1364 C C4    . U   A 1 64 ? -13.111 -14.002 7.331   1.00 49.54 ? 77  U   X C4    1 
ATOM   1365 O O4    . U   A 1 64 ? -11.975 -14.221 7.740   1.00 49.61 ? 77  U   X O4    1 
ATOM   1366 C C5    . U   A 1 64 ? -14.158 -13.344 8.079   1.00 48.83 ? 77  U   X C5    1 
ATOM   1367 C C6    . U   A 1 64 ? -15.355 -13.171 7.495   1.00 48.67 ? 77  U   X C6    1 
ATOM   1368 P P     . G   A 1 65 ? -19.670 -15.603 8.865   1.00 46.96 ? 78  G   X P     1 
ATOM   1369 O OP1   . G   A 1 65 ? -21.069 -15.948 9.213   1.00 46.01 ? 78  G   X OP1   1 
ATOM   1370 O OP2   . G   A 1 65 ? -18.733 -15.194 9.937   1.00 45.17 ? 78  G   X OP2   1 
ATOM   1371 O "O5'" . G   A 1 65 ? -19.023 -16.819 8.058   1.00 47.66 ? 78  G   X "O5'" 1 
ATOM   1372 C "C5'" . G   A 1 65 ? -19.776 -17.555 7.102   1.00 49.43 ? 78  G   X "C5'" 1 
ATOM   1373 C "C4'" . G   A 1 65 ? -18.877 -18.579 6.435   1.00 50.87 ? 78  G   X "C4'" 1 
ATOM   1374 O "O4'" . G   A 1 65 ? -17.740 -17.906 5.846   1.00 50.40 ? 78  G   X "O4'" 1 
ATOM   1375 C "C3'" . G   A 1 65 ? -18.229 -19.594 7.371   1.00 51.83 ? 78  G   X "C3'" 1 
ATOM   1376 O "O3'" . G   A 1 65 ? -19.125 -20.637 7.703   1.00 53.72 ? 78  G   X "O3'" 1 
ATOM   1377 C "C2'" . G   A 1 65 ? -17.071 -20.082 6.507   1.00 51.72 ? 78  G   X "C2'" 1 
ATOM   1378 O "O2'" . G   A 1 65 ? -17.471 -21.000 5.506   1.00 51.95 ? 78  G   X "O2'" 1 
ATOM   1379 C "C1'" . G   A 1 65 ? -16.602 -18.757 5.907   1.00 50.37 ? 78  G   X "C1'" 1 
ATOM   1380 N N9    . G   A 1 65 ? -15.570 -18.179 6.757   1.00 49.92 ? 78  G   X N9    1 
ATOM   1381 C C8    . G   A 1 65 ? -15.697 -17.144 7.664   1.00 49.68 ? 78  G   X C8    1 
ATOM   1382 N N7    . G   A 1 65 ? -14.587 -16.876 8.296   1.00 49.77 ? 78  G   X N7    1 
ATOM   1383 C C5    . G   A 1 65 ? -13.672 -17.798 7.783   1.00 49.97 ? 78  G   X C5    1 
ATOM   1384 C C6    . G   A 1 65 ? -12.301 -18.005 8.079   1.00 49.81 ? 78  G   X C6    1 
ATOM   1385 O O6    . G   A 1 65 ? -11.600 -17.382 8.882   1.00 50.02 ? 78  G   X O6    1 
ATOM   1386 N N1    . G   A 1 65 ? -11.737 -19.043 7.340   1.00 49.33 ? 78  G   X N1    1 
ATOM   1387 C C2    . G   A 1 65 ? -12.422 -19.803 6.423   1.00 49.49 ? 78  G   X C2    1 
ATOM   1388 N N2    . G   A 1 65 ? -11.732 -20.769 5.803   1.00 49.43 ? 78  G   X N2    1 
ATOM   1389 N N3    . G   A 1 65 ? -13.705 -19.619 6.129   1.00 49.67 ? 78  G   X N3    1 
ATOM   1390 C C4    . G   A 1 65 ? -14.264 -18.605 6.839   1.00 49.87 ? 78  G   X C4    1 
ATOM   1391 P P     . G   A 1 66 ? -18.966 -21.417 9.092   1.00 56.54 ? 79  G   X P     1 
ATOM   1392 O OP1   . G   A 1 66 ? -20.151 -22.303 9.251   1.00 55.81 ? 79  G   X OP1   1 
ATOM   1393 O OP2   . G   A 1 66 ? -18.636 -20.428 10.153  1.00 55.55 ? 79  G   X OP2   1 
ATOM   1394 O "O5'" . G   A 1 66 ? -17.682 -22.336 8.815   1.00 55.59 ? 79  G   X "O5'" 1 
ATOM   1395 C "C5'" . G   A 1 66 ? -17.761 -23.418 7.886   1.00 55.23 ? 79  G   X "C5'" 1 
ATOM   1396 C "C4'" . G   A 1 66 ? -16.407 -24.067 7.689   1.00 53.93 ? 79  G   X "C4'" 1 
ATOM   1397 O "O4'" . G   A 1 66 ? -15.443 -23.057 7.304   1.00 53.96 ? 79  G   X "O4'" 1 
ATOM   1398 C "C3'" . G   A 1 66 ? -15.750 -24.661 8.924   1.00 53.32 ? 79  G   X "C3'" 1 
ATOM   1399 O "O3'" . G   A 1 66 ? -16.332 -25.902 9.314   1.00 52.29 ? 79  G   X "O3'" 1 
ATOM   1400 C "C2'" . G   A 1 66 ? -14.329 -24.823 8.395   1.00 53.26 ? 79  G   X "C2'" 1 
ATOM   1401 O "O2'" . G   A 1 66 ? -14.195 -25.865 7.443   1.00 53.10 ? 79  G   X "O2'" 1 
ATOM   1402 C "C1'" . G   A 1 66 ? -14.146 -23.470 7.716   1.00 52.37 ? 79  G   X "C1'" 1 
ATOM   1403 N N9    . G   A 1 66 ? -13.551 -22.448 8.582   1.00 51.83 ? 79  G   X N9    1 
ATOM   1404 C C8    . G   A 1 66 ? -14.171 -21.325 9.075   1.00 51.30 ? 79  G   X C8    1 
ATOM   1405 N N7    . G   A 1 66 ? -13.399 -20.588 9.818   1.00 51.27 ? 79  G   X N7    1 
ATOM   1406 C C5    . G   A 1 66 ? -12.181 -21.267 9.825   1.00 51.68 ? 79  G   X C5    1 
ATOM   1407 C C6    . G   A 1 66 ? -10.952 -20.953 10.469  1.00 51.91 ? 79  G   X C6    1 
ATOM   1408 O O6    . G   A 1 66 ? -10.683 -19.980 11.191  1.00 51.62 ? 79  G   X O6    1 
ATOM   1409 N N1    . G   A 1 66 ? -9.967  -21.911 10.226  1.00 51.97 ? 79  G   X N1    1 
ATOM   1410 C C2    . G   A 1 66 ? -10.138 -23.035 9.451   1.00 51.66 ? 79  G   X C2    1 
ATOM   1411 N N2    . G   A 1 66 ? -9.068  -23.838 9.333   1.00 51.35 ? 79  G   X N2    1 
ATOM   1412 N N3    . G   A 1 66 ? -11.282 -23.341 8.841   1.00 51.45 ? 79  G   X N3    1 
ATOM   1413 C C4    . G   A 1 66 ? -12.259 -22.418 9.068   1.00 51.57 ? 79  G   X C4    1 
ATOM   1414 P P     . U   A 1 67 ? -16.549 -26.197 10.873  1.00 52.09 ? 80  U   X P     1 
ATOM   1415 O OP1   . U   A 1 67 ? -17.643 -27.182 10.988  1.00 52.64 ? 80  U   X OP1   1 
ATOM   1416 O OP2   . U   A 1 67 ? -16.684 -24.913 11.594  1.00 53.16 ? 80  U   X OP2   1 
ATOM   1417 O "O5'" . U   A 1 67 ? -15.178 -26.855 11.376  1.00 50.77 ? 80  U   X "O5'" 1 
ATOM   1418 C "C5'" . U   A 1 67 ? -14.336 -27.681 10.565  1.00 48.85 ? 80  U   X "C5'" 1 
ATOM   1419 C "C4'" . U   A 1 67 ? -12.904 -27.633 11.080  1.00 46.71 ? 80  U   X "C4'" 1 
ATOM   1420 O "O4'" . U   A 1 67 ? -12.282 -26.381 10.696  1.00 45.93 ? 80  U   X "O4'" 1 
ATOM   1421 C "C3'" . U   A 1 67 ? -12.757 -27.660 12.600  1.00 45.28 ? 80  U   X "C3'" 1 
ATOM   1422 O "O3'" . U   A 1 67 ? -12.863 -28.984 13.129  1.00 44.58 ? 80  U   X "O3'" 1 
ATOM   1423 C "C2'" . U   A 1 67 ? -11.381 -27.032 12.816  1.00 44.42 ? 80  U   X "C2'" 1 
ATOM   1424 O "O2'" . U   A 1 67 ? -10.278 -27.914 12.667  1.00 42.07 ? 80  U   X "O2'" 1 
ATOM   1425 C "C1'" . U   A 1 67 ? -11.380 -25.968 11.717  1.00 45.34 ? 80  U   X "C1'" 1 
ATOM   1426 N N1    . U   A 1 67 ? -11.730 -24.605 12.253  1.00 45.44 ? 80  U   X N1    1 
ATOM   1427 C C2    . U   A 1 67 ? -10.738 -23.864 12.889  1.00 45.37 ? 80  U   X C2    1 
ATOM   1428 O O2    . U   A 1 67 ? -9.586  -24.240 13.041  1.00 44.71 ? 80  U   X O2    1 
ATOM   1429 N N3    . U   A 1 67 ? -11.149 -22.640 13.346  1.00 44.91 ? 80  U   X N3    1 
ATOM   1430 C C4    . U   A 1 67 ? -12.415 -22.092 13.243  1.00 45.05 ? 80  U   X C4    1 
ATOM   1431 O O4    . U   A 1 67 ? -12.621 -20.978 13.710  1.00 45.51 ? 80  U   X O4    1 
ATOM   1432 C C5    . U   A 1 67 ? -13.396 -22.917 12.581  1.00 44.51 ? 80  U   X C5    1 
ATOM   1433 C C6    . U   A 1 67 ? -13.019 -24.114 12.114  1.00 44.52 ? 80  U   X C6    1 
HETATM 1434 P PC    . CCC A 1 68 ? -9.793  -28.561 19.923  1.00 40.35 ? 81  CCC X PC    1 
HETATM 1435 O O1C   . CCC A 1 68 ? -8.395  -29.462 19.838  1.00 40.60 ? 81  CCC X O1C   1 
HETATM 1436 O O2C   . CCC A 1 68 ? -10.328 -28.505 21.503  1.00 39.13 ? 81  CCC X O2C   1 
HETATM 1437 P P     . CCC A 1 68 ? -13.377 -29.179 14.623  1.00 40.52 ? 81  CCC X P     1 
HETATM 1438 O OP1   . CCC A 1 68 ? -13.403 -30.680 14.479  1.00 41.13 ? 81  CCC X OP1   1 
HETATM 1439 O OP2   . CCC A 1 68 ? -14.685 -28.430 14.681  1.00 42.10 ? 81  CCC X OP2   1 
HETATM 1440 O "O5'" . CCC A 1 68 ? -12.462 -28.778 15.878  1.00 40.17 ? 81  CCC X "O5'" 1 
HETATM 1441 C "C5'" . CCC A 1 68 ? -11.322 -29.576 16.212  1.00 40.70 ? 81  CCC X "C5'" 1 
HETATM 1442 C "C4'" . CCC A 1 68 ? -10.361 -28.809 17.112  1.00 39.94 ? 81  CCC X "C4'" 1 
HETATM 1443 O "O4'" . CCC A 1 68 ? -10.041 -27.576 16.495  1.00 39.35 ? 81  CCC X "O4'" 1 
HETATM 1444 C "C3'" . CCC A 1 68 ? -10.972 -28.447 18.459  1.00 39.98 ? 81  CCC X "C3'" 1 
HETATM 1445 O "O3'" . CCC A 1 68 ? -11.015 -29.664 19.192  1.00 40.68 ? 81  CCC X "O3'" 1 
HETATM 1446 C "C2'" . CCC A 1 68 ? -10.288 -27.087 18.868  1.00 39.95 ? 81  CCC X "C2'" 1 
HETATM 1447 O "O2'" . CCC A 1 68 ? -9.098  -26.926 19.632  1.00 40.65 ? 81  CCC X "O2'" 1 
HETATM 1448 C "C1'" . CCC A 1 68 ? -9.732  -26.640 17.520  1.00 40.00 ? 81  CCC X "C1'" 1 
HETATM 1449 N N1    . CCC A 1 68 ? -10.400 -25.372 17.223  1.00 39.87 ? 81  CCC X N1    1 
HETATM 1450 C C2    . CCC A 1 68 ? -9.972  -24.138 17.623  1.00 38.77 ? 81  CCC X C2    1 
HETATM 1451 O O2    . CCC A 1 68 ? -8.969  -24.042 18.310  1.00 39.04 ? 81  CCC X O2    1 
HETATM 1452 N N3    . CCC A 1 68 ? -10.653 -22.986 17.282  1.00 38.29 ? 81  CCC X N3    1 
HETATM 1453 C C4    . CCC A 1 68 ? -11.922 -22.962 16.780  1.00 38.16 ? 81  CCC X C4    1 
HETATM 1454 N N4    . CCC A 1 68 ? -12.593 -21.827 16.510  1.00 37.75 ? 81  CCC X N4    1 
HETATM 1455 C C5    . CCC A 1 68 ? -12.365 -24.185 16.610  1.00 38.97 ? 81  CCC X C5    1 
HETATM 1456 C C6    . CCC A 1 68 ? -11.455 -25.287 16.610  1.00 39.90 ? 81  CCC X C6    1 
HETATM 1457 N N9    . GUN B 2 .  ? -10.398 -5.725  1.554   1.00 37.84 ? 101 GUN X N9    1 
HETATM 1458 C C8    . GUN B 2 .  ? -10.068 -6.721  0.672   1.00 37.39 ? 101 GUN X C8    1 
HETATM 1459 N N7    . GUN B 2 .  ? -8.977  -7.347  1.000   1.00 37.41 ? 101 GUN X N7    1 
HETATM 1460 C C5    . GUN B 2 .  ? -8.553  -6.738  2.175   1.00 37.54 ? 101 GUN X C5    1 
HETATM 1461 C C6    . GUN B 2 .  ? -7.431  -6.999  3.006   1.00 37.79 ? 101 GUN X C6    1 
HETATM 1462 O O6    . GUN B 2 .  ? -6.541  -7.851  2.873   1.00 37.98 ? 101 GUN X O6    1 
HETATM 1463 N N1    . GUN B 2 .  ? -7.384  -6.150  4.107   1.00 37.67 ? 101 GUN X N1    1 
HETATM 1464 C C2    . GUN B 2 .  ? -8.307  -5.172  4.380   1.00 37.64 ? 101 GUN X C2    1 
HETATM 1465 N N2    . GUN B 2 .  ? -8.087  -4.454  5.492   1.00 37.85 ? 101 GUN X N2    1 
HETATM 1466 N N3    . GUN B 2 .  ? -9.364  -4.915  3.616   1.00 38.01 ? 101 GUN X N3    1 
HETATM 1467 C C4    . GUN B 2 .  ? -9.425  -5.734  2.531   1.00 37.94 ? 101 GUN X C4    1 
HETATM 1468 O O     . HOH C 3 .  ? -17.845 6.680   -7.799  1.00 48.02 ? 201 HOH X O     1 
HETATM 1469 O O     . HOH C 3 .  ? -11.393 -15.289 10.432  1.00 33.28 ? 202 HOH X O     1 
HETATM 1470 O O     . HOH C 3 .  ? 8.844   12.673  -5.511  1.00 45.88 ? 203 HOH X O     1 
HETATM 1471 O O     . HOH C 3 .  ? -6.110  -24.674 10.235  1.00 29.07 ? 204 HOH X O     1 
HETATM 1472 O O     . HOH C 3 .  ? -2.325  -23.503 15.688  1.00 39.11 ? 205 HOH X O     1 
HETATM 1473 O O     . HOH C 3 .  ? -20.128 -24.606 10.671  1.00 51.51 ? 206 HOH X O     1 
HETATM 1474 O O     . HOH C 3 .  ? -21.670 -14.597 5.357   1.00 28.78 ? 207 HOH X O     1 
HETATM 1475 O O     . HOH C 3 .  ? -11.339 -32.207 13.179  1.00 29.66 ? 208 HOH X O     1 
HETATM 1476 O O     . HOH C 3 .  ? -12.226 -7.539  -9.626  1.00 50.65 ? 209 HOH X O     1 
HETATM 1477 O O     . HOH C 3 .  ? -4.236  13.649  -16.111 1.00 51.70 ? 210 HOH X O     1 
HETATM 1478 O O     . HOH C 3 .  ? -18.518 2.300   2.553   1.00 42.92 ? 211 HOH X O     1 
HETATM 1479 O O     . HOH C 3 .  ? 6.059   0.329   -3.351  1.00 52.09 ? 212 HOH X O     1 
HETATM 1480 O O     . HOH C 3 .  ? -3.754  -15.044 -3.511  1.00 34.50 ? 213 HOH X O     1 
HETATM 1481 O O     . HOH C 3 .  ? -20.157 4.790   -6.531  1.00 43.54 ? 214 HOH X O     1 
HETATM 1482 O O     . HOH C 3 .  ? -6.859  -12.838 -5.688  1.00 38.53 ? 215 HOH X O     1 
HETATM 1483 O O     . HOH C 3 .  ? -14.929 -19.781 19.156  1.00 33.40 ? 216 HOH X O     1 
HETATM 1484 O O     . HOH C 3 .  ? -18.801 -5.853  9.728   1.00 38.56 ? 217 HOH X O     1 
HETATM 1485 O O     . HOH C 3 .  ? 9.337   -18.066 3.469   1.00 50.11 ? 218 HOH X O     1 
# 
loop_
_pdbx_poly_seq_scheme.asym_id 
_pdbx_poly_seq_scheme.entity_id 
_pdbx_poly_seq_scheme.seq_id 
_pdbx_poly_seq_scheme.mon_id 
_pdbx_poly_seq_scheme.ndb_seq_num 
_pdbx_poly_seq_scheme.pdb_seq_num 
_pdbx_poly_seq_scheme.auth_seq_num 
_pdbx_poly_seq_scheme.pdb_mon_id 
_pdbx_poly_seq_scheme.auth_mon_id 
_pdbx_poly_seq_scheme.pdb_strand_id 
_pdbx_poly_seq_scheme.pdb_ins_code 
_pdbx_poly_seq_scheme.hetero 
A 1 1  GDP 1  14 14 GDP GDP X . n 
A 1 2  G   2  15 15 G   G   X . n 
A 1 3  A   3  16 16 A   A   X . n 
A 1 4  U   4  17 17 U   U   X . n 
A 1 5  C   5  18 18 C   C   X . n 
A 1 6  A   6  19 19 A   A   X . n 
A 1 7  U   7  20 20 U   U   X . n 
A 1 8  A   8  21 21 A   A   X . n 
A 1 9  U   9  22 22 U   U   X . n 
A 1 10 A   10 23 23 A   A   X . n 
A 1 11 A   11 24 24 A   A   X . n 
A 1 12 U   12 25 25 U   U   X . n 
A 1 13 C   13 26 26 C   C   X . n 
A 1 14 G   14 27 27 G   G   X . n 
A 1 15 C   15 28 28 C   C   X . n 
A 1 16 G   16 29 29 G   G   X . n 
A 1 17 U   17 30 30 U   U   X . n 
A 1 18 G   18 31 31 G   G   X . n 
A 1 19 G   19 32 32 G   G   X . n 
A 1 20 A   20 33 33 A   A   X . n 
A 1 21 U   21 34 34 U   U   X . n 
A 1 22 A   22 35 35 A   A   X . n 
A 1 23 U   23 36 36 U   U   X . n 
A 1 24 G   24 37 37 G   G   X . n 
A 1 25 G   25 38 38 G   G   X . n 
A 1 26 C   26 39 39 C   C   X . n 
A 1 27 A   27 40 40 A   A   X . n 
A 1 28 C   28 41 41 C   C   X . n 
A 1 29 G   29 42 42 G   G   X . n 
A 1 30 C   30 43 43 C   C   X . n 
A 1 31 A   31 44 44 A   A   X . n 
A 1 32 A   32 45 45 A   A   X . n 
A 1 33 G   33 46 46 G   G   X . n 
A 1 34 U   34 47 47 U   U   X . n 
A 1 35 U   35 48 48 U   U   X . n 
A 1 36 U   36 49 49 U   U   X . n 
A 1 37 C   37 50 50 C   C   X . n 
A 1 38 U   38 51 51 U   U   X . n 
A 1 39 A   39 52 52 A   A   X . n 
A 1 40 C   40 53 53 C   C   X . n 
A 1 41 C   41 54 54 C   C   X . n 
A 1 42 G   42 55 55 G   G   X . n 
A 1 43 G   43 56 56 G   G   X . n 
A 1 44 G   44 57 57 G   G   X . n 
A 1 45 C   45 58 58 C   C   X . n 
A 1 46 A   46 59 59 A   A   X . n 
A 1 47 C   47 60 60 C   C   X . n 
A 1 48 C   48 61 61 C   C   X . n 
A 1 49 G   49 62 62 G   G   X . n 
A 1 50 U   50 63 63 U   U   X . n 
A 1 51 A   51 64 64 A   A   X . n 
A 1 52 A   52 65 65 A   A   X . n 
A 1 53 A   53 66 66 A   A   X . n 
A 1 54 U   54 67 67 U   U   X . n 
A 1 55 G   55 68 68 G   G   X . n 
A 1 56 U   56 69 69 U   U   X . n 
A 1 57 C   57 70 70 C   C   X . n 
A 1 58 C   58 71 71 C   C   X . n 
A 1 59 G   59 72 72 G   G   X . n 
A 1 60 A   60 73 73 A   A   X . n 
A 1 61 C   61 74 74 C   C   X . n 
A 1 62 U   62 75 75 U   U   X . n 
A 1 63 A   63 76 76 A   A   X . n 
A 1 64 U   64 77 77 U   U   X . n 
A 1 65 G   65 78 78 G   G   X . n 
A 1 66 G   66 79 79 G   G   X . n 
A 1 67 U   67 80 80 U   U   X . n 
A 1 68 CCC 68 81 81 CCC CCC X . n 
# 
loop_
_pdbx_nonpoly_scheme.asym_id 
_pdbx_nonpoly_scheme.entity_id 
_pdbx_nonpoly_scheme.mon_id 
_pdbx_nonpoly_scheme.ndb_seq_num 
_pdbx_nonpoly_scheme.pdb_seq_num 
_pdbx_nonpoly_scheme.auth_seq_num 
_pdbx_nonpoly_scheme.pdb_mon_id 
_pdbx_nonpoly_scheme.auth_mon_id 
_pdbx_nonpoly_scheme.pdb_strand_id 
_pdbx_nonpoly_scheme.pdb_ins_code 
B 2 GUN 1  101 101 GUN GUN X . 
C 3 HOH 1  201 201 HOH HOH X . 
C 3 HOH 2  202 202 HOH HOH X . 
C 3 HOH 3  203 203 HOH HOH X . 
C 3 HOH 4  204 204 HOH HOH X . 
C 3 HOH 5  205 205 HOH HOH X . 
C 3 HOH 6  206 206 HOH HOH X . 
C 3 HOH 7  207 207 HOH HOH X . 
C 3 HOH 8  208 208 HOH HOH X . 
C 3 HOH 9  209 209 HOH HOH X . 
C 3 HOH 10 210 210 HOH HOH X . 
C 3 HOH 11 211 211 HOH HOH X . 
C 3 HOH 12 212 212 HOH HOH X . 
C 3 HOH 13 213 213 HOH HOH X . 
C 3 HOH 14 214 214 HOH HOH X . 
C 3 HOH 15 215 215 HOH HOH X . 
C 3 HOH 16 216 216 HOH HOH X . 
C 3 HOH 17 217 217 HOH HOH X . 
C 3 HOH 18 218 218 HOH HOH X . 
# 
_pdbx_struct_mod_residue.id               1 
_pdbx_struct_mod_residue.label_asym_id    A 
_pdbx_struct_mod_residue.label_comp_id    GDP 
_pdbx_struct_mod_residue.label_seq_id     1 
_pdbx_struct_mod_residue.auth_asym_id     X 
_pdbx_struct_mod_residue.auth_comp_id     GDP 
_pdbx_struct_mod_residue.auth_seq_id      14 
_pdbx_struct_mod_residue.PDB_ins_code     ? 
_pdbx_struct_mod_residue.parent_comp_id   G 
_pdbx_struct_mod_residue.details          "GUANOSINE-5'-DIPHOSPHATE" 
# 
_pdbx_struct_assembly.id                   1 
_pdbx_struct_assembly.details              author_and_software_defined_assembly 
_pdbx_struct_assembly.method_details       PISA 
_pdbx_struct_assembly.oligomeric_details   monomeric 
_pdbx_struct_assembly.oligomeric_count     1 
# 
_pdbx_struct_assembly_gen.assembly_id       1 
_pdbx_struct_assembly_gen.oper_expression   1 
_pdbx_struct_assembly_gen.asym_id_list      A,B,C 
# 
_pdbx_struct_oper_list.id                   1 
_pdbx_struct_oper_list.type                 'identity operation' 
_pdbx_struct_oper_list.name                 1_555 
_pdbx_struct_oper_list.symmetry_operation   x,y,z 
_pdbx_struct_oper_list.matrix[1][1]         1.0000000000 
_pdbx_struct_oper_list.matrix[1][2]         0.0000000000 
_pdbx_struct_oper_list.matrix[1][3]         0.0000000000 
_pdbx_struct_oper_list.vector[1]            0.0000000000 
_pdbx_struct_oper_list.matrix[2][1]         0.0000000000 
_pdbx_struct_oper_list.matrix[2][2]         1.0000000000 
_pdbx_struct_oper_list.matrix[2][3]         0.0000000000 
_pdbx_struct_oper_list.vector[2]            0.0000000000 
_pdbx_struct_oper_list.matrix[3][1]         0.0000000000 
_pdbx_struct_oper_list.matrix[3][2]         0.0000000000 
_pdbx_struct_oper_list.matrix[3][3]         1.0000000000 
_pdbx_struct_oper_list.vector[3]            0.0000000000 
# 
loop_
_pdbx_audit_revision_history.ordinal 
_pdbx_audit_revision_history.data_content_type 
_pdbx_audit_revision_history.major_revision 
_pdbx_audit_revision_history.minor_revision 
_pdbx_audit_revision_history.revision_date 
1 'Structure model' 1 0 2004-12-28 
2 'Structure model' 1 1 2008-04-30 
3 'Structure model' 1 2 2011-07-13 
4 'Structure model' 1 3 2017-10-11 
5 'Structure model' 2 0 2019-02-27 
6 'Structure model' 2 1 2023-08-23 
# 
_pdbx_audit_revision_details.ordinal             1 
_pdbx_audit_revision_details.revision_ordinal    1 
_pdbx_audit_revision_details.data_content_type   'Structure model' 
_pdbx_audit_revision_details.provider            repository 
_pdbx_audit_revision_details.type                'Initial release' 
_pdbx_audit_revision_details.description         ? 
_pdbx_audit_revision_details.details             ? 
# 
loop_
_pdbx_audit_revision_group.ordinal 
_pdbx_audit_revision_group.revision_ordinal 
_pdbx_audit_revision_group.data_content_type 
_pdbx_audit_revision_group.group 
1  2 'Structure model' 'Version format compliance' 
2  3 'Structure model' Advisory                    
3  3 'Structure model' 'Version format compliance' 
4  4 'Structure model' 'Refinement description'    
5  5 'Structure model' Advisory                    
6  5 'Structure model' 'Atomic model'              
7  5 'Structure model' 'Data collection'           
8  5 'Structure model' 'Database references'       
9  5 'Structure model' 'Derived calculations'      
10 5 'Structure model' 'Non-polymer description'   
11 5 'Structure model' 'Polymer sequence'          
12 5 'Structure model' 'Refinement description'    
13 5 'Structure model' 'Source and taxonomy'       
14 5 'Structure model' 'Structure summary'         
15 6 'Structure model' 'Data collection'           
16 6 'Structure model' 'Database references'       
17 6 'Structure model' 'Refinement description'    
# 
loop_
_pdbx_audit_revision_category.ordinal 
_pdbx_audit_revision_category.revision_ordinal 
_pdbx_audit_revision_category.data_content_type 
_pdbx_audit_revision_category.category 
1  4 'Structure model' software                      
2  5 'Structure model' atom_site                     
3  5 'Structure model' chem_comp                     
4  5 'Structure model' entity                        
5  5 'Structure model' entity_name_com               
6  5 'Structure model' entity_poly                   
7  5 'Structure model' entity_poly_seq               
8  5 'Structure model' entity_src_gen                
9  5 'Structure model' ndb_struct_na_base_pair       
10 5 'Structure model' ndb_struct_na_base_pair_step  
11 5 'Structure model' pdbx_entity_nonpoly           
12 5 'Structure model' pdbx_nonpoly_scheme           
13 5 'Structure model' pdbx_poly_seq_scheme          
14 5 'Structure model' pdbx_refine_tls_group         
15 5 'Structure model' pdbx_struct_assembly          
16 5 'Structure model' pdbx_struct_assembly_gen      
17 5 'Structure model' pdbx_unobs_or_zero_occ_atoms  
18 5 'Structure model' pdbx_validate_close_contact   
19 5 'Structure model' pdbx_validate_planes          
20 5 'Structure model' pdbx_validate_rmsd_angle      
21 5 'Structure model' pdbx_validate_rmsd_bond       
22 5 'Structure model' refine                        
23 5 'Structure model' refine_hist                   
24 5 'Structure model' refine_ls_restr               
25 5 'Structure model' refine_ls_shell               
26 5 'Structure model' reflns                        
27 5 'Structure model' reflns_shell                  
28 5 'Structure model' struct_asym                   
29 5 'Structure model' struct_conn                   
30 5 'Structure model' struct_ref                    
31 5 'Structure model' struct_site                   
32 5 'Structure model' struct_site_gen               
33 6 'Structure model' chem_comp_atom                
34 6 'Structure model' chem_comp_bond                
35 6 'Structure model' database_2                    
36 6 'Structure model' pdbx_initial_refinement_model 
# 
loop_
_pdbx_audit_revision_item.ordinal 
_pdbx_audit_revision_item.revision_ordinal 
_pdbx_audit_revision_item.data_content_type 
_pdbx_audit_revision_item.item 
1  4 'Structure model' '_software.classification'                    
2  4 'Structure model' '_software.name'                              
3  5 'Structure model' '_atom_site.B_iso_or_equiv'                   
4  5 'Structure model' '_atom_site.Cartn_x'                          
5  5 'Structure model' '_atom_site.Cartn_y'                          
6  5 'Structure model' '_atom_site.Cartn_z'                          
7  5 'Structure model' '_atom_site.auth_atom_id'                     
8  5 'Structure model' '_atom_site.auth_comp_id'                     
9  5 'Structure model' '_atom_site.auth_seq_id'                      
10 5 'Structure model' '_atom_site.group_PDB'                        
11 5 'Structure model' '_atom_site.label_asym_id'                    
12 5 'Structure model' '_atom_site.label_atom_id'                    
13 5 'Structure model' '_atom_site.label_comp_id'                    
14 5 'Structure model' '_atom_site.label_entity_id'                  
15 5 'Structure model' '_atom_site.label_seq_id'                     
16 5 'Structure model' '_atom_site.type_symbol'                      
17 5 'Structure model' '_chem_comp.formula'                          
18 5 'Structure model' '_chem_comp.formula_weight'                   
19 5 'Structure model' '_chem_comp.id'                               
20 5 'Structure model' '_chem_comp.mon_nstd_flag'                    
21 5 'Structure model' '_chem_comp.name'                             
22 5 'Structure model' '_chem_comp.type'                             
23 5 'Structure model' '_entity_poly.pdbx_seq_one_letter_code'       
24 5 'Structure model' '_entity_poly_seq.mon_id'                     
25 5 'Structure model' '_entity_src_gen.pdbx_beg_seq_num'            
26 5 'Structure model' '_entity_src_gen.pdbx_end_seq_num'            
27 5 'Structure model' '_entity_src_gen.pdbx_seq_type'               
28 5 'Structure model' '_ndb_struct_na_base_pair.buckle'             
29 5 'Structure model' '_ndb_struct_na_base_pair.hbond_type_12'      
30 5 'Structure model' '_ndb_struct_na_base_pair.hbond_type_28'      
31 5 'Structure model' '_ndb_struct_na_base_pair.i_auth_seq_id'      
32 5 'Structure model' '_ndb_struct_na_base_pair.i_label_comp_id'    
33 5 'Structure model' '_ndb_struct_na_base_pair.i_label_seq_id'     
34 5 'Structure model' '_ndb_struct_na_base_pair.j_auth_seq_id'      
35 5 'Structure model' '_ndb_struct_na_base_pair.j_label_comp_id'    
36 5 'Structure model' '_ndb_struct_na_base_pair.j_label_seq_id'     
37 5 'Structure model' '_ndb_struct_na_base_pair.opening'            
38 5 'Structure model' '_ndb_struct_na_base_pair.pair_name'          
39 5 'Structure model' '_ndb_struct_na_base_pair.propeller'          
40 5 'Structure model' '_ndb_struct_na_base_pair.shear'              
41 5 'Structure model' '_ndb_struct_na_base_pair.stagger'            
42 5 'Structure model' '_ndb_struct_na_base_pair.stretch'            
43 5 'Structure model' '_pdbx_poly_seq_scheme.auth_mon_id'           
44 5 'Structure model' '_pdbx_poly_seq_scheme.mon_id'                
45 5 'Structure model' '_pdbx_poly_seq_scheme.pdb_mon_id'            
46 5 'Structure model' '_pdbx_refine_tls_group.beg_label_asym_id'    
47 5 'Structure model' '_pdbx_refine_tls_group.beg_label_seq_id'     
48 5 'Structure model' '_pdbx_refine_tls_group.end_label_asym_id'    
49 5 'Structure model' '_pdbx_refine_tls_group.end_label_seq_id'     
50 5 'Structure model' '_pdbx_struct_assembly.details'               
51 5 'Structure model' '_pdbx_struct_assembly.method_details'        
52 5 'Structure model' '_pdbx_struct_assembly_gen.asym_id_list'      
53 5 'Structure model' '_refine.B_iso_mean'                          
54 5 'Structure model' '_refine.details'                             
55 5 'Structure model' '_refine.ls_R_factor_R_free'                  
56 5 'Structure model' '_refine.ls_R_factor_R_work'                  
57 5 'Structure model' '_refine.ls_R_factor_obs'                     
58 5 'Structure model' '_refine.ls_percent_reflns_obs'               
59 5 'Structure model' '_refine.pdbx_ls_sigma_F'                     
60 5 'Structure model' '_refine_hist.pdbx_number_atoms_ligand'       
61 5 'Structure model' '_refine_hist.pdbx_number_atoms_nucleic_acid' 
62 5 'Structure model' '_refine_ls_shell.d_res_low'                  
63 5 'Structure model' '_reflns.d_resolution_low'                    
64 5 'Structure model' '_reflns.number_all'                          
65 5 'Structure model' '_reflns.observed_criterion_sigma_F'          
66 5 'Structure model' '_reflns.percent_possible_obs'                
67 5 'Structure model' '_reflns_shell.number_unique_all'             
68 5 'Structure model' '_reflns_shell.percent_possible_all'          
69 5 'Structure model' '_struct_ref.pdbx_align_begin'                
70 6 'Structure model' '_database_2.pdbx_DOI'                        
71 6 'Structure model' '_database_2.pdbx_database_accession'         
# 
_pdbx_refine_tls.pdbx_refine_id   'X-RAY DIFFRACTION' 
_pdbx_refine_tls.id               1 
_pdbx_refine_tls.details          ? 
_pdbx_refine_tls.method           refined 
_pdbx_refine_tls.origin_x         0.1123 
_pdbx_refine_tls.origin_y         0.1245 
_pdbx_refine_tls.origin_z         -0.0352 
_pdbx_refine_tls.T[1][1]          -0.0823 
_pdbx_refine_tls.T[2][2]          0.0451 
_pdbx_refine_tls.T[3][3]          -0.0636 
_pdbx_refine_tls.T[1][2]          -0.0198 
_pdbx_refine_tls.T[1][3]          0.0313 
_pdbx_refine_tls.T[2][3]          -0.0026 
_pdbx_refine_tls.L[1][1]          4.2164 
_pdbx_refine_tls.L[2][2]          2.9879 
_pdbx_refine_tls.L[3][3]          1.3184 
_pdbx_refine_tls.L[1][2]          1.8865 
_pdbx_refine_tls.L[1][3]          -1.2374 
_pdbx_refine_tls.L[2][3]          -0.9959 
_pdbx_refine_tls.S[1][1]          -0.0062 
_pdbx_refine_tls.S[1][2]          0.1089 
_pdbx_refine_tls.S[1][3]          0.8391 
_pdbx_refine_tls.S[2][1]          -0.0988 
_pdbx_refine_tls.S[2][2]          0.1604 
_pdbx_refine_tls.S[2][3]          -0.0605 
_pdbx_refine_tls.S[3][1]          -0.3053 
_pdbx_refine_tls.S[3][2]          0.3244 
_pdbx_refine_tls.S[3][3]          -0.1541 
# 
_pdbx_refine_tls_group.pdbx_refine_id      'X-RAY DIFFRACTION' 
_pdbx_refine_tls_group.id                  1 
_pdbx_refine_tls_group.refine_tls_id       1 
_pdbx_refine_tls_group.beg_auth_asym_id    X 
_pdbx_refine_tls_group.beg_auth_seq_id     14 
_pdbx_refine_tls_group.beg_label_asym_id   ? 
_pdbx_refine_tls_group.beg_label_seq_id    ? 
_pdbx_refine_tls_group.end_auth_asym_id    X 
_pdbx_refine_tls_group.end_auth_seq_id     80 
_pdbx_refine_tls_group.end_label_asym_id   ? 
_pdbx_refine_tls_group.end_label_seq_id    ? 
_pdbx_refine_tls_group.selection           ? 
_pdbx_refine_tls_group.selection_details   ? 
# 
loop_
_software.name 
_software.classification 
_software.version 
_software.citation_id 
_software.pdbx_ordinal 
REFMAC   refinement        5.2.0005 ? 1 
MAR345   'data collection' .        ? 2 
HKL-2000 'data scaling'    .        ? 3 
CCP4     phasing           .        ? 4 
# 
_pdbx_database_remark.id     999 
_pdbx_database_remark.text   
;SEQUENCE
THE G-RIBOSWITCH SEQUENCE WAS DERIVED FROM THE
SEQUENCE LOCATED UPSTREAM OF THE XPT GENE
(XPT-PBUX OPERON) ENCODING FOR THE XANTHINE
PHOPHORIBOSYLTRANSFERASE FROM BACILLUS
SUBTILIS. THE STRUCTURE IN THIS ENTRY
IS A COMPLEX BETWEEN GUANINE AND A DOMAIN
(APTAMER DOMAIN) OF THE RIBOSWITCH, WHICH
SHUTS DOWN TRANSCRIPTION OF THE XPT GENE
IN RESPONSE TO THE PRESENCE OF PURINES
IN THE CELL.
THIS SEQUENCE CAN BE FOUND NATURALLY
AND THE DATABASE MATCH IS FOUND 
IN BACILLUS SUBTILIS GENEBANK
ENTRY 633168 X83878 (RESIDUES 185-252).
;
# 
loop_
_pdbx_validate_rmsd_angle.id 
_pdbx_validate_rmsd_angle.PDB_model_num 
_pdbx_validate_rmsd_angle.auth_atom_id_1 
_pdbx_validate_rmsd_angle.auth_asym_id_1 
_pdbx_validate_rmsd_angle.auth_comp_id_1 
_pdbx_validate_rmsd_angle.auth_seq_id_1 
_pdbx_validate_rmsd_angle.PDB_ins_code_1 
_pdbx_validate_rmsd_angle.label_alt_id_1 
_pdbx_validate_rmsd_angle.auth_atom_id_2 
_pdbx_validate_rmsd_angle.auth_asym_id_2 
_pdbx_validate_rmsd_angle.auth_comp_id_2 
_pdbx_validate_rmsd_angle.auth_seq_id_2 
_pdbx_validate_rmsd_angle.PDB_ins_code_2 
_pdbx_validate_rmsd_angle.label_alt_id_2 
_pdbx_validate_rmsd_angle.auth_atom_id_3 
_pdbx_validate_rmsd_angle.auth_asym_id_3 
_pdbx_validate_rmsd_angle.auth_comp_id_3 
_pdbx_validate_rmsd_angle.auth_seq_id_3 
_pdbx_validate_rmsd_angle.PDB_ins_code_3 
_pdbx_validate_rmsd_angle.label_alt_id_3 
_pdbx_validate_rmsd_angle.angle_value 
_pdbx_validate_rmsd_angle.angle_target_value 
_pdbx_validate_rmsd_angle.angle_deviation 
_pdbx_validate_rmsd_angle.angle_standard_deviation 
_pdbx_validate_rmsd_angle.linker_flag 
1 1 "C3'" X GDP 14 ? ? "O3'" X GDP 14 ? ? P     X G   15 ? ? 70.62  119.70 -49.08 1.20 Y 
2 1 "O3'" X GDP 14 ? ? P     X G   15 ? ? OP2   X G   15 ? ? 139.58 110.50 29.08  1.10 Y 
3 1 "O3'" X GDP 14 ? ? P     X G   15 ? ? OP1   X G   15 ? ? 59.00  105.20 -46.20 2.20 Y 
4 1 "C5'" X C   50 ? ? "C4'" X C   50 ? ? "C3'" X C   50 ? ? 106.73 115.20 -8.47  1.40 N 
5 1 "C3'" X G   62 ? ? "O3'" X G   62 ? ? P     X U   63 ? ? 127.41 119.70 7.71   1.20 Y 
6 1 "O3'" X U   80 ? ? P     X CCC 81 ? ? "O5'" X CCC 81 ? ? 121.27 104.00 17.27  1.90 Y 
# 
loop_
_chem_comp_atom.comp_id 
_chem_comp_atom.atom_id 
_chem_comp_atom.type_symbol 
_chem_comp_atom.pdbx_aromatic_flag 
_chem_comp_atom.pdbx_stereo_config 
_chem_comp_atom.pdbx_ordinal 
A   OP3    O N N 1   
A   P      P N N 2   
A   OP1    O N N 3   
A   OP2    O N N 4   
A   "O5'"  O N N 5   
A   "C5'"  C N N 6   
A   "C4'"  C N R 7   
A   "O4'"  O N N 8   
A   "C3'"  C N S 9   
A   "O3'"  O N N 10  
A   "C2'"  C N R 11  
A   "O2'"  O N N 12  
A   "C1'"  C N R 13  
A   N9     N Y N 14  
A   C8     C Y N 15  
A   N7     N Y N 16  
A   C5     C Y N 17  
A   C6     C Y N 18  
A   N6     N N N 19  
A   N1     N Y N 20  
A   C2     C Y N 21  
A   N3     N Y N 22  
A   C4     C Y N 23  
A   HOP3   H N N 24  
A   HOP2   H N N 25  
A   "H5'"  H N N 26  
A   "H5''" H N N 27  
A   "H4'"  H N N 28  
A   "H3'"  H N N 29  
A   "HO3'" H N N 30  
A   "H2'"  H N N 31  
A   "HO2'" H N N 32  
A   "H1'"  H N N 33  
A   H8     H N N 34  
A   H61    H N N 35  
A   H62    H N N 36  
A   H2     H N N 37  
C   OP3    O N N 38  
C   P      P N N 39  
C   OP1    O N N 40  
C   OP2    O N N 41  
C   "O5'"  O N N 42  
C   "C5'"  C N N 43  
C   "C4'"  C N R 44  
C   "O4'"  O N N 45  
C   "C3'"  C N S 46  
C   "O3'"  O N N 47  
C   "C2'"  C N R 48  
C   "O2'"  O N N 49  
C   "C1'"  C N R 50  
C   N1     N N N 51  
C   C2     C N N 52  
C   O2     O N N 53  
C   N3     N N N 54  
C   C4     C N N 55  
C   N4     N N N 56  
C   C5     C N N 57  
C   C6     C N N 58  
C   HOP3   H N N 59  
C   HOP2   H N N 60  
C   "H5'"  H N N 61  
C   "H5''" H N N 62  
C   "H4'"  H N N 63  
C   "H3'"  H N N 64  
C   "HO3'" H N N 65  
C   "H2'"  H N N 66  
C   "HO2'" H N N 67  
C   "H1'"  H N N 68  
C   H41    H N N 69  
C   H42    H N N 70  
C   H5     H N N 71  
C   H6     H N N 72  
CCC PC     P N S 73  
CCC O1C    O N N 74  
CCC O2C    O N N 75  
CCC P      P N N 76  
CCC OP1    O N N 77  
CCC OP2    O N N 78  
CCC OP3    O N N 79  
CCC "O5'"  O N N 80  
CCC "C5'"  C N N 81  
CCC "C4'"  C N R 82  
CCC "O4'"  O N N 83  
CCC "C3'"  C N R 84  
CCC "O3'"  O N N 85  
CCC "C2'"  C N R 86  
CCC "O2'"  O N N 87  
CCC "C1'"  C N R 88  
CCC N1     N N N 89  
CCC C2     C N N 90  
CCC O2     O N N 91  
CCC N3     N N N 92  
CCC C4     C N N 93  
CCC N4     N N N 94  
CCC C5     C N N 95  
CCC C6     C N N 96  
CCC HOC2   H N N 97  
CCC HOP2   H N N 98  
CCC HOP3   H N N 99  
CCC "H5'"  H N N 100 
CCC "H5''" H N N 101 
CCC "H4'"  H N N 102 
CCC "H3'"  H N N 103 
CCC "H2'"  H N N 104 
CCC "H1'"  H N N 105 
CCC H41    H N N 106 
CCC H42    H N N 107 
CCC H5     H N N 108 
CCC H6     H N N 109 
G   OP3    O N N 110 
G   P      P N N 111 
G   OP1    O N N 112 
G   OP2    O N N 113 
G   "O5'"  O N N 114 
G   "C5'"  C N N 115 
G   "C4'"  C N R 116 
G   "O4'"  O N N 117 
G   "C3'"  C N S 118 
G   "O3'"  O N N 119 
G   "C2'"  C N R 120 
G   "O2'"  O N N 121 
G   "C1'"  C N R 122 
G   N9     N Y N 123 
G   C8     C Y N 124 
G   N7     N Y N 125 
G   C5     C Y N 126 
G   C6     C N N 127 
G   O6     O N N 128 
G   N1     N N N 129 
G   C2     C N N 130 
G   N2     N N N 131 
G   N3     N N N 132 
G   C4     C Y N 133 
G   HOP3   H N N 134 
G   HOP2   H N N 135 
G   "H5'"  H N N 136 
G   "H5''" H N N 137 
G   "H4'"  H N N 138 
G   "H3'"  H N N 139 
G   "HO3'" H N N 140 
G   "H2'"  H N N 141 
G   "HO2'" H N N 142 
G   "H1'"  H N N 143 
G   H8     H N N 144 
G   H1     H N N 145 
G   H21    H N N 146 
G   H22    H N N 147 
GDP PB     P N N 148 
GDP O1B    O N N 149 
GDP O2B    O N N 150 
GDP O3B    O N N 151 
GDP O3A    O N N 152 
GDP PA     P N N 153 
GDP O1A    O N N 154 
GDP O2A    O N N 155 
GDP "O5'"  O N N 156 
GDP "C5'"  C N N 157 
GDP "C4'"  C N R 158 
GDP "O4'"  O N N 159 
GDP "C3'"  C N S 160 
GDP "O3'"  O N N 161 
GDP "C2'"  C N R 162 
GDP "O2'"  O N N 163 
GDP "C1'"  C N R 164 
GDP N9     N Y N 165 
GDP C8     C Y N 166 
GDP N7     N Y N 167 
GDP C5     C Y N 168 
GDP C6     C N N 169 
GDP O6     O N N 170 
GDP N1     N N N 171 
GDP C2     C N N 172 
GDP N2     N N N 173 
GDP N3     N N N 174 
GDP C4     C Y N 175 
GDP HOB2   H N N 176 
GDP HOB3   H N N 177 
GDP HOA2   H N N 178 
GDP "H5'"  H N N 179 
GDP "H5''" H N N 180 
GDP "H4'"  H N N 181 
GDP "H3'"  H N N 182 
GDP "HO3'" H N N 183 
GDP "H2'"  H N N 184 
GDP "HO2'" H N N 185 
GDP "H1'"  H N N 186 
GDP H8     H N N 187 
GDP HN1    H N N 188 
GDP HN21   H N N 189 
GDP HN22   H N N 190 
GUN N9     N Y N 191 
GUN C8     C Y N 192 
GUN N7     N Y N 193 
GUN C5     C Y N 194 
GUN C6     C N N 195 
GUN O6     O N N 196 
GUN N1     N N N 197 
GUN C2     C N N 198 
GUN N2     N N N 199 
GUN N3     N N N 200 
GUN C4     C Y N 201 
GUN HN9    H N N 202 
GUN H8     H N N 203 
GUN HN1    H N N 204 
GUN HN21   H N N 205 
GUN HN22   H N N 206 
HOH O      O N N 207 
HOH H1     H N N 208 
HOH H2     H N N 209 
U   OP3    O N N 210 
U   P      P N N 211 
U   OP1    O N N 212 
U   OP2    O N N 213 
U   "O5'"  O N N 214 
U   "C5'"  C N N 215 
U   "C4'"  C N R 216 
U   "O4'"  O N N 217 
U   "C3'"  C N S 218 
U   "O3'"  O N N 219 
U   "C2'"  C N R 220 
U   "O2'"  O N N 221 
U   "C1'"  C N R 222 
U   N1     N N N 223 
U   C2     C N N 224 
U   O2     O N N 225 
U   N3     N N N 226 
U   C4     C N N 227 
U   O4     O N N 228 
U   C5     C N N 229 
U   C6     C N N 230 
U   HOP3   H N N 231 
U   HOP2   H N N 232 
U   "H5'"  H N N 233 
U   "H5''" H N N 234 
U   "H4'"  H N N 235 
U   "H3'"  H N N 236 
U   "HO3'" H N N 237 
U   "H2'"  H N N 238 
U   "HO2'" H N N 239 
U   "H1'"  H N N 240 
U   H3     H N N 241 
U   H5     H N N 242 
U   H6     H N N 243 
# 
loop_
_chem_comp_bond.comp_id 
_chem_comp_bond.atom_id_1 
_chem_comp_bond.atom_id_2 
_chem_comp_bond.value_order 
_chem_comp_bond.pdbx_aromatic_flag 
_chem_comp_bond.pdbx_stereo_config 
_chem_comp_bond.pdbx_ordinal 
A   OP3   P      sing N N 1   
A   OP3   HOP3   sing N N 2   
A   P     OP1    doub N N 3   
A   P     OP2    sing N N 4   
A   P     "O5'"  sing N N 5   
A   OP2   HOP2   sing N N 6   
A   "O5'" "C5'"  sing N N 7   
A   "C5'" "C4'"  sing N N 8   
A   "C5'" "H5'"  sing N N 9   
A   "C5'" "H5''" sing N N 10  
A   "C4'" "O4'"  sing N N 11  
A   "C4'" "C3'"  sing N N 12  
A   "C4'" "H4'"  sing N N 13  
A   "O4'" "C1'"  sing N N 14  
A   "C3'" "O3'"  sing N N 15  
A   "C3'" "C2'"  sing N N 16  
A   "C3'" "H3'"  sing N N 17  
A   "O3'" "HO3'" sing N N 18  
A   "C2'" "O2'"  sing N N 19  
A   "C2'" "C1'"  sing N N 20  
A   "C2'" "H2'"  sing N N 21  
A   "O2'" "HO2'" sing N N 22  
A   "C1'" N9     sing N N 23  
A   "C1'" "H1'"  sing N N 24  
A   N9    C8     sing Y N 25  
A   N9    C4     sing Y N 26  
A   C8    N7     doub Y N 27  
A   C8    H8     sing N N 28  
A   N7    C5     sing Y N 29  
A   C5    C6     sing Y N 30  
A   C5    C4     doub Y N 31  
A   C6    N6     sing N N 32  
A   C6    N1     doub Y N 33  
A   N6    H61    sing N N 34  
A   N6    H62    sing N N 35  
A   N1    C2     sing Y N 36  
A   C2    N3     doub Y N 37  
A   C2    H2     sing N N 38  
A   N3    C4     sing Y N 39  
C   OP3   P      sing N N 40  
C   OP3   HOP3   sing N N 41  
C   P     OP1    doub N N 42  
C   P     OP2    sing N N 43  
C   P     "O5'"  sing N N 44  
C   OP2   HOP2   sing N N 45  
C   "O5'" "C5'"  sing N N 46  
C   "C5'" "C4'"  sing N N 47  
C   "C5'" "H5'"  sing N N 48  
C   "C5'" "H5''" sing N N 49  
C   "C4'" "O4'"  sing N N 50  
C   "C4'" "C3'"  sing N N 51  
C   "C4'" "H4'"  sing N N 52  
C   "O4'" "C1'"  sing N N 53  
C   "C3'" "O3'"  sing N N 54  
C   "C3'" "C2'"  sing N N 55  
C   "C3'" "H3'"  sing N N 56  
C   "O3'" "HO3'" sing N N 57  
C   "C2'" "O2'"  sing N N 58  
C   "C2'" "C1'"  sing N N 59  
C   "C2'" "H2'"  sing N N 60  
C   "O2'" "HO2'" sing N N 61  
C   "C1'" N1     sing N N 62  
C   "C1'" "H1'"  sing N N 63  
C   N1    C2     sing N N 64  
C   N1    C6     sing N N 65  
C   C2    O2     doub N N 66  
C   C2    N3     sing N N 67  
C   N3    C4     doub N N 68  
C   C4    N4     sing N N 69  
C   C4    C5     sing N N 70  
C   N4    H41    sing N N 71  
C   N4    H42    sing N N 72  
C   C5    C6     doub N N 73  
C   C5    H5     sing N N 74  
C   C6    H6     sing N N 75  
CCC PC    O1C    doub N N 76  
CCC PC    O2C    sing N N 77  
CCC PC    "O3'"  sing N N 78  
CCC PC    "O2'"  sing N N 79  
CCC O2C   HOC2   sing N N 80  
CCC P     OP1    doub N N 81  
CCC P     OP2    sing N N 82  
CCC P     OP3    sing N N 83  
CCC P     "O5'"  sing N N 84  
CCC OP2   HOP2   sing N N 85  
CCC OP3   HOP3   sing N N 86  
CCC "O5'" "C5'"  sing N N 87  
CCC "C5'" "C4'"  sing N N 88  
CCC "C5'" "H5'"  sing N N 89  
CCC "C5'" "H5''" sing N N 90  
CCC "C4'" "O4'"  sing N N 91  
CCC "C4'" "C3'"  sing N N 92  
CCC "C4'" "H4'"  sing N N 93  
CCC "O4'" "C1'"  sing N N 94  
CCC "C3'" "O3'"  sing N N 95  
CCC "C3'" "C2'"  sing N N 96  
CCC "C3'" "H3'"  sing N N 97  
CCC "C2'" "O2'"  sing N N 98  
CCC "C2'" "C1'"  sing N N 99  
CCC "C2'" "H2'"  sing N N 100 
CCC "C1'" N1     sing N N 101 
CCC "C1'" "H1'"  sing N N 102 
CCC N1    C2     sing N N 103 
CCC N1    C6     sing N N 104 
CCC C2    O2     doub N N 105 
CCC C2    N3     sing N N 106 
CCC N3    C4     doub N N 107 
CCC C4    N4     sing N N 108 
CCC C4    C5     sing N N 109 
CCC N4    H41    sing N N 110 
CCC N4    H42    sing N N 111 
CCC C5    C6     doub N N 112 
CCC C5    H5     sing N N 113 
CCC C6    H6     sing N N 114 
G   OP3   P      sing N N 115 
G   OP3   HOP3   sing N N 116 
G   P     OP1    doub N N 117 
G   P     OP2    sing N N 118 
G   P     "O5'"  sing N N 119 
G   OP2   HOP2   sing N N 120 
G   "O5'" "C5'"  sing N N 121 
G   "C5'" "C4'"  sing N N 122 
G   "C5'" "H5'"  sing N N 123 
G   "C5'" "H5''" sing N N 124 
G   "C4'" "O4'"  sing N N 125 
G   "C4'" "C3'"  sing N N 126 
G   "C4'" "H4'"  sing N N 127 
G   "O4'" "C1'"  sing N N 128 
G   "C3'" "O3'"  sing N N 129 
G   "C3'" "C2'"  sing N N 130 
G   "C3'" "H3'"  sing N N 131 
G   "O3'" "HO3'" sing N N 132 
G   "C2'" "O2'"  sing N N 133 
G   "C2'" "C1'"  sing N N 134 
G   "C2'" "H2'"  sing N N 135 
G   "O2'" "HO2'" sing N N 136 
G   "C1'" N9     sing N N 137 
G   "C1'" "H1'"  sing N N 138 
G   N9    C8     sing Y N 139 
G   N9    C4     sing Y N 140 
G   C8    N7     doub Y N 141 
G   C8    H8     sing N N 142 
G   N7    C5     sing Y N 143 
G   C5    C6     sing N N 144 
G   C5    C4     doub Y N 145 
G   C6    O6     doub N N 146 
G   C6    N1     sing N N 147 
G   N1    C2     sing N N 148 
G   N1    H1     sing N N 149 
G   C2    N2     sing N N 150 
G   C2    N3     doub N N 151 
G   N2    H21    sing N N 152 
G   N2    H22    sing N N 153 
G   N3    C4     sing N N 154 
GDP PB    O1B    doub N N 155 
GDP PB    O2B    sing N N 156 
GDP PB    O3B    sing N N 157 
GDP PB    O3A    sing N N 158 
GDP O2B   HOB2   sing N N 159 
GDP O3B   HOB3   sing N N 160 
GDP O3A   PA     sing N N 161 
GDP PA    O1A    doub N N 162 
GDP PA    O2A    sing N N 163 
GDP PA    "O5'"  sing N N 164 
GDP O2A   HOA2   sing N N 165 
GDP "O5'" "C5'"  sing N N 166 
GDP "C5'" "C4'"  sing N N 167 
GDP "C5'" "H5'"  sing N N 168 
GDP "C5'" "H5''" sing N N 169 
GDP "C4'" "O4'"  sing N N 170 
GDP "C4'" "C3'"  sing N N 171 
GDP "C4'" "H4'"  sing N N 172 
GDP "O4'" "C1'"  sing N N 173 
GDP "C3'" "O3'"  sing N N 174 
GDP "C3'" "C2'"  sing N N 175 
GDP "C3'" "H3'"  sing N N 176 
GDP "O3'" "HO3'" sing N N 177 
GDP "C2'" "O2'"  sing N N 178 
GDP "C2'" "C1'"  sing N N 179 
GDP "C2'" "H2'"  sing N N 180 
GDP "O2'" "HO2'" sing N N 181 
GDP "C1'" N9     sing N N 182 
GDP "C1'" "H1'"  sing N N 183 
GDP N9    C8     sing Y N 184 
GDP N9    C4     sing Y N 185 
GDP C8    N7     doub Y N 186 
GDP C8    H8     sing N N 187 
GDP N7    C5     sing Y N 188 
GDP C5    C6     sing N N 189 
GDP C5    C4     doub Y N 190 
GDP C6    O6     doub N N 191 
GDP C6    N1     sing N N 192 
GDP N1    C2     sing N N 193 
GDP N1    HN1    sing N N 194 
GDP C2    N2     sing N N 195 
GDP C2    N3     doub N N 196 
GDP N2    HN21   sing N N 197 
GDP N2    HN22   sing N N 198 
GDP N3    C4     sing N N 199 
GUN N9    C8     sing Y N 200 
GUN N9    C4     sing Y N 201 
GUN N9    HN9    sing N N 202 
GUN C8    N7     doub Y N 203 
GUN C8    H8     sing N N 204 
GUN N7    C5     sing Y N 205 
GUN C5    C6     sing N N 206 
GUN C5    C4     doub Y N 207 
GUN C6    O6     doub N N 208 
GUN C6    N1     sing N N 209 
GUN N1    C2     sing N N 210 
GUN N1    HN1    sing N N 211 
GUN C2    N2     sing N N 212 
GUN C2    N3     doub N N 213 
GUN N2    HN21   sing N N 214 
GUN N2    HN22   sing N N 215 
GUN N3    C4     sing N N 216 
HOH O     H1     sing N N 217 
HOH O     H2     sing N N 218 
U   OP3   P      sing N N 219 
U   OP3   HOP3   sing N N 220 
U   P     OP1    doub N N 221 
U   P     OP2    sing N N 222 
U   P     "O5'"  sing N N 223 
U   OP2   HOP2   sing N N 224 
U   "O5'" "C5'"  sing N N 225 
U   "C5'" "C4'"  sing N N 226 
U   "C5'" "H5'"  sing N N 227 
U   "C5'" "H5''" sing N N 228 
U   "C4'" "O4'"  sing N N 229 
U   "C4'" "C3'"  sing N N 230 
U   "C4'" "H4'"  sing N N 231 
U   "O4'" "C1'"  sing N N 232 
U   "C3'" "O3'"  sing N N 233 
U   "C3'" "C2'"  sing N N 234 
U   "C3'" "H3'"  sing N N 235 
U   "O3'" "HO3'" sing N N 236 
U   "C2'" "O2'"  sing N N 237 
U   "C2'" "C1'"  sing N N 238 
U   "C2'" "H2'"  sing N N 239 
U   "O2'" "HO2'" sing N N 240 
U   "C1'" N1     sing N N 241 
U   "C1'" "H1'"  sing N N 242 
U   N1    C2     sing N N 243 
U   N1    C6     sing N N 244 
U   C2    O2     doub N N 245 
U   C2    N3     sing N N 246 
U   N3    C4     sing N N 247 
U   N3    H3     sing N N 248 
U   C4    O4     doub N N 249 
U   C4    C5     sing N N 250 
U   C5    C6     doub N N 251 
U   C5    H5     sing N N 252 
U   C6    H6     sing N N 253 
# 
loop_
_ndb_struct_conf_na.entry_id 
_ndb_struct_conf_na.feature 
1Y27 'double helix'         
1Y27 'a-form double helix'  
1Y27 'mismatched base pair' 
1Y27 'internal loop'        
1Y27 'triple helix'         
1Y27 'three-way junction'   
# 
loop_
_ndb_struct_na_base_pair.model_number 
_ndb_struct_na_base_pair.i_label_asym_id 
_ndb_struct_na_base_pair.i_label_comp_id 
_ndb_struct_na_base_pair.i_label_seq_id 
_ndb_struct_na_base_pair.i_symmetry 
_ndb_struct_na_base_pair.j_label_asym_id 
_ndb_struct_na_base_pair.j_label_comp_id 
_ndb_struct_na_base_pair.j_label_seq_id 
_ndb_struct_na_base_pair.j_symmetry 
_ndb_struct_na_base_pair.shear 
_ndb_struct_na_base_pair.stretch 
_ndb_struct_na_base_pair.stagger 
_ndb_struct_na_base_pair.buckle 
_ndb_struct_na_base_pair.propeller 
_ndb_struct_na_base_pair.opening 
_ndb_struct_na_base_pair.pair_number 
_ndb_struct_na_base_pair.pair_name 
_ndb_struct_na_base_pair.i_auth_asym_id 
_ndb_struct_na_base_pair.i_auth_seq_id 
_ndb_struct_na_base_pair.i_PDB_ins_code 
_ndb_struct_na_base_pair.j_auth_asym_id 
_ndb_struct_na_base_pair.j_auth_seq_id 
_ndb_struct_na_base_pair.j_PDB_ins_code 
_ndb_struct_na_base_pair.hbond_type_28 
_ndb_struct_na_base_pair.hbond_type_12 
1 A G 2  1_555 A CCC 68 1_555 0.003  -0.169 -0.224 -8.570  -4.195  0.322    1  X_G15:CCC81_X X 15 ? X 81 ? 19 1 
1 A A 3  1_555 A U   67 1_555 -0.061 -0.051 -0.026 2.817   -19.190 3.640    2  X_A16:U80_X   X 16 ? X 80 ? 20 1 
1 A U 4  1_555 A G   66 1_555 2.370  -0.432 0.122  2.379   -14.077 1.754    3  X_U17:G79_X   X 17 ? X 79 ? 28 1 
1 A C 5  1_555 A G   65 1_555 0.123  -0.224 0.047  -2.067  -10.695 -1.580   4  X_C18:G78_X   X 18 ? X 78 ? 19 1 
1 A A 6  1_555 A U   64 1_555 0.167  -0.191 -0.641 -15.944 -21.872 -1.776   5  X_A19:U77_X   X 19 ? X 77 ? 20 1 
1 A U 7  1_555 A A   63 1_555 0.142  -0.254 0.083  -3.835  -19.242 1.722    6  X_U20:A76_X   X 20 ? X 76 ? 20 1 
1 A A 8  1_555 A U   62 1_555 -0.020 -0.153 0.168  -2.337  -14.950 1.788    7  X_A21:U75_X   X 21 ? X 75 ? 20 1 
1 A U 34 1_555 A U   38 1_555 3.627  -0.802 0.787  33.528  41.471  -70.176  8  X_U47:U51_X   X 47 ? X 51 ? ?  ? 
1 A U 9  1_555 A A   39 1_555 -0.131 -0.115 -0.372 19.523  -2.366  3.276    9  X_U22:A52_X   X 22 ? X 52 ? 20 1 
1 A G 33 1_555 A C   40 1_555 0.108  -0.101 -0.311 -16.506 1.018   -2.330   10 X_G46:C53_X   X 46 ? X 53 ? 19 1 
1 A A 32 1_555 A U   12 1_555 0.478  -0.010 0.198  -7.958  -9.846  4.196    11 X_A45:U25_X   X 45 ? X 25 ? 20 1 
1 A A 31 1_555 A C   13 1_555 -1.857 -0.345 0.035  -3.270  -14.444 7.405    12 X_A44:C26_X   X 44 ? X 26 ? ?  1 
1 A C 30 1_555 A G   14 1_555 -0.198 0.316  0.120  5.924   -16.341 11.536   13 X_C43:G27_X   X 43 ? X 27 ? 19 1 
1 A G 29 1_555 A C   15 1_555 -0.295 -0.235 0.217  -0.903  -15.883 -1.677   14 X_G42:C28_X   X 42 ? X 28 ? 19 1 
1 A C 28 1_555 A G   16 1_555 -0.967 -0.164 0.079  9.247   -13.156 -1.552   15 X_C41:G29_X   X 41 ? X 29 ? 19 1 
1 A A 27 1_555 A U   17 1_555 -0.191 0.066  0.269  0.646   -11.784 5.953    16 X_A40:U30_X   X 40 ? X 30 ? 20 1 
1 A C 26 1_555 A G   18 1_555 -0.769 -0.009 0.315  -10.731 -5.153  6.456    17 X_C39:G31_X   X 39 ? X 31 ? 19 1 
1 A A 22 1_555 A A   51 1_555 -4.704 1.017  0.559  -4.426  2.457   -108.774 18 X_A35:A64_X   X 35 ? X 64 ? 5  4 
1 A C 48 1_555 A G   24 1_555 0.450  -0.438 0.496  -2.971  -11.236 -6.327   19 X_C61:G37_X   X 61 ? X 37 ? 19 1 
1 A U 21 1_555 A A   52 1_555 4.254  -1.777 -0.888 0.569   -11.818 -102.430 20 X_U34:A65_X   X 34 ? X 65 ? 24 4 
1 A G 25 1_555 A C   47 1_555 0.411  -0.208 -0.071 8.387   -16.525 -1.091   21 X_G38:C60_X   X 38 ? X 60 ? 19 1 
1 A U 54 1_555 A A   46 1_555 -0.146 -0.003 -0.001 1.204   -5.928  5.906    22 X_U67:A59_X   X 67 ? X 59 ? 20 1 
1 A G 55 1_555 A C   45 1_555 -0.062 -0.018 0.109  -9.793  -11.946 0.195    23 X_G68:C58_X   X 68 ? X 58 ? 19 1 
1 A U 56 1_555 A G   44 1_555 2.183  -0.599 0.052  2.124   -10.803 -0.676   24 X_U69:G57_X   X 69 ? X 57 ? 28 1 
1 A C 57 1_555 A G   43 1_555 0.197  -0.167 0.110  3.955   -15.742 1.374    25 X_C70:G56_X   X 70 ? X 56 ? 19 1 
1 A C 58 1_555 A G   42 1_555 0.201  -0.278 0.335  2.283   -10.927 -2.848   26 X_C71:G55_X   X 71 ? X 55 ? 19 1 
1 A G 59 1_555 A C   41 1_555 -0.572 -0.038 0.402  13.674  -12.374 5.418    27 X_G72:C54_X   X 72 ? X 54 ? 19 1 
# 
loop_
_ndb_struct_na_base_pair_step.model_number 
_ndb_struct_na_base_pair_step.i_label_asym_id_1 
_ndb_struct_na_base_pair_step.i_label_comp_id_1 
_ndb_struct_na_base_pair_step.i_label_seq_id_1 
_ndb_struct_na_base_pair_step.i_symmetry_1 
_ndb_struct_na_base_pair_step.j_label_asym_id_1 
_ndb_struct_na_base_pair_step.j_label_comp_id_1 
_ndb_struct_na_base_pair_step.j_label_seq_id_1 
_ndb_struct_na_base_pair_step.j_symmetry_1 
_ndb_struct_na_base_pair_step.i_label_asym_id_2 
_ndb_struct_na_base_pair_step.i_label_comp_id_2 
_ndb_struct_na_base_pair_step.i_label_seq_id_2 
_ndb_struct_na_base_pair_step.i_symmetry_2 
_ndb_struct_na_base_pair_step.j_label_asym_id_2 
_ndb_struct_na_base_pair_step.j_label_comp_id_2 
_ndb_struct_na_base_pair_step.j_label_seq_id_2 
_ndb_struct_na_base_pair_step.j_symmetry_2 
_ndb_struct_na_base_pair_step.shift 
_ndb_struct_na_base_pair_step.slide 
_ndb_struct_na_base_pair_step.rise 
_ndb_struct_na_base_pair_step.tilt 
_ndb_struct_na_base_pair_step.roll 
_ndb_struct_na_base_pair_step.twist 
_ndb_struct_na_base_pair_step.x_displacement 
_ndb_struct_na_base_pair_step.y_displacement 
_ndb_struct_na_base_pair_step.helical_rise 
_ndb_struct_na_base_pair_step.inclination 
_ndb_struct_na_base_pair_step.tip 
_ndb_struct_na_base_pair_step.helical_twist 
_ndb_struct_na_base_pair_step.step_number 
_ndb_struct_na_base_pair_step.step_name 
_ndb_struct_na_base_pair_step.i_auth_asym_id_1 
_ndb_struct_na_base_pair_step.i_auth_seq_id_1 
_ndb_struct_na_base_pair_step.i_PDB_ins_code_1 
_ndb_struct_na_base_pair_step.j_auth_asym_id_1 
_ndb_struct_na_base_pair_step.j_auth_seq_id_1 
_ndb_struct_na_base_pair_step.j_PDB_ins_code_1 
_ndb_struct_na_base_pair_step.i_auth_asym_id_2 
_ndb_struct_na_base_pair_step.i_auth_seq_id_2 
_ndb_struct_na_base_pair_step.i_PDB_ins_code_2 
_ndb_struct_na_base_pair_step.j_auth_asym_id_2 
_ndb_struct_na_base_pair_step.j_auth_seq_id_2 
_ndb_struct_na_base_pair_step.j_PDB_ins_code_2 
1 A G 2  1_555 A CCC 68 1_555 A A 3  1_555 A U 67 1_555 0.158  -1.335 3.113  -2.355  8.588    31.852   -3.653 -0.637 2.655  15.279 
4.190   33.042   1  XX_G15A16:U80CCC81_XX X 15 ? X 81 ? X 16 ? X 80 ? 
1 A A 3  1_555 A U   67 1_555 A U 4  1_555 A G 66 1_555 0.048  -1.183 3.292  -0.038  7.956    40.278   -2.532 -0.072 3.015  11.420 
0.055   41.024   2  XX_A16U17:G79U80_XX   X 16 ? X 80 ? X 17 ? X 79 ? 
1 A U 4  1_555 A G   66 1_555 A C 5  1_555 A G 65 1_555 -0.422 -2.148 3.084  2.772   11.050   23.971   -7.013 1.505  1.868  24.886 
-6.243  26.505   3  XX_U17C18:G78G79_XX   X 17 ? X 79 ? X 18 ? X 78 ? 
1 A C 5  1_555 A G   65 1_555 A A 6  1_555 A U 64 1_555 -0.247 -1.582 3.588  5.071   16.437   31.519   -4.898 1.119  2.428  27.819 
-8.582  35.803   4  XX_C18A19:U77G78_XX   X 18 ? X 78 ? X 19 ? X 77 ? 
1 A A 6  1_555 A U   64 1_555 A U 7  1_555 A A 63 1_555 0.592  -1.004 2.946  -3.774  4.379    30.803   -2.577 -1.715 2.691  8.154 
7.027   31.328   5  XX_A19U20:A76U77_XX   X 19 ? X 77 ? X 20 ? X 76 ? 
1 A U 7  1_555 A A   63 1_555 A A 8  1_555 A U 62 1_555 0.481  -1.278 3.118  2.734   16.084   30.283   -4.361 -0.443 2.214  28.351 
-4.818  34.307   6  XX_U20A21:U75A76_XX   X 20 ? X 76 ? X 21 ? X 75 ? 
1 A A 8  1_555 A U   62 1_555 A U 34 1_555 A U 38 1_555 2.388  -0.933 6.560  -31.688 -162.780 26.031   2.864  -1.852 1.936  
-86.769 16.891  166.202  7  XX_A21U47:U51U75_XX   X 21 ? X 75 ? X 47 ? X 51 ? 
1 A U 34 1_555 A U   38 1_555 A U 9  1_555 A A 39 1_555 -0.052 0.974  -3.204 1.957   -22.433  -6.474   -8.226 -0.636 0.045  73.884 
6.446   -23.419  8  XX_U47U22:A52U51_XX   X 47 ? X 51 ? X 22 ? X 52 ? 
1 A U 9  1_555 A A   39 1_555 A G 33 1_555 A C 40 1_555 1.915  0.031  -2.445 -0.080  -9.553   -40.650  -0.796 2.696  -2.375 13.527 
-0.113  -41.711  9  XX_U22G46:C53A52_XX   X 22 ? X 52 ? X 46 ? X 53 ? 
1 A G 33 1_555 A C   40 1_555 A A 32 1_555 A U 12 1_555 -1.953 0.300  -3.434 -13.339 -0.911   -52.161  -0.395 -1.226 -3.787 1.017 
-14.893 -53.731  10 XX_G46A45:U25C53_XX   X 46 ? X 53 ? X 45 ? X 25 ? 
1 A A 32 1_555 A U   12 1_555 A A 31 1_555 A C 13 1_555 0.622  1.424  -3.321 2.425   -1.556   -42.893  -2.100 0.606  -3.299 2.125 
3.311   -42.985  11 XX_A45A44:C26U25_XX   X 45 ? X 25 ? X 44 ? X 26 ? 
1 A A 31 1_555 A C   13 1_555 A C 30 1_555 A G 14 1_555 -1.123 2.152  -3.253 0.145   -13.172  -23.137  -7.538 -2.474 -1.780 29.931 
0.328   -26.580  12 XX_A44C43:G27C26_XX   X 44 ? X 26 ? X 43 ? X 27 ? 
1 A C 30 1_555 A G   14 1_555 A G 29 1_555 A C 15 1_555 -0.782 1.903  -3.071 -2.218  -2.427   -29.777  -4.145 -1.089 -2.959 4.706 
-4.299  -29.954  13 XX_C43G42:C28G27_XX   X 43 ? X 27 ? X 42 ? X 28 ? 
1 A G 29 1_555 A C   15 1_555 A C 28 1_555 A G 16 1_555 -0.302 1.683  -3.340 1.018   -10.330  -36.151  -3.896 -0.596 -2.763 16.240 
1.600   -37.564  14 XX_G42C41:G29C28_XX   X 42 ? X 28 ? X 41 ? X 29 ? 
1 A C 28 1_555 A G   16 1_555 A A 27 1_555 A U 17 1_555 -0.015 1.857  -3.083 -0.777  -6.762   -22.376  -6.567 0.191  -2.423 16.929 
-1.945  -23.376  15 XX_C41A40:U30G29_XX   X 41 ? X 29 ? X 40 ? X 30 ? 
1 A A 27 1_555 A U   17 1_555 A C 26 1_555 A G 18 1_555 0.201  1.194  -2.911 -2.108  -6.075   -32.256  -2.999 0.663  -2.630 10.801 
-3.748  -32.874  16 XX_A40C39:G31U30_XX   X 40 ? X 30 ? X 39 ? X 31 ? 
1 A A 22 1_555 A A   51 1_555 A C 48 1_555 A G 24 1_555 4.270  0.339  -3.501 -0.785  -6.376   138.424  0.142  -2.278 -3.519 -3.409 
0.420   138.492  17 XX_A35C61:G37A64_XX   X 35 ? X 64 ? X 61 ? X 37 ? 
1 A C 48 1_555 A G   24 1_555 A U 21 1_555 A A 52 1_555 -5.640 -4.587 0.748  -2.890  -24.143  -116.950 2.699  -3.285 0.072  14.083 
-1.686  -118.520 18 XX_C61U34:A65G37_XX   X 61 ? X 37 ? X 34 ? X 65 ? 
1 A G 25 1_555 A C   47 1_555 A U 54 1_555 A A 46 1_555 -1.719 -0.492 3.178  -9.975  3.670    50.568   -0.819 1.286  3.396  4.242 
11.531  51.601   19 XX_G38U67:A59C60_XX   X 38 ? X 60 ? X 67 ? X 59 ? 
1 A U 54 1_555 A A   46 1_555 A G 55 1_555 A C 45 1_555 -0.938 -1.795 3.470  -1.708  3.235    33.794   -3.609 1.319  3.331  5.545 
2.928   33.985   20 XX_U67G68:C58A59_XX   X 67 ? X 59 ? X 68 ? X 58 ? 
1 A G 55 1_555 A C   45 1_555 A U 56 1_555 A G 44 1_555 -0.199 -1.343 3.073  1.154   -1.959   38.935   -1.787 0.430  3.128  -2.936 
-1.729  38.999   21 XX_G68U69:G57C58_XX   X 68 ? X 58 ? X 69 ? X 57 ? 
1 A U 56 1_555 A G   44 1_555 A C 57 1_555 A G 43 1_555 0.146  -1.714 2.989  3.683   6.730    27.600   -4.770 0.419  2.507  13.773 
-7.536  28.626   22 XX_U69C70:G56G57_XX   X 69 ? X 57 ? X 70 ? X 56 ? 
1 A C 57 1_555 A G   43 1_555 A C 58 1_555 A G 42 1_555 -0.640 -1.516 3.313  -3.508  6.144    31.847   -3.749 0.542  3.027  11.027 
6.297   32.603   23 XX_C70C71:G55G56_XX   X 70 ? X 56 ? X 71 ? X 55 ? 
1 A C 58 1_555 A G   42 1_555 A G 59 1_555 A C 41 1_555 0.653  -1.297 2.754  0.370   8.871    28.918   -3.902 -1.194 2.273  17.258 
-0.721  30.223   24 XX_C71G72:C54G55_XX   X 71 ? X 55 ? X 72 ? X 54 ? 
# 
loop_
_pdbx_entity_nonpoly.entity_id 
_pdbx_entity_nonpoly.name 
_pdbx_entity_nonpoly.comp_id 
2 GUANINE GUN 
3 water   HOH 
# 
_pdbx_initial_refinement_model.id               1 
_pdbx_initial_refinement_model.entity_id_list   ? 
_pdbx_initial_refinement_model.type             'experimental model' 
_pdbx_initial_refinement_model.source_name      PDB 
_pdbx_initial_refinement_model.accession_code   1Y26 
_pdbx_initial_refinement_model.details          'PDB ENTRY 1Y26' 
# 
